data_2MO1
#
_entry.id   2MO1
#
_entity_poly.entity_id   1
_entity_poly.type   'polypeptide(L)'
_entity_poly.pdbx_seq_one_letter_code
;MKKGTVKWFNAEKGYGFIQQEEGPDVFVHFTAIEADGFRTLNEGEHVEFEVEPGRGGKGPQAKKVRRI
;
_entity_poly.pdbx_strand_id   A
#
# COMPACT_ATOMS: atom_id res chain seq x y z
N MET A 1 8.83 -1.73 -7.60
CA MET A 1 8.34 -2.57 -6.52
C MET A 1 9.15 -2.34 -5.24
N LYS A 2 8.51 -1.73 -4.25
CA LYS A 2 9.15 -1.45 -2.98
C LYS A 2 8.46 -2.18 -1.84
N LYS A 3 9.24 -2.55 -0.82
CA LYS A 3 8.70 -3.26 0.34
C LYS A 3 8.93 -2.46 1.61
N GLY A 4 7.88 -2.35 2.43
CA GLY A 4 8.00 -1.61 3.68
C GLY A 4 6.84 -1.89 4.62
N THR A 5 6.96 -1.40 5.85
CA THR A 5 5.92 -1.59 6.86
C THR A 5 4.74 -0.66 6.60
N VAL A 6 3.57 -1.05 7.11
CA VAL A 6 2.36 -0.24 6.96
C VAL A 6 2.07 0.57 8.22
N LYS A 7 1.82 1.85 8.04
CA LYS A 7 1.52 2.74 9.16
C LYS A 7 0.06 2.61 9.58
N TRP A 8 -0.82 2.39 8.61
CA TRP A 8 -2.24 2.24 8.88
C TRP A 8 -2.99 1.79 7.63
N PHE A 9 -3.99 0.92 7.83
CA PHE A 9 -4.78 0.42 6.72
C PHE A 9 -6.26 0.37 7.08
N ASN A 10 -7.04 1.28 6.51
CA ASN A 10 -8.47 1.35 6.78
C ASN A 10 -9.22 0.35 5.91
N ALA A 11 -9.62 -0.77 6.49
CA ALA A 11 -10.35 -1.81 5.77
C ALA A 11 -11.81 -1.41 5.60
N GLU A 12 -12.30 -0.54 6.48
CA GLU A 12 -13.69 -0.09 6.42
C GLU A 12 -13.90 0.85 5.24
N LYS A 13 -12.83 1.52 4.82
CA LYS A 13 -12.90 2.45 3.70
C LYS A 13 -12.27 1.84 2.45
N GLY A 14 -11.15 1.16 2.63
CA GLY A 14 -10.47 0.54 1.51
C GLY A 14 -9.25 1.33 1.07
N TYR A 15 -8.47 1.80 2.03
CA TYR A 15 -7.27 2.57 1.74
C TYR A 15 -6.20 2.35 2.81
N GLY A 16 -4.98 2.79 2.51
CA GLY A 16 -3.89 2.63 3.45
C GLY A 16 -2.63 3.33 3.00
N PHE A 17 -1.61 3.33 3.85
CA PHE A 17 -0.34 3.98 3.54
C PHE A 17 0.84 3.10 3.95
N ILE A 18 1.82 2.99 3.06
CA ILE A 18 2.99 2.17 3.33
C ILE A 18 4.27 3.01 3.28
N GLN A 19 5.26 2.65 4.10
CA GLN A 19 6.51 3.37 4.14
C GLN A 19 7.69 2.43 3.88
N GLN A 20 8.49 2.77 2.88
CA GLN A 20 9.65 1.96 2.52
C GLN A 20 10.93 2.55 3.09
N GLU A 21 12.07 1.99 2.70
CA GLU A 21 13.37 2.48 3.17
C GLU A 21 13.59 3.93 2.78
N GLU A 22 12.91 4.36 1.72
CA GLU A 22 13.03 5.73 1.23
C GLU A 22 12.81 6.73 2.37
N GLY A 23 11.56 6.89 2.76
CA GLY A 23 11.23 7.81 3.83
C GLY A 23 9.75 8.10 3.93
N PRO A 24 9.21 8.77 2.91
CA PRO A 24 7.78 9.13 2.85
C PRO A 24 6.89 7.91 2.65
N ASP A 25 5.59 8.09 2.86
CA ASP A 25 4.63 7.00 2.71
C ASP A 25 4.17 6.88 1.26
N VAL A 26 3.23 5.98 1.01
CA VAL A 26 2.70 5.77 -0.33
C VAL A 26 1.18 5.64 -0.31
N PHE A 27 0.55 6.02 -1.42
CA PHE A 27 -0.91 5.95 -1.53
C PHE A 27 -1.35 4.56 -1.98
N VAL A 28 -2.08 3.86 -1.11
CA VAL A 28 -2.57 2.52 -1.42
C VAL A 28 -4.08 2.44 -1.25
N HIS A 29 -4.72 1.64 -2.09
CA HIS A 29 -6.17 1.46 -2.03
C HIS A 29 -6.56 0.04 -2.40
N PHE A 30 -7.78 -0.34 -2.05
CA PHE A 30 -8.28 -1.69 -2.35
C PHE A 30 -8.25 -1.95 -3.85
N THR A 31 -8.20 -0.88 -4.64
CA THR A 31 -8.17 -0.99 -6.08
C THR A 31 -6.75 -1.17 -6.60
N ALA A 32 -5.80 -1.33 -5.67
CA ALA A 32 -4.40 -1.51 -6.03
C ALA A 32 -3.84 -2.77 -5.38
N ILE A 33 -4.32 -3.09 -4.19
CA ILE A 33 -3.86 -4.28 -3.47
C ILE A 33 -3.92 -5.51 -4.35
N GLU A 34 -2.81 -6.25 -4.39
CA GLU A 34 -2.74 -7.47 -5.19
C GLU A 34 -2.71 -8.70 -4.30
N ALA A 35 -3.89 -9.23 -4.00
CA ALA A 35 -4.00 -10.42 -3.16
C ALA A 35 -5.10 -11.35 -3.66
N ASP A 36 -5.18 -12.54 -3.08
CA ASP A 36 -6.19 -13.51 -3.46
C ASP A 36 -7.18 -13.75 -2.33
N GLY A 37 -8.10 -12.80 -2.14
CA GLY A 37 -9.10 -12.93 -1.10
C GLY A 37 -9.12 -11.71 -0.18
N PHE A 38 -8.85 -11.93 1.10
CA PHE A 38 -8.84 -10.85 2.07
C PHE A 38 -7.73 -9.85 1.77
N ARG A 39 -8.13 -8.64 1.38
CA ARG A 39 -7.16 -7.59 1.06
C ARG A 39 -7.01 -6.62 2.23
N THR A 40 -6.80 -7.16 3.42
CA THR A 40 -6.64 -6.34 4.62
C THR A 40 -5.27 -6.55 5.25
N LEU A 41 -4.63 -5.45 5.63
CA LEU A 41 -3.31 -5.52 6.25
C LEU A 41 -3.38 -5.16 7.73
N ASN A 42 -2.24 -5.21 8.40
CA ASN A 42 -2.17 -4.89 9.83
C ASN A 42 -1.03 -3.92 10.11
N GLU A 43 -1.32 -2.87 10.86
CA GLU A 43 -0.31 -1.87 11.21
C GLU A 43 0.91 -2.54 11.84
N GLY A 44 2.09 -2.17 11.36
CA GLY A 44 3.32 -2.74 11.89
C GLY A 44 3.82 -3.89 11.05
N GLU A 45 2.97 -4.41 10.17
CA GLU A 45 3.34 -5.52 9.31
C GLU A 45 4.02 -5.03 8.04
N HIS A 46 4.76 -5.92 7.38
CA HIS A 46 5.46 -5.59 6.15
C HIS A 46 4.61 -5.90 4.93
N VAL A 47 4.66 -5.02 3.93
CA VAL A 47 3.88 -5.20 2.70
C VAL A 47 4.53 -4.48 1.53
N GLU A 48 4.48 -5.11 0.36
CA GLU A 48 5.07 -4.53 -0.84
C GLU A 48 4.09 -3.56 -1.51
N PHE A 49 4.61 -2.74 -2.41
CA PHE A 49 3.78 -1.77 -3.11
C PHE A 49 4.54 -1.16 -4.30
N GLU A 50 3.92 -1.17 -5.47
CA GLU A 50 4.53 -0.63 -6.67
C GLU A 50 4.05 0.80 -6.94
N VAL A 51 4.87 1.77 -6.57
CA VAL A 51 4.52 3.18 -6.78
C VAL A 51 4.39 3.51 -8.26
N GLU A 52 3.27 4.09 -8.64
CA GLU A 52 3.02 4.47 -10.03
C GLU A 52 2.82 5.97 -10.16
N PRO A 53 3.00 6.48 -11.39
CA PRO A 53 2.84 7.90 -11.68
C PRO A 53 1.38 8.36 -11.60
N GLY A 54 0.68 8.27 -12.72
CA GLY A 54 -0.71 8.67 -12.76
C GLY A 54 -1.64 7.61 -12.22
N ARG A 55 -1.46 7.26 -10.95
CA ARG A 55 -2.28 6.24 -10.31
C ARG A 55 -2.82 6.74 -8.97
N GLY A 56 -1.98 7.42 -8.21
CA GLY A 56 -2.38 7.94 -6.92
C GLY A 56 -2.50 9.45 -6.91
N GLY A 57 -3.39 9.97 -6.08
CA GLY A 57 -3.59 11.41 -5.99
C GLY A 57 -2.28 12.16 -5.85
N LYS A 58 -1.54 11.84 -4.79
CA LYS A 58 -0.25 12.49 -4.53
C LYS A 58 0.77 12.11 -5.59
N GLY A 59 0.45 11.10 -6.39
CA GLY A 59 1.36 10.64 -7.44
C GLY A 59 1.71 9.18 -7.30
N PRO A 60 2.66 8.87 -6.40
CA PRO A 60 3.10 7.50 -6.16
C PRO A 60 2.05 6.65 -5.47
N GLN A 61 1.50 5.68 -6.19
CA GLN A 61 0.47 4.80 -5.65
C GLN A 61 0.97 3.36 -5.58
N ALA A 62 0.29 2.54 -4.79
CA ALA A 62 0.66 1.14 -4.63
C ALA A 62 0.01 0.28 -5.71
N LYS A 63 0.28 0.60 -6.97
CA LYS A 63 -0.28 -0.15 -8.10
C LYS A 63 -0.21 -1.65 -7.84
N LYS A 64 0.90 -2.10 -7.26
CA LYS A 64 1.10 -3.50 -6.95
C LYS A 64 1.50 -3.71 -5.50
N VAL A 65 0.51 -3.98 -4.65
CA VAL A 65 0.76 -4.19 -3.23
C VAL A 65 0.77 -5.67 -2.89
N ARG A 66 1.65 -6.07 -1.98
CA ARG A 66 1.76 -7.46 -1.57
C ARG A 66 1.81 -7.57 -0.04
N ARG A 67 1.34 -8.70 0.48
CA ARG A 67 1.32 -8.93 1.91
C ARG A 67 2.61 -9.61 2.37
N ILE A 68 3.20 -9.09 3.44
CA ILE A 68 4.44 -9.64 3.98
C ILE A 68 4.43 -9.64 5.51
N MET A 1 8.04 -0.41 -7.32
CA MET A 1 8.26 -1.71 -6.69
C MET A 1 9.11 -1.57 -5.43
N LYS A 2 8.47 -1.23 -4.33
CA LYS A 2 9.16 -1.05 -3.05
C LYS A 2 8.46 -1.83 -1.94
N LYS A 3 9.25 -2.36 -1.01
CA LYS A 3 8.70 -3.12 0.11
C LYS A 3 8.95 -2.39 1.43
N GLY A 4 7.93 -2.37 2.29
CA GLY A 4 8.06 -1.70 3.57
C GLY A 4 6.90 -2.01 4.50
N THR A 5 7.01 -1.58 5.75
CA THR A 5 5.96 -1.81 6.73
C THR A 5 4.78 -0.86 6.51
N VAL A 6 3.61 -1.26 7.00
CA VAL A 6 2.41 -0.46 6.86
C VAL A 6 2.16 0.38 8.11
N LYS A 7 1.90 1.66 7.93
CA LYS A 7 1.64 2.57 9.03
C LYS A 7 0.20 2.44 9.51
N TRP A 8 -0.71 2.21 8.58
CA TRP A 8 -2.13 2.05 8.90
C TRP A 8 -2.93 1.66 7.67
N PHE A 9 -3.92 0.79 7.88
CA PHE A 9 -4.77 0.33 6.78
C PHE A 9 -6.23 0.30 7.21
N ASN A 10 -7.06 1.07 6.53
CA ASN A 10 -8.48 1.14 6.83
C ASN A 10 -9.29 0.27 5.87
N ALA A 11 -9.82 -0.83 6.37
CA ALA A 11 -10.61 -1.75 5.56
C ALA A 11 -12.03 -1.22 5.35
N GLU A 12 -12.48 -0.38 6.28
CA GLU A 12 -13.82 0.20 6.18
C GLU A 12 -13.95 1.07 4.94
N LYS A 13 -12.92 1.86 4.67
CA LYS A 13 -12.91 2.76 3.51
C LYS A 13 -12.27 2.08 2.31
N GLY A 14 -11.19 1.33 2.56
CA GLY A 14 -10.50 0.64 1.48
C GLY A 14 -9.26 1.38 1.03
N TYR A 15 -8.50 1.91 1.99
CA TYR A 15 -7.28 2.64 1.69
C TYR A 15 -6.24 2.45 2.80
N GLY A 16 -5.02 2.90 2.54
CA GLY A 16 -3.96 2.77 3.53
C GLY A 16 -2.67 3.42 3.06
N PHE A 17 -1.66 3.37 3.93
CA PHE A 17 -0.36 3.96 3.60
C PHE A 17 0.78 3.03 4.02
N ILE A 18 1.81 2.96 3.19
CA ILE A 18 2.95 2.10 3.46
C ILE A 18 4.24 2.92 3.56
N GLN A 19 5.15 2.49 4.42
CA GLN A 19 6.42 3.18 4.60
C GLN A 19 7.59 2.32 4.12
N GLN A 20 8.28 2.79 3.10
CA GLN A 20 9.42 2.07 2.54
C GLN A 20 10.74 2.62 3.09
N GLU A 21 11.85 2.11 2.55
CA GLU A 21 13.17 2.55 2.99
C GLU A 21 13.43 3.99 2.57
N GLU A 22 12.73 4.43 1.53
CA GLU A 22 12.89 5.79 1.03
C GLU A 22 12.71 6.81 2.16
N GLY A 23 11.48 6.95 2.64
CA GLY A 23 11.20 7.89 3.71
C GLY A 23 9.72 8.18 3.85
N PRO A 24 9.15 8.86 2.86
CA PRO A 24 7.72 9.22 2.87
C PRO A 24 6.82 8.01 2.68
N ASP A 25 5.54 8.18 2.95
CA ASP A 25 4.56 7.10 2.81
C ASP A 25 4.14 6.94 1.36
N VAL A 26 3.19 6.05 1.12
CA VAL A 26 2.70 5.79 -0.22
C VAL A 26 1.18 5.64 -0.24
N PHE A 27 0.56 5.99 -1.36
CA PHE A 27 -0.88 5.90 -1.50
C PHE A 27 -1.30 4.49 -1.91
N VAL A 28 -2.04 3.81 -1.03
CA VAL A 28 -2.50 2.45 -1.30
C VAL A 28 -4.01 2.35 -1.17
N HIS A 29 -4.62 1.53 -2.02
CA HIS A 29 -6.06 1.34 -2.00
C HIS A 29 -6.43 -0.10 -2.32
N PHE A 30 -7.64 -0.50 -1.94
CA PHE A 30 -8.11 -1.86 -2.19
C PHE A 30 -8.09 -2.19 -3.68
N THR A 31 -8.07 -1.14 -4.51
CA THR A 31 -8.05 -1.30 -5.95
C THR A 31 -6.63 -1.41 -6.47
N ALA A 32 -5.67 -1.48 -5.56
CA ALA A 32 -4.26 -1.58 -5.93
C ALA A 32 -3.56 -2.67 -5.12
N ILE A 33 -4.33 -3.39 -4.32
CA ILE A 33 -3.78 -4.47 -3.50
C ILE A 33 -3.83 -5.79 -4.24
N GLU A 34 -2.69 -6.45 -4.34
CA GLU A 34 -2.59 -7.74 -5.02
C GLU A 34 -2.34 -8.87 -4.02
N ALA A 35 -3.41 -9.40 -3.45
CA ALA A 35 -3.31 -10.49 -2.49
C ALA A 35 -4.24 -11.64 -2.84
N ASP A 36 -4.14 -12.72 -2.08
CA ASP A 36 -4.98 -13.89 -2.32
C ASP A 36 -6.06 -14.02 -1.25
N GLY A 37 -7.19 -13.34 -1.47
CA GLY A 37 -8.28 -13.39 -0.52
C GLY A 37 -8.74 -12.01 -0.10
N PHE A 38 -9.19 -11.90 1.14
CA PHE A 38 -9.68 -10.62 1.67
C PHE A 38 -8.52 -9.63 1.82
N ARG A 39 -8.54 -8.59 0.99
CA ARG A 39 -7.49 -7.56 1.03
C ARG A 39 -7.51 -6.82 2.36
N THR A 40 -6.59 -7.18 3.25
CA THR A 40 -6.50 -6.55 4.55
C THR A 40 -5.07 -6.60 5.10
N LEU A 41 -4.62 -5.48 5.65
CA LEU A 41 -3.27 -5.39 6.20
C LEU A 41 -3.31 -5.08 7.69
N ASN A 42 -2.19 -5.30 8.37
CA ASN A 42 -2.10 -5.04 9.80
C ASN A 42 -0.92 -4.10 10.11
N GLU A 43 -1.21 -3.04 10.84
CA GLU A 43 -0.19 -2.06 11.21
C GLU A 43 1.02 -2.77 11.84
N GLY A 44 2.20 -2.52 11.28
CA GLY A 44 3.41 -3.13 11.80
C GLY A 44 3.90 -4.27 10.93
N GLU A 45 3.05 -4.72 10.01
CA GLU A 45 3.41 -5.81 9.12
C GLU A 45 4.09 -5.28 7.86
N HIS A 46 4.84 -6.16 7.19
CA HIS A 46 5.54 -5.77 5.97
C HIS A 46 4.70 -6.08 4.73
N VAL A 47 4.73 -5.17 3.77
CA VAL A 47 3.97 -5.33 2.54
C VAL A 47 4.60 -4.55 1.39
N GLU A 48 4.56 -5.13 0.19
CA GLU A 48 5.14 -4.49 -0.99
C GLU A 48 4.10 -3.58 -1.66
N PHE A 49 4.59 -2.68 -2.51
CA PHE A 49 3.72 -1.76 -3.22
C PHE A 49 4.47 -1.09 -4.38
N GLU A 50 3.86 -1.12 -5.56
CA GLU A 50 4.45 -0.51 -6.74
C GLU A 50 4.01 0.93 -6.91
N VAL A 51 4.87 1.86 -6.52
CA VAL A 51 4.57 3.28 -6.63
C VAL A 51 4.06 3.63 -8.01
N GLU A 52 2.74 3.79 -8.12
CA GLU A 52 2.12 4.13 -9.40
C GLU A 52 2.38 5.59 -9.77
N PRO A 53 2.56 5.85 -11.08
CA PRO A 53 2.82 7.20 -11.58
C PRO A 53 1.61 8.11 -11.46
N GLY A 54 0.82 8.18 -12.53
CA GLY A 54 -0.37 9.02 -12.53
C GLY A 54 -1.60 8.28 -12.04
N ARG A 55 -1.51 7.75 -10.82
CA ARG A 55 -2.63 7.01 -10.24
C ARG A 55 -2.84 7.43 -8.78
N GLY A 56 -1.74 7.62 -8.05
CA GLY A 56 -1.83 8.01 -6.66
C GLY A 56 -2.12 9.49 -6.49
N GLY A 57 -2.97 9.82 -5.52
CA GLY A 57 -3.31 11.21 -5.27
C GLY A 57 -2.10 12.11 -5.25
N LYS A 58 -1.10 11.74 -4.46
CA LYS A 58 0.12 12.53 -4.35
C LYS A 58 1.13 12.11 -5.40
N GLY A 59 0.78 11.09 -6.18
CA GLY A 59 1.68 10.61 -7.22
C GLY A 59 1.94 9.13 -7.11
N PRO A 60 2.86 8.75 -6.20
CA PRO A 60 3.23 7.35 -5.99
C PRO A 60 2.11 6.55 -5.33
N GLN A 61 1.61 5.54 -6.04
CA GLN A 61 0.53 4.71 -5.51
C GLN A 61 1.01 3.26 -5.35
N ALA A 62 0.10 2.40 -4.92
CA ALA A 62 0.41 0.99 -4.72
C ALA A 62 -0.05 0.15 -5.90
N LYS A 63 0.34 0.56 -7.10
CA LYS A 63 -0.04 -0.15 -8.31
C LYS A 63 0.00 -1.66 -8.09
N LYS A 64 1.03 -2.12 -7.40
CA LYS A 64 1.19 -3.55 -7.11
C LYS A 64 1.59 -3.77 -5.66
N VAL A 65 0.59 -4.07 -4.82
CA VAL A 65 0.84 -4.31 -3.41
C VAL A 65 0.89 -5.80 -3.10
N ARG A 66 1.79 -6.18 -2.19
CA ARG A 66 1.94 -7.57 -1.81
C ARG A 66 1.99 -7.72 -0.30
N ARG A 67 1.59 -8.89 0.19
CA ARG A 67 1.58 -9.16 1.63
C ARG A 67 2.91 -9.80 2.07
N ILE A 68 3.48 -9.27 3.13
CA ILE A 68 4.73 -9.78 3.66
C ILE A 68 4.72 -9.84 5.18
N MET A 1 9.56 -1.47 -7.75
CA MET A 1 8.84 -2.07 -6.63
C MET A 1 9.47 -1.67 -5.31
N LYS A 2 8.62 -1.32 -4.34
CA LYS A 2 9.10 -0.92 -3.02
C LYS A 2 8.42 -1.74 -1.92
N LYS A 3 9.23 -2.26 -1.01
CA LYS A 3 8.71 -3.06 0.11
C LYS A 3 8.96 -2.37 1.44
N GLY A 4 7.95 -2.40 2.31
CA GLY A 4 8.09 -1.78 3.62
C GLY A 4 6.89 -2.04 4.51
N THR A 5 7.00 -1.64 5.77
CA THR A 5 5.92 -1.84 6.73
C THR A 5 4.76 -0.90 6.45
N VAL A 6 3.58 -1.27 6.92
CA VAL A 6 2.38 -0.47 6.72
C VAL A 6 2.10 0.42 7.94
N LYS A 7 1.90 1.71 7.69
CA LYS A 7 1.63 2.66 8.75
C LYS A 7 0.20 2.49 9.28
N TRP A 8 -0.73 2.26 8.37
CA TRP A 8 -2.14 2.07 8.75
C TRP A 8 -2.97 1.67 7.55
N PHE A 9 -4.00 0.85 7.78
CA PHE A 9 -4.87 0.39 6.72
C PHE A 9 -6.34 0.53 7.12
N ASN A 10 -6.98 1.59 6.62
CA ASN A 10 -8.38 1.84 6.92
C ASN A 10 -9.29 0.99 6.04
N ALA A 11 -9.78 -0.12 6.60
CA ALA A 11 -10.67 -1.02 5.88
C ALA A 11 -12.06 -0.42 5.74
N GLU A 12 -12.40 0.49 6.63
CA GLU A 12 -13.71 1.15 6.60
C GLU A 12 -13.91 1.91 5.30
N LYS A 13 -12.82 2.35 4.70
CA LYS A 13 -12.86 3.10 3.45
C LYS A 13 -12.20 2.32 2.32
N GLY A 14 -11.12 1.61 2.65
CA GLY A 14 -10.41 0.83 1.65
C GLY A 14 -9.14 1.51 1.17
N TYR A 15 -8.39 2.08 2.11
CA TYR A 15 -7.15 2.77 1.77
C TYR A 15 -6.11 2.59 2.88
N GLY A 16 -4.87 2.98 2.59
CA GLY A 16 -3.81 2.87 3.56
C GLY A 16 -2.50 3.49 3.09
N PHE A 17 -1.48 3.43 3.93
CA PHE A 17 -0.19 4.00 3.59
C PHE A 17 0.94 3.06 3.99
N ILE A 18 1.96 2.96 3.14
CA ILE A 18 3.10 2.09 3.42
C ILE A 18 4.39 2.89 3.49
N GLN A 19 5.29 2.47 4.38
CA GLN A 19 6.57 3.15 4.56
C GLN A 19 7.72 2.23 4.17
N GLN A 20 8.54 2.68 3.22
CA GLN A 20 9.68 1.90 2.75
C GLN A 20 10.99 2.55 3.19
N GLU A 21 12.09 2.07 2.62
CA GLU A 21 13.41 2.61 2.95
C GLU A 21 13.54 4.05 2.49
N GLU A 22 12.79 4.41 1.45
CA GLU A 22 12.82 5.77 0.91
C GLU A 22 12.68 6.80 2.03
N GLY A 23 11.47 6.93 2.56
CA GLY A 23 11.22 7.88 3.62
C GLY A 23 9.75 8.24 3.75
N PRO A 24 9.21 8.91 2.72
CA PRO A 24 7.80 9.33 2.70
C PRO A 24 6.85 8.15 2.56
N ASP A 25 5.57 8.39 2.82
CA ASP A 25 4.56 7.34 2.73
C ASP A 25 4.09 7.18 1.28
N VAL A 26 3.29 6.14 1.04
CA VAL A 26 2.78 5.87 -0.29
C VAL A 26 1.26 5.72 -0.28
N PHE A 27 0.63 6.05 -1.40
CA PHE A 27 -0.82 5.95 -1.52
C PHE A 27 -1.24 4.55 -1.92
N VAL A 28 -1.97 3.87 -1.03
CA VAL A 28 -2.44 2.52 -1.29
C VAL A 28 -3.95 2.42 -1.13
N HIS A 29 -4.58 1.59 -1.96
CA HIS A 29 -6.02 1.40 -1.91
C HIS A 29 -6.39 -0.05 -2.23
N PHE A 30 -7.59 -0.45 -1.82
CA PHE A 30 -8.06 -1.81 -2.06
C PHE A 30 -8.12 -2.11 -3.55
N THR A 31 -8.13 -1.05 -4.37
CA THR A 31 -8.18 -1.19 -5.82
C THR A 31 -6.79 -1.39 -6.40
N ALA A 32 -5.79 -1.50 -5.53
CA ALA A 32 -4.42 -1.69 -5.96
C ALA A 32 -3.81 -2.95 -5.33
N ILE A 33 -4.24 -3.24 -4.11
CA ILE A 33 -3.75 -4.42 -3.39
C ILE A 33 -3.86 -5.68 -4.26
N GLU A 34 -2.76 -6.42 -4.34
CA GLU A 34 -2.73 -7.65 -5.13
C GLU A 34 -2.64 -8.87 -4.23
N ALA A 35 -3.79 -9.37 -3.80
CA ALA A 35 -3.85 -10.54 -2.93
C ALA A 35 -4.82 -11.59 -3.47
N ASP A 36 -4.83 -12.76 -2.85
CA ASP A 36 -5.71 -13.84 -3.27
C ASP A 36 -6.92 -13.95 -2.35
N GLY A 37 -7.86 -13.03 -2.50
CA GLY A 37 -9.05 -13.04 -1.66
C GLY A 37 -9.24 -11.74 -0.90
N PHE A 38 -10.48 -11.29 -0.82
CA PHE A 38 -10.80 -10.05 -0.11
C PHE A 38 -10.25 -10.07 1.30
N ARG A 39 -9.22 -9.25 1.55
CA ARG A 39 -8.60 -9.19 2.87
C ARG A 39 -7.98 -7.82 3.11
N THR A 40 -7.40 -7.63 4.28
CA THR A 40 -6.77 -6.37 4.63
C THR A 40 -5.38 -6.59 5.23
N LEU A 41 -4.73 -5.49 5.62
CA LEU A 41 -3.39 -5.57 6.20
C LEU A 41 -3.43 -5.22 7.68
N ASN A 42 -2.27 -5.32 8.34
CA ASN A 42 -2.17 -5.00 9.76
C ASN A 42 -1.01 -4.06 10.02
N GLU A 43 -1.28 -3.00 10.79
CA GLU A 43 -0.25 -2.02 11.11
C GLU A 43 0.97 -2.69 11.74
N GLY A 44 2.15 -2.41 11.19
CA GLY A 44 3.37 -3.00 11.71
C GLY A 44 3.86 -4.15 10.85
N GLU A 45 2.99 -4.66 9.99
CA GLU A 45 3.34 -5.77 9.12
C GLU A 45 4.03 -5.28 7.86
N HIS A 46 4.79 -6.16 7.21
CA HIS A 46 5.51 -5.82 6.00
C HIS A 46 4.67 -6.10 4.77
N VAL A 47 4.73 -5.21 3.79
CA VAL A 47 3.96 -5.36 2.55
C VAL A 47 4.62 -4.60 1.40
N GLU A 48 4.58 -5.20 0.20
CA GLU A 48 5.17 -4.58 -0.97
C GLU A 48 4.17 -3.65 -1.65
N PHE A 49 4.69 -2.76 -2.49
CA PHE A 49 3.84 -1.80 -3.20
C PHE A 49 4.60 -1.18 -4.37
N GLU A 50 3.97 -1.19 -5.54
CA GLU A 50 4.59 -0.62 -6.74
C GLU A 50 4.09 0.81 -6.98
N VAL A 51 4.91 1.79 -6.60
CA VAL A 51 4.56 3.20 -6.78
C VAL A 51 4.45 3.55 -8.26
N GLU A 52 3.31 4.14 -8.63
CA GLU A 52 3.09 4.54 -10.01
C GLU A 52 2.86 6.04 -10.12
N PRO A 53 3.07 6.58 -11.33
CA PRO A 53 2.90 8.01 -11.60
C PRO A 53 1.43 8.45 -11.54
N GLY A 54 0.75 8.37 -12.68
CA GLY A 54 -0.65 8.76 -12.73
C GLY A 54 -1.57 7.68 -12.20
N ARG A 55 -1.39 7.31 -10.94
CA ARG A 55 -2.21 6.28 -10.32
C ARG A 55 -2.76 6.76 -8.97
N GLY A 56 -1.92 7.44 -8.20
CA GLY A 56 -2.34 7.95 -6.91
C GLY A 56 -2.47 9.47 -6.88
N GLY A 57 -3.38 9.96 -6.06
CA GLY A 57 -3.59 11.39 -5.95
C GLY A 57 -2.29 12.16 -5.78
N LYS A 58 -1.55 11.83 -4.73
CA LYS A 58 -0.28 12.50 -4.45
C LYS A 58 0.76 12.13 -5.50
N GLY A 59 0.45 11.12 -6.31
CA GLY A 59 1.37 10.69 -7.35
C GLY A 59 1.72 9.22 -7.23
N PRO A 60 2.66 8.90 -6.32
CA PRO A 60 3.11 7.52 -6.11
C PRO A 60 2.04 6.66 -5.45
N GLN A 61 1.53 5.69 -6.19
CA GLN A 61 0.49 4.79 -5.67
C GLN A 61 0.99 3.36 -5.61
N ALA A 62 0.30 2.53 -4.85
CA ALA A 62 0.67 1.13 -4.71
C ALA A 62 0.03 0.28 -5.80
N LYS A 63 0.34 0.60 -7.05
CA LYS A 63 -0.21 -0.13 -8.19
C LYS A 63 -0.16 -1.63 -7.94
N LYS A 64 0.95 -2.10 -7.40
CA LYS A 64 1.12 -3.53 -7.11
C LYS A 64 1.55 -3.73 -5.66
N VAL A 65 0.59 -4.08 -4.80
CA VAL A 65 0.87 -4.30 -3.40
C VAL A 65 0.89 -5.80 -3.07
N ARG A 66 1.78 -6.19 -2.17
CA ARG A 66 1.90 -7.59 -1.77
C ARG A 66 1.94 -7.72 -0.25
N ARG A 67 1.49 -8.87 0.25
CA ARG A 67 1.48 -9.13 1.68
C ARG A 67 2.78 -9.80 2.13
N ILE A 68 3.36 -9.27 3.20
CA ILE A 68 4.61 -9.82 3.72
C ILE A 68 4.59 -9.86 5.25
N MET A 1 8.39 -0.78 -7.38
CA MET A 1 8.08 -1.91 -6.52
C MET A 1 9.00 -1.96 -5.31
N LYS A 2 8.48 -1.55 -4.16
CA LYS A 2 9.26 -1.54 -2.92
C LYS A 2 8.50 -2.22 -1.79
N LYS A 3 9.23 -2.73 -0.81
CA LYS A 3 8.63 -3.40 0.33
C LYS A 3 8.88 -2.62 1.62
N GLY A 4 7.84 -2.49 2.44
CA GLY A 4 7.95 -1.78 3.69
C GLY A 4 6.78 -2.01 4.62
N THR A 5 6.90 -1.55 5.86
CA THR A 5 5.85 -1.72 6.85
C THR A 5 4.70 -0.74 6.60
N VAL A 6 3.53 -1.07 7.12
CA VAL A 6 2.35 -0.22 6.97
C VAL A 6 2.09 0.59 8.22
N LYS A 7 1.82 1.88 8.04
CA LYS A 7 1.55 2.77 9.16
C LYS A 7 0.11 2.65 9.62
N TRP A 8 -0.80 2.46 8.66
CA TRP A 8 -2.23 2.33 8.97
C TRP A 8 -3.01 1.92 7.73
N PHE A 9 -4.03 1.09 7.93
CA PHE A 9 -4.86 0.62 6.82
C PHE A 9 -6.34 0.60 7.22
N ASN A 10 -7.10 1.52 6.66
CA ASN A 10 -8.53 1.61 6.96
C ASN A 10 -9.34 0.72 6.03
N ALA A 11 -10.02 -0.27 6.59
CA ALA A 11 -10.84 -1.18 5.81
C ALA A 11 -12.23 -0.61 5.57
N GLU A 12 -12.66 0.28 6.44
CA GLU A 12 -13.97 0.91 6.33
C GLU A 12 -14.11 1.64 5.00
N LYS A 13 -13.05 2.32 4.59
CA LYS A 13 -13.05 3.06 3.34
C LYS A 13 -12.34 2.28 2.23
N GLY A 14 -11.25 1.61 2.60
CA GLY A 14 -10.50 0.83 1.63
C GLY A 14 -9.25 1.53 1.16
N TYR A 15 -8.50 2.09 2.11
CA TYR A 15 -7.27 2.81 1.79
C TYR A 15 -6.23 2.62 2.88
N GLY A 16 -5.01 3.08 2.61
CA GLY A 16 -3.94 2.96 3.59
C GLY A 16 -2.64 3.58 3.12
N PHE A 17 -1.61 3.52 3.95
CA PHE A 17 -0.31 4.08 3.61
C PHE A 17 0.81 3.14 4.02
N ILE A 18 1.84 3.05 3.18
CA ILE A 18 2.98 2.18 3.45
C ILE A 18 4.28 2.99 3.51
N GLN A 19 5.23 2.50 4.29
CA GLN A 19 6.52 3.17 4.44
C GLN A 19 7.66 2.24 4.06
N GLN A 20 8.42 2.61 3.03
CA GLN A 20 9.54 1.81 2.57
C GLN A 20 10.86 2.39 3.06
N GLU A 21 11.97 1.92 2.49
CA GLU A 21 13.30 2.39 2.87
C GLU A 21 13.51 3.83 2.41
N GLU A 22 12.82 4.21 1.33
CA GLU A 22 12.94 5.56 0.80
C GLU A 22 12.81 6.60 1.90
N GLY A 23 11.59 6.76 2.42
CA GLY A 23 11.35 7.73 3.47
C GLY A 23 9.88 8.09 3.61
N PRO A 24 9.34 8.75 2.58
CA PRO A 24 7.93 9.17 2.57
C PRO A 24 6.98 8.00 2.43
N ASP A 25 5.71 8.23 2.74
CA ASP A 25 4.69 7.19 2.66
C ASP A 25 4.25 6.98 1.22
N VAL A 26 3.19 6.20 1.03
CA VAL A 26 2.67 5.92 -0.30
C VAL A 26 1.15 5.77 -0.27
N PHE A 27 0.51 6.11 -1.39
CA PHE A 27 -0.94 6.01 -1.50
C PHE A 27 -1.37 4.60 -1.89
N VAL A 28 -2.08 3.93 -0.99
CA VAL A 28 -2.55 2.57 -1.24
C VAL A 28 -4.06 2.48 -1.09
N HIS A 29 -4.68 1.65 -1.92
CA HIS A 29 -6.13 1.47 -1.89
C HIS A 29 -6.51 0.03 -2.22
N PHE A 30 -7.74 -0.34 -1.87
CA PHE A 30 -8.22 -1.70 -2.15
C PHE A 30 -8.18 -2.01 -3.64
N THR A 31 -8.13 -0.95 -4.45
CA THR A 31 -8.09 -1.11 -5.90
C THR A 31 -6.66 -1.24 -6.40
N ALA A 32 -5.71 -1.25 -5.46
CA ALA A 32 -4.30 -1.38 -5.81
C ALA A 32 -3.65 -2.53 -5.07
N ILE A 33 -4.41 -3.17 -4.19
CA ILE A 33 -3.92 -4.30 -3.41
C ILE A 33 -3.98 -5.59 -4.21
N GLU A 34 -2.84 -6.29 -4.28
CA GLU A 34 -2.77 -7.54 -5.02
C GLU A 34 -2.58 -8.72 -4.07
N ALA A 35 -3.69 -9.35 -3.68
CA ALA A 35 -3.65 -10.48 -2.77
C ALA A 35 -4.62 -11.57 -3.23
N ASP A 36 -4.66 -12.68 -2.48
CA ASP A 36 -5.54 -13.78 -2.80
C ASP A 36 -6.65 -13.90 -1.77
N GLY A 37 -7.66 -13.04 -1.89
CA GLY A 37 -8.77 -13.08 -0.95
C GLY A 37 -8.96 -11.75 -0.23
N PHE A 38 -8.82 -11.77 1.09
CA PHE A 38 -8.98 -10.57 1.89
C PHE A 38 -7.81 -9.61 1.68
N ARG A 39 -8.09 -8.49 1.01
CA ARG A 39 -7.07 -7.49 0.73
C ARG A 39 -6.96 -6.48 1.88
N THR A 40 -6.69 -6.98 3.08
CA THR A 40 -6.58 -6.13 4.25
C THR A 40 -5.20 -6.27 4.90
N LEU A 41 -4.62 -5.15 5.32
CA LEU A 41 -3.31 -5.15 5.95
C LEU A 41 -3.43 -4.84 7.44
N ASN A 42 -2.32 -5.03 8.17
CA ASN A 42 -2.30 -4.76 9.60
C ASN A 42 -1.13 -3.87 9.98
N GLU A 43 -1.40 -2.83 10.74
CA GLU A 43 -0.36 -1.89 11.17
C GLU A 43 0.81 -2.62 11.79
N GLY A 44 2.02 -2.23 11.41
CA GLY A 44 3.21 -2.87 11.94
C GLY A 44 3.67 -4.04 11.08
N GLU A 45 2.81 -4.47 10.17
CA GLU A 45 3.13 -5.59 9.29
C GLU A 45 3.85 -5.11 8.04
N HIS A 46 4.55 -6.02 7.37
CA HIS A 46 5.29 -5.68 6.16
C HIS A 46 4.45 -5.99 4.92
N VAL A 47 4.52 -5.10 3.94
CA VAL A 47 3.77 -5.27 2.69
C VAL A 47 4.43 -4.54 1.54
N GLU A 48 4.39 -5.13 0.36
CA GLU A 48 4.99 -4.53 -0.84
C GLU A 48 4.02 -3.57 -1.51
N PHE A 49 4.54 -2.72 -2.37
CA PHE A 49 3.72 -1.74 -3.08
C PHE A 49 4.50 -1.12 -4.24
N GLU A 50 3.89 -1.12 -5.42
CA GLU A 50 4.52 -0.56 -6.61
C GLU A 50 3.98 0.85 -6.89
N VAL A 51 4.77 1.86 -6.52
CA VAL A 51 4.37 3.24 -6.74
C VAL A 51 4.23 3.55 -8.22
N GLU A 52 3.05 4.04 -8.61
CA GLU A 52 2.77 4.37 -9.99
C GLU A 52 2.60 5.88 -10.18
N PRO A 53 2.77 6.35 -11.42
CA PRO A 53 2.64 7.76 -11.76
C PRO A 53 1.21 8.26 -11.65
N GLY A 54 0.48 8.18 -12.77
CA GLY A 54 -0.89 8.62 -12.79
C GLY A 54 -1.84 7.57 -12.25
N ARG A 55 -1.68 7.22 -10.98
CA ARG A 55 -2.53 6.22 -10.35
C ARG A 55 -3.03 6.72 -8.99
N GLY A 56 -2.15 7.37 -8.24
CA GLY A 56 -2.52 7.88 -6.93
C GLY A 56 -2.67 9.39 -6.92
N GLY A 57 -3.56 9.89 -6.06
CA GLY A 57 -3.78 11.32 -5.97
C GLY A 57 -2.48 12.10 -5.86
N LYS A 58 -1.70 11.79 -4.83
CA LYS A 58 -0.42 12.47 -4.61
C LYS A 58 0.60 12.07 -5.68
N GLY A 59 0.26 11.06 -6.46
CA GLY A 59 1.16 10.60 -7.51
C GLY A 59 1.52 9.13 -7.36
N PRO A 60 2.49 8.85 -6.47
CA PRO A 60 2.94 7.48 -6.21
C PRO A 60 1.89 6.64 -5.49
N GLN A 61 1.36 5.65 -6.19
CA GLN A 61 0.35 4.77 -5.62
C GLN A 61 0.85 3.33 -5.55
N ALA A 62 0.18 2.52 -4.74
CA ALA A 62 0.56 1.12 -4.59
C ALA A 62 -0.04 0.27 -5.70
N LYS A 63 0.27 0.62 -6.94
CA LYS A 63 -0.24 -0.11 -8.10
C LYS A 63 -0.17 -1.61 -7.86
N LYS A 64 0.94 -2.06 -7.28
CA LYS A 64 1.13 -3.48 -6.99
C LYS A 64 1.51 -3.69 -5.53
N VAL A 65 0.52 -3.99 -4.70
CA VAL A 65 0.75 -4.22 -3.28
C VAL A 65 0.75 -5.72 -2.96
N ARG A 66 1.63 -6.11 -2.03
CA ARG A 66 1.74 -7.50 -1.64
C ARG A 66 1.76 -7.64 -0.11
N ARG A 67 1.27 -8.78 0.38
CA ARG A 67 1.23 -9.02 1.82
C ARG A 67 2.52 -9.69 2.29
N ILE A 68 3.08 -9.19 3.38
CA ILE A 68 4.31 -9.74 3.93
C ILE A 68 4.27 -9.76 5.45
N MET A 1 8.94 -1.19 -7.51
CA MET A 1 8.51 -2.15 -6.50
C MET A 1 9.23 -1.91 -5.18
N LYS A 2 8.49 -1.40 -4.19
CA LYS A 2 9.06 -1.12 -2.88
C LYS A 2 8.38 -1.95 -1.80
N LYS A 3 9.14 -2.35 -0.80
CA LYS A 3 8.60 -3.15 0.29
C LYS A 3 8.86 -2.49 1.64
N GLY A 4 7.81 -2.34 2.44
CA GLY A 4 7.95 -1.72 3.75
C GLY A 4 6.76 -1.97 4.63
N THR A 5 6.86 -1.56 5.90
CA THR A 5 5.78 -1.74 6.86
C THR A 5 4.63 -0.77 6.59
N VAL A 6 3.44 -1.13 7.05
CA VAL A 6 2.26 -0.30 6.86
C VAL A 6 2.01 0.59 8.08
N LYS A 7 1.84 1.88 7.84
CA LYS A 7 1.60 2.84 8.92
C LYS A 7 0.17 2.70 9.44
N TRP A 8 -0.76 2.44 8.54
CA TRP A 8 -2.16 2.28 8.91
C TRP A 8 -3.00 1.88 7.72
N PHE A 9 -4.06 1.10 7.97
CA PHE A 9 -4.94 0.63 6.91
C PHE A 9 -6.37 1.06 7.17
N ASN A 10 -6.79 2.14 6.52
CA ASN A 10 -8.15 2.67 6.68
C ASN A 10 -9.15 1.81 5.91
N ALA A 11 -9.62 0.75 6.56
CA ALA A 11 -10.60 -0.15 5.94
C ALA A 11 -11.96 0.53 5.81
N GLU A 12 -12.21 1.52 6.66
CA GLU A 12 -13.47 2.24 6.63
C GLU A 12 -13.69 2.91 5.28
N LYS A 13 -12.60 3.34 4.65
CA LYS A 13 -12.68 3.99 3.34
C LYS A 13 -12.13 3.07 2.25
N GLY A 14 -11.17 2.22 2.62
CA GLY A 14 -10.58 1.31 1.65
C GLY A 14 -9.22 1.78 1.16
N TYR A 15 -8.53 2.56 2.00
CA TYR A 15 -7.22 3.08 1.64
C TYR A 15 -6.18 2.73 2.70
N GLY A 16 -4.94 3.13 2.47
CA GLY A 16 -3.89 2.87 3.43
C GLY A 16 -2.59 3.59 3.09
N PHE A 17 -1.61 3.49 3.98
CA PHE A 17 -0.33 4.15 3.76
C PHE A 17 0.83 3.22 4.16
N ILE A 18 1.77 3.04 3.24
CA ILE A 18 2.92 2.18 3.50
C ILE A 18 4.21 3.00 3.58
N GLN A 19 5.14 2.55 4.41
CA GLN A 19 6.41 3.23 4.58
C GLN A 19 7.58 2.32 4.22
N GLN A 20 8.41 2.77 3.29
CA GLN A 20 9.56 1.99 2.85
C GLN A 20 10.86 2.66 3.28
N GLU A 21 11.98 1.98 3.03
CA GLU A 21 13.29 2.51 3.39
C GLU A 21 13.50 3.91 2.82
N GLU A 22 12.76 4.22 1.75
CA GLU A 22 12.87 5.52 1.11
C GLU A 22 12.75 6.64 2.13
N GLY A 23 11.53 6.84 2.64
CA GLY A 23 11.29 7.89 3.62
C GLY A 23 9.83 8.26 3.73
N PRO A 24 9.30 8.90 2.68
CA PRO A 24 7.89 9.33 2.65
C PRO A 24 6.94 8.15 2.53
N ASP A 25 5.65 8.41 2.79
CA ASP A 25 4.64 7.37 2.71
C ASP A 25 4.18 7.15 1.27
N VAL A 26 3.15 6.32 1.11
CA VAL A 26 2.63 6.02 -0.22
C VAL A 26 1.11 5.87 -0.19
N PHE A 27 0.47 6.17 -1.31
CA PHE A 27 -0.99 6.07 -1.41
C PHE A 27 -1.40 4.69 -1.90
N VAL A 28 -2.11 3.96 -1.04
CA VAL A 28 -2.56 2.62 -1.37
C VAL A 28 -4.08 2.50 -1.20
N HIS A 29 -4.69 1.66 -2.03
CA HIS A 29 -6.14 1.44 -1.98
C HIS A 29 -6.47 -0.04 -2.07
N PHE A 30 -7.68 -0.39 -1.64
CA PHE A 30 -8.13 -1.78 -1.68
C PHE A 30 -8.13 -2.32 -3.10
N THR A 31 -8.20 -1.40 -4.07
CA THR A 31 -8.23 -1.78 -5.47
C THR A 31 -6.81 -1.98 -6.01
N ALA A 32 -5.83 -1.41 -5.30
CA ALA A 32 -4.43 -1.53 -5.71
C ALA A 32 -3.78 -2.76 -5.07
N ILE A 33 -4.37 -3.24 -3.98
CA ILE A 33 -3.84 -4.40 -3.28
C ILE A 33 -4.00 -5.66 -4.13
N GLU A 34 -2.90 -6.40 -4.31
CA GLU A 34 -2.92 -7.62 -5.09
C GLU A 34 -2.91 -8.85 -4.19
N ALA A 35 -4.11 -9.33 -3.84
CA ALA A 35 -4.23 -10.51 -2.99
C ALA A 35 -5.16 -11.54 -3.61
N ASP A 36 -5.17 -12.74 -3.03
CA ASP A 36 -6.01 -13.82 -3.53
C ASP A 36 -7.13 -14.15 -2.54
N GLY A 37 -8.12 -13.27 -2.47
CA GLY A 37 -9.24 -13.48 -1.56
C GLY A 37 -9.40 -12.33 -0.59
N PHE A 38 -10.58 -12.27 0.04
CA PHE A 38 -10.87 -11.20 1.00
C PHE A 38 -9.81 -11.17 2.10
N ARG A 39 -9.00 -10.12 2.10
CA ARG A 39 -7.95 -9.97 3.10
C ARG A 39 -7.79 -8.50 3.50
N THR A 40 -6.77 -8.21 4.31
CA THR A 40 -6.51 -6.86 4.77
C THR A 40 -5.10 -6.73 5.32
N LEU A 41 -4.71 -5.50 5.67
CA LEU A 41 -3.38 -5.25 6.20
C LEU A 41 -3.47 -4.90 7.69
N ASN A 42 -2.34 -5.05 8.39
CA ASN A 42 -2.28 -4.75 9.82
C ASN A 42 -1.10 -3.84 10.13
N GLU A 43 -1.36 -2.76 10.87
CA GLU A 43 -0.31 -1.82 11.24
C GLU A 43 0.87 -2.54 11.87
N GLY A 44 2.05 -2.34 11.30
CA GLY A 44 3.25 -2.97 11.82
C GLY A 44 3.72 -4.11 10.95
N GLU A 45 2.85 -4.59 10.06
CA GLU A 45 3.20 -5.69 9.16
C GLU A 45 3.89 -5.16 7.91
N HIS A 46 4.65 -6.03 7.26
CA HIS A 46 5.36 -5.67 6.04
C HIS A 46 4.52 -5.96 4.80
N VAL A 47 4.57 -5.07 3.82
CA VAL A 47 3.82 -5.24 2.59
C VAL A 47 4.47 -4.48 1.44
N GLU A 48 4.45 -5.08 0.25
CA GLU A 48 5.04 -4.46 -0.93
C GLU A 48 4.04 -3.52 -1.61
N PHE A 49 4.55 -2.62 -2.45
CA PHE A 49 3.72 -1.67 -3.16
C PHE A 49 4.46 -1.05 -4.34
N GLU A 50 3.81 -1.04 -5.49
CA GLU A 50 4.41 -0.47 -6.69
C GLU A 50 3.91 0.94 -6.94
N VAL A 51 4.71 1.92 -6.53
CA VAL A 51 4.36 3.32 -6.71
C VAL A 51 4.28 3.69 -8.19
N GLU A 52 3.13 4.24 -8.60
CA GLU A 52 2.92 4.63 -9.98
C GLU A 52 2.84 6.14 -10.11
N PRO A 53 3.05 6.65 -11.34
CA PRO A 53 3.01 8.08 -11.62
C PRO A 53 1.59 8.65 -11.54
N GLY A 54 0.89 8.65 -12.68
CA GLY A 54 -0.46 9.17 -12.71
C GLY A 54 -1.48 8.14 -12.25
N ARG A 55 -1.36 7.71 -11.01
CA ARG A 55 -2.28 6.73 -10.44
C ARG A 55 -2.81 7.18 -9.08
N GLY A 56 -1.91 7.74 -8.27
CA GLY A 56 -2.30 8.21 -6.95
C GLY A 56 -2.47 9.72 -6.90
N GLY A 57 -3.42 10.18 -6.09
CA GLY A 57 -3.65 11.60 -5.96
C GLY A 57 -2.38 12.38 -5.72
N LYS A 58 -1.62 11.96 -4.72
CA LYS A 58 -0.36 12.63 -4.37
C LYS A 58 0.74 12.27 -5.38
N GLY A 59 0.47 11.26 -6.19
CA GLY A 59 1.44 10.83 -7.19
C GLY A 59 1.77 9.35 -7.09
N PRO A 60 2.62 8.99 -6.12
CA PRO A 60 3.03 7.60 -5.90
C PRO A 60 1.89 6.74 -5.36
N GLN A 61 1.43 5.79 -6.17
CA GLN A 61 0.34 4.91 -5.78
C GLN A 61 0.82 3.47 -5.69
N ALA A 62 0.19 2.68 -4.83
CA ALA A 62 0.55 1.28 -4.65
C ALA A 62 -0.07 0.41 -5.74
N LYS A 63 0.23 0.74 -6.99
CA LYS A 63 -0.29 -0.02 -8.12
C LYS A 63 -0.27 -1.51 -7.84
N LYS A 64 0.88 -2.00 -7.41
CA LYS A 64 1.04 -3.43 -7.10
C LYS A 64 1.46 -3.62 -5.65
N VAL A 65 0.50 -3.99 -4.81
CA VAL A 65 0.78 -4.21 -3.39
C VAL A 65 0.78 -5.71 -3.06
N ARG A 66 1.66 -6.11 -2.16
CA ARG A 66 1.76 -7.50 -1.75
C ARG A 66 1.81 -7.63 -0.23
N ARG A 67 1.37 -8.78 0.28
CA ARG A 67 1.36 -9.02 1.71
C ARG A 67 2.66 -9.67 2.16
N ILE A 68 3.23 -9.18 3.25
CA ILE A 68 4.47 -9.71 3.80
C ILE A 68 4.45 -9.75 5.31
N MET A 1 8.70 -1.73 -7.45
CA MET A 1 8.42 -2.70 -6.39
C MET A 1 9.14 -2.31 -5.10
N LYS A 2 8.41 -1.62 -4.21
CA LYS A 2 8.98 -1.20 -2.93
C LYS A 2 8.33 -1.95 -1.78
N LYS A 3 9.16 -2.52 -0.91
CA LYS A 3 8.67 -3.26 0.24
C LYS A 3 8.94 -2.49 1.54
N GLY A 4 7.91 -2.41 2.39
CA GLY A 4 8.05 -1.70 3.65
C GLY A 4 6.90 -1.95 4.59
N THR A 5 7.03 -1.49 5.83
CA THR A 5 5.97 -1.67 6.82
C THR A 5 4.81 -0.71 6.58
N VAL A 6 3.64 -1.05 7.11
CA VAL A 6 2.45 -0.22 6.95
C VAL A 6 2.18 0.59 8.20
N LYS A 7 1.88 1.87 8.01
CA LYS A 7 1.59 2.76 9.13
C LYS A 7 0.13 2.63 9.58
N TRP A 8 -0.76 2.43 8.62
CA TRP A 8 -2.18 2.29 8.91
C TRP A 8 -2.95 1.84 7.67
N PHE A 9 -3.96 1.00 7.88
CA PHE A 9 -4.77 0.50 6.78
C PHE A 9 -6.25 0.50 7.15
N ASN A 10 -6.98 1.48 6.66
CA ASN A 10 -8.42 1.59 6.94
C ASN A 10 -9.22 0.71 5.99
N ALA A 11 -9.85 -0.31 6.54
CA ALA A 11 -10.66 -1.23 5.75
C ALA A 11 -12.07 -0.68 5.55
N GLU A 12 -12.49 0.19 6.46
CA GLU A 12 -13.82 0.79 6.38
C GLU A 12 -14.00 1.55 5.08
N LYS A 13 -12.95 2.24 4.65
CA LYS A 13 -12.99 3.00 3.41
C LYS A 13 -12.30 2.25 2.28
N GLY A 14 -11.21 1.56 2.59
CA GLY A 14 -10.49 0.81 1.60
C GLY A 14 -9.24 1.52 1.13
N TYR A 15 -8.48 2.06 2.08
CA TYR A 15 -7.24 2.78 1.76
C TYR A 15 -6.20 2.56 2.84
N GLY A 16 -4.96 3.00 2.57
CA GLY A 16 -3.90 2.85 3.53
C GLY A 16 -2.60 3.49 3.06
N PHE A 17 -1.59 3.47 3.91
CA PHE A 17 -0.29 4.06 3.58
C PHE A 17 0.84 3.14 4.00
N ILE A 18 1.86 3.02 3.14
CA ILE A 18 3.01 2.18 3.43
C ILE A 18 4.30 3.00 3.47
N GLN A 19 5.27 2.53 4.25
CA GLN A 19 6.54 3.22 4.37
C GLN A 19 7.70 2.30 3.99
N GLN A 20 8.42 2.67 2.95
CA GLN A 20 9.56 1.87 2.48
C GLN A 20 10.88 2.50 2.93
N GLU A 21 11.98 1.99 2.37
CA GLU A 21 13.30 2.51 2.71
C GLU A 21 13.46 3.96 2.26
N GLU A 22 12.74 4.34 1.20
CA GLU A 22 12.80 5.69 0.69
C GLU A 22 12.68 6.71 1.81
N GLY A 23 11.47 6.84 2.35
CA GLY A 23 11.24 7.79 3.42
C GLY A 23 9.77 8.14 3.58
N PRO A 24 9.21 8.82 2.58
CA PRO A 24 7.80 9.24 2.59
C PRO A 24 6.85 8.05 2.44
N ASP A 25 5.58 8.28 2.76
CA ASP A 25 4.58 7.23 2.66
C ASP A 25 4.13 7.04 1.21
N VAL A 26 3.20 6.12 1.01
CA VAL A 26 2.69 5.84 -0.33
C VAL A 26 1.16 5.70 -0.32
N PHE A 27 0.53 6.04 -1.45
CA PHE A 27 -0.92 5.95 -1.57
C PHE A 27 -1.34 4.54 -1.97
N VAL A 28 -2.07 3.88 -1.07
CA VAL A 28 -2.55 2.53 -1.33
C VAL A 28 -4.05 2.43 -1.16
N HIS A 29 -4.70 1.61 -1.99
CA HIS A 29 -6.14 1.43 -1.93
C HIS A 29 -6.53 -0.01 -2.26
N PHE A 30 -7.74 -0.39 -1.90
CA PHE A 30 -8.23 -1.75 -2.15
C PHE A 30 -8.21 -2.05 -3.65
N THR A 31 -8.19 -1.00 -4.46
CA THR A 31 -8.18 -1.15 -5.91
C THR A 31 -6.76 -1.32 -6.43
N ALA A 32 -5.79 -1.35 -5.52
CA ALA A 32 -4.39 -1.50 -5.90
C ALA A 32 -3.80 -2.76 -5.26
N ILE A 33 -4.37 -3.19 -4.14
CA ILE A 33 -3.91 -4.38 -3.45
C ILE A 33 -3.96 -5.61 -4.35
N GLU A 34 -2.84 -6.32 -4.44
CA GLU A 34 -2.77 -7.51 -5.27
C GLU A 34 -2.78 -8.78 -4.41
N ALA A 35 -3.98 -9.30 -4.16
CA ALA A 35 -4.14 -10.50 -3.35
C ALA A 35 -5.09 -11.49 -4.02
N ASP A 36 -5.15 -12.70 -3.48
CA ASP A 36 -6.03 -13.74 -4.02
C ASP A 36 -7.09 -14.13 -3.01
N GLY A 37 -8.13 -13.31 -2.88
CA GLY A 37 -9.20 -13.59 -1.95
C GLY A 37 -9.38 -12.48 -0.92
N PHE A 38 -9.17 -12.81 0.35
CA PHE A 38 -9.33 -11.84 1.42
C PHE A 38 -8.07 -10.99 1.57
N ARG A 39 -8.18 -9.71 1.22
CA ARG A 39 -7.05 -8.79 1.30
C ARG A 39 -7.20 -7.86 2.51
N THR A 40 -6.20 -7.87 3.39
CA THR A 40 -6.22 -7.03 4.57
C THR A 40 -4.82 -6.85 5.14
N LEU A 41 -4.48 -5.61 5.49
CA LEU A 41 -3.17 -5.31 6.05
C LEU A 41 -3.27 -4.97 7.54
N ASN A 42 -2.16 -5.11 8.25
CA ASN A 42 -2.13 -4.82 9.68
C ASN A 42 -0.97 -3.88 10.00
N GLU A 43 -1.25 -2.83 10.78
CA GLU A 43 -0.24 -1.87 11.16
C GLU A 43 0.96 -2.57 11.79
N GLY A 44 2.16 -2.17 11.37
CA GLY A 44 3.37 -2.77 11.90
C GLY A 44 3.84 -3.94 11.06
N GLU A 45 2.99 -4.42 10.17
CA GLU A 45 3.33 -5.53 9.30
C GLU A 45 4.02 -5.05 8.03
N HIS A 46 4.74 -5.96 7.37
CA HIS A 46 5.44 -5.63 6.14
C HIS A 46 4.59 -5.94 4.92
N VAL A 47 4.65 -5.06 3.92
CA VAL A 47 3.88 -5.24 2.70
C VAL A 47 4.54 -4.51 1.53
N GLU A 48 4.48 -5.12 0.34
CA GLU A 48 5.06 -4.53 -0.85
C GLU A 48 4.07 -3.60 -1.54
N PHE A 49 4.59 -2.75 -2.42
CA PHE A 49 3.74 -1.81 -3.15
C PHE A 49 4.52 -1.17 -4.30
N GLU A 50 3.93 -1.22 -5.49
CA GLU A 50 4.56 -0.64 -6.67
C GLU A 50 4.05 0.78 -6.93
N VAL A 51 4.85 1.77 -6.55
CA VAL A 51 4.48 3.16 -6.74
C VAL A 51 4.30 3.49 -8.22
N GLU A 52 3.12 3.96 -8.59
CA GLU A 52 2.83 4.31 -9.98
C GLU A 52 2.80 5.84 -10.16
N PRO A 53 3.00 6.28 -11.41
CA PRO A 53 2.99 7.71 -11.74
C PRO A 53 1.61 8.33 -11.63
N GLY A 54 0.88 8.34 -12.75
CA GLY A 54 -0.46 8.90 -12.76
C GLY A 54 -1.50 7.92 -12.28
N ARG A 55 -1.39 7.48 -11.03
CA ARG A 55 -2.33 6.53 -10.46
C ARG A 55 -2.78 6.97 -9.07
N GLY A 56 -1.84 7.46 -8.29
CA GLY A 56 -2.15 7.92 -6.93
C GLY A 56 -2.33 9.42 -6.86
N GLY A 57 -3.23 9.86 -5.99
CA GLY A 57 -3.49 11.28 -5.84
C GLY A 57 -2.22 12.09 -5.70
N LYS A 58 -1.39 11.72 -4.72
CA LYS A 58 -0.12 12.42 -4.49
C LYS A 58 0.92 12.03 -5.53
N GLY A 59 0.59 11.02 -6.34
CA GLY A 59 1.51 10.57 -7.36
C GLY A 59 1.83 9.09 -7.26
N PRO A 60 2.73 8.75 -6.33
CA PRO A 60 3.14 7.36 -6.10
C PRO A 60 2.03 6.52 -5.47
N GLN A 61 1.51 5.57 -6.24
CA GLN A 61 0.43 4.70 -5.75
C GLN A 61 0.92 3.26 -5.63
N ALA A 62 0.19 2.46 -4.85
CA ALA A 62 0.55 1.06 -4.65
C ALA A 62 -0.02 0.18 -5.76
N LYS A 63 0.33 0.51 -7.00
CA LYS A 63 -0.14 -0.25 -8.15
C LYS A 63 -0.10 -1.74 -7.87
N LYS A 64 1.00 -2.21 -7.30
CA LYS A 64 1.16 -3.62 -6.98
C LYS A 64 1.53 -3.81 -5.51
N VAL A 65 0.53 -4.07 -4.68
CA VAL A 65 0.76 -4.27 -3.25
C VAL A 65 0.75 -5.76 -2.90
N ARG A 66 1.64 -6.14 -1.99
CA ARG A 66 1.74 -7.53 -1.58
C ARG A 66 1.81 -7.63 -0.05
N ARG A 67 1.38 -8.77 0.48
CA ARG A 67 1.37 -8.99 1.93
C ARG A 67 2.68 -9.67 2.36
N ILE A 68 3.27 -9.12 3.42
CA ILE A 68 4.52 -9.67 3.94
C ILE A 68 4.51 -9.69 5.47
N MET A 1 8.42 -1.04 -7.27
CA MET A 1 8.52 -2.27 -6.49
C MET A 1 9.29 -2.02 -5.19
N LYS A 2 8.59 -1.48 -4.20
CA LYS A 2 9.20 -1.20 -2.90
C LYS A 2 8.52 -1.99 -1.79
N LYS A 3 9.28 -2.33 -0.76
CA LYS A 3 8.75 -3.09 0.36
C LYS A 3 9.00 -2.35 1.68
N GLY A 4 7.94 -2.19 2.47
CA GLY A 4 8.07 -1.50 3.74
C GLY A 4 6.88 -1.74 4.64
N THR A 5 6.96 -1.25 5.89
CA THR A 5 5.89 -1.42 6.85
C THR A 5 4.71 -0.51 6.52
N VAL A 6 3.53 -0.85 7.05
CA VAL A 6 2.33 -0.06 6.79
C VAL A 6 1.99 0.82 8.00
N LYS A 7 1.73 2.09 7.74
CA LYS A 7 1.39 3.04 8.80
C LYS A 7 -0.03 2.82 9.28
N TRP A 8 -0.93 2.52 8.36
CA TRP A 8 -2.33 2.28 8.70
C TRP A 8 -3.12 1.82 7.47
N PHE A 9 -4.10 0.95 7.70
CA PHE A 9 -4.92 0.43 6.62
C PHE A 9 -6.35 0.20 7.09
N ASN A 10 -7.23 1.15 6.76
CA ASN A 10 -8.63 1.05 7.16
C ASN A 10 -9.43 0.26 6.13
N ALA A 11 -9.80 -0.97 6.49
CA ALA A 11 -10.56 -1.83 5.60
C ALA A 11 -11.98 -1.31 5.42
N GLU A 12 -12.44 -0.51 6.38
CA GLU A 12 -13.79 0.05 6.32
C GLU A 12 -13.93 0.98 5.12
N LYS A 13 -12.85 1.68 4.79
CA LYS A 13 -12.86 2.60 3.66
C LYS A 13 -12.15 2.00 2.45
N GLY A 14 -11.06 1.29 2.72
CA GLY A 14 -10.31 0.66 1.64
C GLY A 14 -9.12 1.50 1.20
N TYR A 15 -8.37 2.01 2.17
CA TYR A 15 -7.20 2.83 1.89
C TYR A 15 -6.13 2.66 2.97
N GLY A 16 -4.88 2.92 2.60
CA GLY A 16 -3.78 2.79 3.54
C GLY A 16 -2.53 3.49 3.07
N PHE A 17 -1.49 3.47 3.90
CA PHE A 17 -0.22 4.11 3.56
C PHE A 17 0.95 3.21 3.94
N ILE A 18 1.95 3.14 3.06
CA ILE A 18 3.13 2.33 3.30
C ILE A 18 4.39 3.19 3.29
N GLN A 19 5.37 2.80 4.11
CA GLN A 19 6.63 3.52 4.19
C GLN A 19 7.81 2.59 3.92
N GLN A 20 8.67 3.00 2.99
CA GLN A 20 9.84 2.21 2.65
C GLN A 20 11.13 2.90 3.08
N GLU A 21 12.26 2.27 2.79
CA GLU A 21 13.56 2.83 3.15
C GLU A 21 13.73 4.24 2.57
N GLU A 22 12.96 4.53 1.53
CA GLU A 22 13.03 5.83 0.87
C GLU A 22 12.88 6.96 1.89
N GLY A 23 11.65 7.15 2.38
CA GLY A 23 11.40 8.19 3.36
C GLY A 23 9.92 8.52 3.47
N PRO A 24 9.36 9.12 2.41
CA PRO A 24 7.94 9.50 2.38
C PRO A 24 7.01 8.29 2.31
N ASP A 25 5.73 8.52 2.52
CA ASP A 25 4.73 7.45 2.48
C ASP A 25 4.20 7.26 1.07
N VAL A 26 3.39 6.21 0.88
CA VAL A 26 2.82 5.91 -0.43
C VAL A 26 1.30 5.79 -0.34
N PHE A 27 0.62 6.12 -1.44
CA PHE A 27 -0.83 6.05 -1.48
C PHE A 27 -1.29 4.67 -1.92
N VAL A 28 -1.96 3.96 -1.02
CA VAL A 28 -2.46 2.61 -1.31
C VAL A 28 -3.98 2.54 -1.14
N HIS A 29 -4.61 1.63 -1.87
CA HIS A 29 -6.05 1.46 -1.80
C HIS A 29 -6.44 0.01 -2.09
N PHE A 30 -7.64 -0.38 -1.66
CA PHE A 30 -8.12 -1.73 -1.89
C PHE A 30 -8.17 -2.05 -3.38
N THR A 31 -8.18 -1.01 -4.20
CA THR A 31 -8.23 -1.17 -5.64
C THR A 31 -6.85 -1.39 -6.22
N ALA A 32 -5.85 -1.52 -5.34
CA ALA A 32 -4.48 -1.74 -5.76
C ALA A 32 -3.90 -3.02 -5.16
N ILE A 33 -4.25 -3.27 -3.91
CA ILE A 33 -3.77 -4.46 -3.21
C ILE A 33 -4.05 -5.72 -4.03
N GLU A 34 -3.01 -6.52 -4.24
CA GLU A 34 -3.14 -7.75 -5.01
C GLU A 34 -2.91 -8.97 -4.12
N ALA A 35 -3.97 -9.42 -3.46
CA ALA A 35 -3.90 -10.57 -2.58
C ALA A 35 -4.70 -11.75 -3.14
N ASP A 36 -4.66 -12.87 -2.44
CA ASP A 36 -5.37 -14.07 -2.87
C ASP A 36 -6.65 -14.25 -2.04
N GLY A 37 -7.66 -13.44 -2.35
CA GLY A 37 -8.91 -13.53 -1.64
C GLY A 37 -9.29 -12.23 -0.96
N PHE A 38 -9.39 -12.26 0.37
CA PHE A 38 -9.74 -11.07 1.14
C PHE A 38 -8.50 -10.27 1.50
N ARG A 39 -8.37 -9.09 0.89
CA ARG A 39 -7.22 -8.23 1.13
C ARG A 39 -7.38 -7.49 2.46
N THR A 40 -6.36 -7.62 3.32
CA THR A 40 -6.39 -6.97 4.62
C THR A 40 -5.01 -6.99 5.27
N LEU A 41 -4.49 -5.80 5.59
CA LEU A 41 -3.18 -5.68 6.22
C LEU A 41 -3.31 -5.28 7.69
N ASN A 42 -2.17 -5.09 8.34
CA ASN A 42 -2.15 -4.70 9.74
C ASN A 42 -1.02 -3.72 10.02
N GLU A 43 -1.32 -2.66 10.76
CA GLU A 43 -0.33 -1.65 11.10
C GLU A 43 0.91 -2.30 11.74
N GLY A 44 2.09 -1.88 11.27
CA GLY A 44 3.32 -2.43 11.81
C GLY A 44 3.84 -3.59 10.99
N GLU A 45 2.97 -4.17 10.16
CA GLU A 45 3.35 -5.30 9.32
C GLU A 45 4.04 -4.82 8.05
N HIS A 46 4.79 -5.72 7.41
CA HIS A 46 5.50 -5.39 6.19
C HIS A 46 4.65 -5.72 4.96
N VAL A 47 4.70 -4.84 3.96
CA VAL A 47 3.94 -5.03 2.73
C VAL A 47 4.58 -4.31 1.56
N GLU A 48 4.54 -4.94 0.39
CA GLU A 48 5.13 -4.35 -0.81
C GLU A 48 4.15 -3.40 -1.48
N PHE A 49 4.67 -2.55 -2.36
CA PHE A 49 3.84 -1.58 -3.08
C PHE A 49 4.59 -1.01 -4.27
N GLU A 50 3.93 -1.01 -5.43
CA GLU A 50 4.53 -0.49 -6.65
C GLU A 50 4.02 0.92 -6.95
N VAL A 51 4.84 1.92 -6.63
CA VAL A 51 4.48 3.31 -6.87
C VAL A 51 4.30 3.59 -8.35
N GLU A 52 3.15 4.15 -8.70
CA GLU A 52 2.85 4.47 -10.10
C GLU A 52 2.56 5.95 -10.27
N PRO A 53 2.64 6.43 -11.51
CA PRO A 53 2.39 7.84 -11.85
C PRO A 53 0.93 8.22 -11.69
N GLY A 54 0.16 8.07 -12.78
CA GLY A 54 -1.25 8.40 -12.74
C GLY A 54 -2.07 7.33 -12.06
N ARG A 55 -1.80 7.09 -10.79
CA ARG A 55 -2.53 6.08 -10.02
C ARG A 55 -3.00 6.66 -8.68
N GLY A 56 -2.13 7.43 -8.04
CA GLY A 56 -2.49 8.02 -6.76
C GLY A 56 -2.59 9.53 -6.83
N GLY A 57 -3.48 10.10 -6.01
CA GLY A 57 -3.65 11.54 -6.00
C GLY A 57 -2.34 12.29 -5.90
N LYS A 58 -1.58 11.99 -4.86
CA LYS A 58 -0.29 12.64 -4.65
C LYS A 58 0.72 12.24 -5.72
N GLY A 59 0.38 11.20 -6.48
CA GLY A 59 1.25 10.73 -7.53
C GLY A 59 1.61 9.26 -7.39
N PRO A 60 2.57 8.97 -6.50
CA PRO A 60 3.02 7.60 -6.24
C PRO A 60 1.96 6.77 -5.53
N GLN A 61 1.44 5.75 -6.22
CA GLN A 61 0.42 4.89 -5.66
C GLN A 61 0.93 3.46 -5.56
N ALA A 62 0.23 2.63 -4.78
CA ALA A 62 0.60 1.23 -4.60
C ALA A 62 -0.01 0.36 -5.70
N LYS A 63 0.28 0.69 -6.95
CA LYS A 63 -0.24 -0.06 -8.08
C LYS A 63 -0.16 -1.57 -7.81
N LYS A 64 0.92 -1.99 -7.17
CA LYS A 64 1.12 -3.40 -6.85
C LYS A 64 1.52 -3.57 -5.39
N VAL A 65 0.54 -3.88 -4.54
CA VAL A 65 0.80 -4.08 -3.12
C VAL A 65 0.72 -5.56 -2.75
N ARG A 66 1.64 -5.99 -1.90
CA ARG A 66 1.67 -7.38 -1.46
C ARG A 66 1.81 -7.48 0.06
N ARG A 67 1.29 -8.56 0.63
CA ARG A 67 1.35 -8.76 2.07
C ARG A 67 2.67 -9.43 2.47
N ILE A 68 3.28 -8.93 3.53
CA ILE A 68 4.54 -9.48 4.01
C ILE A 68 4.58 -9.51 5.54
N MET A 1 7.74 -3.57 -6.16
CA MET A 1 8.90 -2.69 -6.35
C MET A 1 9.48 -2.27 -5.01
N LYS A 2 8.66 -1.64 -4.18
CA LYS A 2 9.10 -1.18 -2.87
C LYS A 2 8.43 -1.98 -1.77
N LYS A 3 9.24 -2.49 -0.84
CA LYS A 3 8.72 -3.28 0.28
C LYS A 3 8.95 -2.57 1.60
N GLY A 4 7.91 -2.52 2.42
CA GLY A 4 8.01 -1.85 3.72
C GLY A 4 6.80 -2.10 4.59
N THR A 5 6.88 -1.67 5.85
CA THR A 5 5.79 -1.84 6.79
C THR A 5 4.64 -0.89 6.47
N VAL A 6 3.45 -1.24 6.94
CA VAL A 6 2.26 -0.42 6.72
C VAL A 6 1.97 0.47 7.92
N LYS A 7 1.79 1.77 7.67
CA LYS A 7 1.50 2.72 8.72
C LYS A 7 0.07 2.56 9.23
N TRP A 8 -0.84 2.29 8.31
CA TRP A 8 -2.25 2.11 8.66
C TRP A 8 -3.07 1.70 7.45
N PHE A 9 -4.10 0.89 7.68
CA PHE A 9 -4.97 0.42 6.60
C PHE A 9 -6.42 0.36 7.05
N ASN A 10 -7.18 1.39 6.70
CA ASN A 10 -8.60 1.46 7.06
C ASN A 10 -9.45 0.69 6.06
N ALA A 11 -9.95 -0.47 6.47
CA ALA A 11 -10.79 -1.29 5.61
C ALA A 11 -12.15 -0.63 5.38
N GLU A 12 -12.57 0.21 6.32
CA GLU A 12 -13.84 0.89 6.22
C GLU A 12 -13.89 1.77 4.97
N LYS A 13 -12.75 2.36 4.63
CA LYS A 13 -12.66 3.22 3.46
C LYS A 13 -12.04 2.48 2.28
N GLY A 14 -11.07 1.62 2.58
CA GLY A 14 -10.42 0.85 1.54
C GLY A 14 -9.14 1.50 1.06
N TYR A 15 -8.39 2.09 1.99
CA TYR A 15 -7.14 2.76 1.66
C TYR A 15 -6.11 2.57 2.76
N GLY A 16 -4.87 2.99 2.51
CA GLY A 16 -3.82 2.86 3.48
C GLY A 16 -2.51 3.47 3.02
N PHE A 17 -1.50 3.43 3.88
CA PHE A 17 -0.19 3.98 3.54
C PHE A 17 0.93 3.02 3.94
N ILE A 18 1.96 2.93 3.11
CA ILE A 18 3.09 2.04 3.38
C ILE A 18 4.39 2.84 3.48
N GLN A 19 5.26 2.43 4.39
CA GLN A 19 6.54 3.10 4.58
C GLN A 19 7.70 2.18 4.19
N GLN A 20 8.49 2.61 3.22
CA GLN A 20 9.63 1.83 2.76
C GLN A 20 10.93 2.43 3.24
N GLU A 21 12.05 1.93 2.70
CA GLU A 21 13.37 2.43 3.08
C GLU A 21 13.56 3.87 2.62
N GLU A 22 12.85 4.24 1.56
CA GLU A 22 12.95 5.60 1.01
C GLU A 22 12.79 6.64 2.12
N GLY A 23 11.56 6.80 2.60
CA GLY A 23 11.31 7.77 3.65
C GLY A 23 9.84 8.13 3.76
N PRO A 24 9.31 8.79 2.72
CA PRO A 24 7.91 9.21 2.68
C PRO A 24 6.95 8.03 2.53
N ASP A 25 5.67 8.28 2.78
CA ASP A 25 4.67 7.23 2.68
C ASP A 25 4.22 7.04 1.24
N VAL A 26 3.33 6.08 1.01
CA VAL A 26 2.83 5.79 -0.32
C VAL A 26 1.31 5.64 -0.33
N PHE A 27 0.70 5.97 -1.46
CA PHE A 27 -0.75 5.88 -1.59
C PHE A 27 -1.17 4.46 -1.98
N VAL A 28 -1.92 3.81 -1.10
CA VAL A 28 -2.39 2.45 -1.34
C VAL A 28 -3.90 2.35 -1.20
N HIS A 29 -4.51 1.53 -2.04
CA HIS A 29 -5.96 1.34 -2.00
C HIS A 29 -6.34 -0.10 -2.32
N PHE A 30 -7.54 -0.50 -1.92
CA PHE A 30 -8.01 -1.86 -2.16
C PHE A 30 -8.07 -2.16 -3.65
N THR A 31 -8.09 -1.10 -4.46
CA THR A 31 -8.14 -1.26 -5.91
C THR A 31 -6.75 -1.47 -6.49
N ALA A 32 -5.75 -1.56 -5.61
CA ALA A 32 -4.37 -1.77 -6.05
C ALA A 32 -3.79 -3.03 -5.42
N ILE A 33 -4.23 -3.35 -4.21
CA ILE A 33 -3.75 -4.53 -3.49
C ILE A 33 -3.84 -5.77 -4.37
N GLU A 34 -2.72 -6.47 -4.50
CA GLU A 34 -2.67 -7.68 -5.31
C GLU A 34 -2.63 -8.94 -4.42
N ALA A 35 -3.80 -9.48 -4.13
CA ALA A 35 -3.90 -10.67 -3.30
C ALA A 35 -4.97 -11.62 -3.82
N ASP A 36 -5.04 -12.81 -3.24
CA ASP A 36 -6.02 -13.81 -3.64
C ASP A 36 -7.15 -13.90 -2.64
N GLY A 37 -8.03 -12.91 -2.65
CA GLY A 37 -9.15 -12.89 -1.73
C GLY A 37 -9.17 -11.65 -0.85
N PHE A 38 -10.35 -11.08 -0.65
CA PHE A 38 -10.49 -9.88 0.16
C PHE A 38 -9.86 -10.09 1.54
N ARG A 39 -8.94 -9.19 1.90
CA ARG A 39 -8.26 -9.27 3.18
C ARG A 39 -7.59 -7.95 3.52
N THR A 40 -7.85 -7.45 4.73
CA THR A 40 -7.28 -6.19 5.18
C THR A 40 -5.84 -6.38 5.68
N LEU A 41 -5.19 -5.28 6.01
CA LEU A 41 -3.81 -5.34 6.50
C LEU A 41 -3.75 -4.98 7.99
N ASN A 42 -2.59 -5.23 8.59
CA ASN A 42 -2.41 -4.93 10.01
C ASN A 42 -1.25 -3.96 10.22
N GLU A 43 -1.51 -2.87 10.93
CA GLU A 43 -0.49 -1.86 11.20
C GLU A 43 0.75 -2.49 11.82
N GLY A 44 1.88 -2.35 11.14
CA GLY A 44 3.12 -2.92 11.65
C GLY A 44 3.61 -4.07 10.81
N GLU A 45 2.74 -4.61 9.96
CA GLU A 45 3.09 -5.72 9.10
C GLU A 45 3.83 -5.24 7.85
N HIS A 46 4.59 -6.13 7.23
CA HIS A 46 5.34 -5.80 6.02
C HIS A 46 4.53 -6.10 4.77
N VAL A 47 4.61 -5.21 3.79
CA VAL A 47 3.88 -5.38 2.54
C VAL A 47 4.56 -4.62 1.39
N GLU A 48 4.53 -5.21 0.20
CA GLU A 48 5.14 -4.59 -0.97
C GLU A 48 4.16 -3.66 -1.67
N PHE A 49 4.68 -2.77 -2.51
CA PHE A 49 3.86 -1.83 -3.23
C PHE A 49 4.62 -1.22 -4.40
N GLU A 50 3.99 -1.20 -5.58
CA GLU A 50 4.61 -0.66 -6.78
C GLU A 50 4.18 0.80 -7.00
N VAL A 51 5.05 1.73 -6.64
CA VAL A 51 4.77 3.14 -6.81
C VAL A 51 4.58 3.51 -8.28
N GLU A 52 3.42 4.08 -8.59
CA GLU A 52 3.11 4.47 -9.97
C GLU A 52 2.93 5.97 -10.07
N PRO A 53 3.16 6.52 -11.28
CA PRO A 53 3.03 7.94 -11.54
C PRO A 53 1.57 8.42 -11.50
N GLY A 54 0.90 8.36 -12.65
CA GLY A 54 -0.48 8.78 -12.72
C GLY A 54 -1.43 7.71 -12.25
N ARG A 55 -1.32 7.34 -10.97
CA ARG A 55 -2.18 6.31 -10.40
C ARG A 55 -2.75 6.77 -9.07
N GLY A 56 -1.91 7.39 -8.24
CA GLY A 56 -2.35 7.87 -6.96
C GLY A 56 -2.55 9.38 -6.93
N GLY A 57 -3.48 9.84 -6.08
CA GLY A 57 -3.74 11.26 -5.99
C GLY A 57 -2.48 12.07 -5.83
N LYS A 58 -1.71 11.77 -4.79
CA LYS A 58 -0.47 12.49 -4.53
C LYS A 58 0.60 12.13 -5.57
N GLY A 59 0.32 11.12 -6.37
CA GLY A 59 1.25 10.70 -7.40
C GLY A 59 1.65 9.25 -7.26
N PRO A 60 2.58 8.97 -6.33
CA PRO A 60 3.06 7.61 -6.08
C PRO A 60 2.01 6.72 -5.44
N GLN A 61 1.58 5.70 -6.17
CA GLN A 61 0.56 4.78 -5.67
C GLN A 61 1.10 3.36 -5.62
N ALA A 62 0.35 2.46 -4.98
CA ALA A 62 0.76 1.07 -4.86
C ALA A 62 0.09 0.21 -5.94
N LYS A 63 0.39 0.51 -7.19
CA LYS A 63 -0.18 -0.23 -8.32
C LYS A 63 -0.10 -1.74 -8.07
N LYS A 64 1.00 -2.18 -7.46
CA LYS A 64 1.19 -3.58 -7.16
C LYS A 64 1.60 -3.78 -5.70
N VAL A 65 0.63 -4.14 -4.87
CA VAL A 65 0.89 -4.37 -3.45
C VAL A 65 0.90 -5.85 -3.12
N ARG A 66 1.78 -6.24 -2.20
CA ARG A 66 1.90 -7.64 -1.80
C ARG A 66 1.90 -7.76 -0.28
N ARG A 67 1.44 -8.90 0.22
CA ARG A 67 1.40 -9.15 1.66
C ARG A 67 2.68 -9.82 2.13
N ILE A 68 3.27 -9.27 3.19
CA ILE A 68 4.50 -9.82 3.75
C ILE A 68 4.45 -9.85 5.27
N MET A 1 8.67 -0.95 -7.69
CA MET A 1 8.32 -1.98 -6.71
C MET A 1 9.11 -1.80 -5.42
N LYS A 2 8.42 -1.33 -4.38
CA LYS A 2 9.06 -1.10 -3.08
C LYS A 2 8.38 -1.93 -1.99
N LYS A 3 9.15 -2.31 -0.98
CA LYS A 3 8.61 -3.09 0.12
C LYS A 3 8.87 -2.40 1.46
N GLY A 4 7.84 -2.37 2.31
CA GLY A 4 7.97 -1.73 3.60
C GLY A 4 6.79 -2.00 4.51
N THR A 5 6.89 -1.59 5.77
CA THR A 5 5.81 -1.80 6.72
C THR A 5 4.65 -0.85 6.47
N VAL A 6 3.47 -1.21 6.96
CA VAL A 6 2.28 -0.39 6.78
C VAL A 6 2.01 0.47 8.00
N LYS A 7 1.84 1.77 7.77
CA LYS A 7 1.58 2.71 8.87
C LYS A 7 0.14 2.57 9.37
N TRP A 8 -0.78 2.31 8.45
CA TRP A 8 -2.19 2.16 8.80
C TRP A 8 -3.02 1.75 7.59
N PHE A 9 -4.04 0.94 7.82
CA PHE A 9 -4.90 0.48 6.74
C PHE A 9 -6.36 0.50 7.17
N ASN A 10 -7.12 1.47 6.65
CA ASN A 10 -8.53 1.60 6.99
C ASN A 10 -9.39 0.73 6.07
N ALA A 11 -10.06 -0.25 6.67
CA ALA A 11 -10.92 -1.16 5.92
C ALA A 11 -12.29 -0.54 5.67
N GLU A 12 -12.69 0.38 6.55
CA GLU A 12 -13.98 1.04 6.43
C GLU A 12 -14.08 1.80 5.10
N LYS A 13 -12.97 2.40 4.69
CA LYS A 13 -12.93 3.16 3.44
C LYS A 13 -12.24 2.36 2.34
N GLY A 14 -11.19 1.64 2.71
CA GLY A 14 -10.45 0.83 1.75
C GLY A 14 -9.20 1.54 1.26
N TYR A 15 -8.45 2.12 2.18
CA TYR A 15 -7.23 2.83 1.83
C TYR A 15 -6.19 2.72 2.95
N GLY A 16 -4.95 3.12 2.65
CA GLY A 16 -3.90 3.06 3.64
C GLY A 16 -2.59 3.64 3.13
N PHE A 17 -1.55 3.55 3.94
CA PHE A 17 -0.24 4.07 3.57
C PHE A 17 0.87 3.11 3.98
N ILE A 18 1.92 3.02 3.17
CA ILE A 18 3.04 2.15 3.45
C ILE A 18 4.34 2.94 3.54
N GLN A 19 5.20 2.54 4.48
CA GLN A 19 6.48 3.21 4.69
C GLN A 19 7.63 2.32 4.22
N GLN A 20 8.42 2.82 3.28
CA GLN A 20 9.56 2.09 2.75
C GLN A 20 10.87 2.63 3.30
N GLU A 21 11.98 2.14 2.77
CA GLU A 21 13.30 2.58 3.20
C GLU A 21 13.59 4.00 2.72
N GLU A 22 12.88 4.41 1.67
CA GLU A 22 13.06 5.74 1.11
C GLU A 22 12.87 6.81 2.19
N GLY A 23 11.63 7.06 2.56
CA GLY A 23 11.33 8.05 3.57
C GLY A 23 9.85 8.36 3.68
N PRO A 24 9.30 8.99 2.63
CA PRO A 24 7.88 9.36 2.58
C PRO A 24 6.98 8.14 2.45
N ASP A 25 5.69 8.34 2.72
CA ASP A 25 4.72 7.25 2.63
C ASP A 25 4.26 7.05 1.18
N VAL A 26 3.28 6.17 1.00
CA VAL A 26 2.74 5.89 -0.33
C VAL A 26 1.23 5.75 -0.30
N PHE A 27 0.59 6.07 -1.41
CA PHE A 27 -0.87 5.98 -1.51
C PHE A 27 -1.30 4.56 -1.88
N VAL A 28 -2.00 3.90 -0.96
CA VAL A 28 -2.48 2.55 -1.19
C VAL A 28 -3.99 2.46 -1.05
N HIS A 29 -4.61 1.61 -1.87
CA HIS A 29 -6.06 1.43 -1.83
C HIS A 29 -6.43 -0.01 -2.15
N PHE A 30 -7.64 -0.41 -1.74
CA PHE A 30 -8.12 -1.76 -1.98
C PHE A 30 -8.13 -2.08 -3.47
N THR A 31 -8.14 -1.03 -4.29
CA THR A 31 -8.16 -1.19 -5.74
C THR A 31 -6.74 -1.32 -6.30
N ALA A 32 -5.77 -1.42 -5.39
CA ALA A 32 -4.37 -1.56 -5.80
C ALA A 32 -3.67 -2.65 -5.02
N ILE A 33 -4.45 -3.38 -4.21
CA ILE A 33 -3.90 -4.46 -3.40
C ILE A 33 -3.96 -5.79 -4.15
N GLU A 34 -2.80 -6.43 -4.29
CA GLU A 34 -2.73 -7.72 -4.99
C GLU A 34 -2.47 -8.85 -4.01
N ALA A 35 -3.54 -9.46 -3.52
CA ALA A 35 -3.42 -10.57 -2.57
C ALA A 35 -4.22 -11.78 -3.03
N ASP A 36 -4.18 -12.84 -2.24
CA ASP A 36 -4.91 -14.05 -2.56
C ASP A 36 -6.11 -14.24 -1.65
N GLY A 37 -7.16 -13.45 -1.88
CA GLY A 37 -8.35 -13.55 -1.06
C GLY A 37 -8.69 -12.23 -0.39
N PHE A 38 -9.98 -11.91 -0.34
CA PHE A 38 -10.44 -10.67 0.28
C PHE A 38 -9.90 -10.55 1.70
N ARG A 39 -8.98 -9.61 1.90
CA ARG A 39 -8.40 -9.39 3.22
C ARG A 39 -7.78 -8.00 3.31
N THR A 40 -7.45 -7.58 4.53
CA THR A 40 -6.85 -6.27 4.76
C THR A 40 -5.45 -6.40 5.31
N LEU A 41 -4.84 -5.26 5.68
CA LEU A 41 -3.50 -5.25 6.22
C LEU A 41 -3.52 -4.93 7.72
N ASN A 42 -2.40 -5.17 8.38
CA ASN A 42 -2.28 -4.90 9.82
C ASN A 42 -1.11 -3.98 10.10
N GLU A 43 -1.37 -2.89 10.82
CA GLU A 43 -0.33 -1.93 11.17
C GLU A 43 0.87 -2.63 11.80
N GLY A 44 2.05 -2.40 11.22
CA GLY A 44 3.25 -3.02 11.74
C GLY A 44 3.74 -4.17 10.87
N GLU A 45 2.87 -4.64 9.98
CA GLU A 45 3.22 -5.74 9.10
C GLU A 45 3.92 -5.23 7.83
N HIS A 46 4.66 -6.12 7.19
CA HIS A 46 5.39 -5.76 5.97
C HIS A 46 4.55 -6.06 4.73
N VAL A 47 4.60 -5.16 3.76
CA VAL A 47 3.85 -5.33 2.52
C VAL A 47 4.50 -4.56 1.37
N GLU A 48 4.45 -5.15 0.17
CA GLU A 48 5.04 -4.52 -1.01
C GLU A 48 4.02 -3.60 -1.69
N PHE A 49 4.52 -2.71 -2.53
CA PHE A 49 3.66 -1.77 -3.25
C PHE A 49 4.41 -1.15 -4.43
N GLU A 50 3.76 -1.15 -5.59
CA GLU A 50 4.37 -0.60 -6.80
C GLU A 50 3.88 0.82 -7.03
N VAL A 51 4.71 1.80 -6.68
CA VAL A 51 4.36 3.20 -6.85
C VAL A 51 4.19 3.55 -8.33
N GLU A 52 3.02 4.08 -8.67
CA GLU A 52 2.74 4.45 -10.05
C GLU A 52 2.57 5.97 -10.18
N PRO A 53 2.70 6.47 -11.41
CA PRO A 53 2.57 7.91 -11.70
C PRO A 53 1.13 8.40 -11.55
N GLY A 54 0.38 8.37 -12.64
CA GLY A 54 -1.00 8.81 -12.60
C GLY A 54 -1.93 7.76 -12.05
N ARG A 55 -1.73 7.41 -10.78
CA ARG A 55 -2.56 6.40 -10.12
C ARG A 55 -2.99 6.89 -8.73
N GLY A 56 -2.06 7.51 -8.02
CA GLY A 56 -2.37 7.99 -6.68
C GLY A 56 -2.59 9.49 -6.65
N GLY A 57 -3.51 9.94 -5.80
CA GLY A 57 -3.80 11.36 -5.70
C GLY A 57 -2.55 12.20 -5.52
N LYS A 58 -1.66 11.75 -4.63
CA LYS A 58 -0.42 12.46 -4.37
C LYS A 58 0.64 12.12 -5.42
N GLY A 59 0.37 11.09 -6.22
CA GLY A 59 1.31 10.69 -7.24
C GLY A 59 1.62 9.20 -7.19
N PRO A 60 2.59 8.83 -6.35
CA PRO A 60 3.01 7.43 -6.18
C PRO A 60 1.95 6.59 -5.48
N GLN A 61 1.38 5.64 -6.22
CA GLN A 61 0.34 4.76 -5.67
C GLN A 61 0.84 3.32 -5.59
N ALA A 62 0.12 2.50 -4.82
CA ALA A 62 0.49 1.10 -4.66
C ALA A 62 -0.12 0.24 -5.77
N LYS A 63 0.17 0.60 -7.01
CA LYS A 63 -0.35 -0.13 -8.16
C LYS A 63 -0.31 -1.64 -7.89
N LYS A 64 0.84 -2.13 -7.44
CA LYS A 64 0.99 -3.55 -7.15
C LYS A 64 1.42 -3.77 -5.70
N VAL A 65 0.46 -4.08 -4.85
CA VAL A 65 0.74 -4.33 -3.44
C VAL A 65 0.79 -5.82 -3.12
N ARG A 66 1.69 -6.20 -2.22
CA ARG A 66 1.84 -7.60 -1.84
C ARG A 66 1.89 -7.74 -0.32
N ARG A 67 1.49 -8.90 0.18
CA ARG A 67 1.48 -9.17 1.61
C ARG A 67 2.80 -9.80 2.06
N ILE A 68 3.37 -9.27 3.13
CA ILE A 68 4.62 -9.78 3.65
C ILE A 68 4.61 -9.84 5.18
N MET A 1 8.73 -1.33 -7.93
CA MET A 1 8.18 -2.10 -6.83
C MET A 1 9.05 -1.97 -5.59
N LYS A 2 8.48 -1.44 -4.51
CA LYS A 2 9.21 -1.26 -3.26
C LYS A 2 8.49 -1.97 -2.12
N LYS A 3 9.27 -2.38 -1.11
CA LYS A 3 8.72 -3.07 0.04
C LYS A 3 8.88 -2.23 1.31
N GLY A 4 7.86 -2.25 2.17
CA GLY A 4 7.91 -1.49 3.39
C GLY A 4 6.76 -1.83 4.33
N THR A 5 6.86 -1.37 5.58
CA THR A 5 5.83 -1.63 6.57
C THR A 5 4.65 -0.67 6.40
N VAL A 6 3.49 -1.07 6.90
CA VAL A 6 2.30 -0.23 6.81
C VAL A 6 2.06 0.55 8.10
N LYS A 7 1.76 1.83 7.96
CA LYS A 7 1.51 2.69 9.11
C LYS A 7 0.07 2.58 9.57
N TRP A 8 -0.85 2.42 8.62
CA TRP A 8 -2.26 2.29 8.92
C TRP A 8 -3.06 1.87 7.69
N PHE A 9 -4.07 1.03 7.89
CA PHE A 9 -4.90 0.56 6.80
C PHE A 9 -6.37 0.57 7.19
N ASN A 10 -7.10 1.57 6.70
CA ASN A 10 -8.52 1.69 7.00
C ASN A 10 -9.35 0.77 6.11
N ALA A 11 -9.83 -0.32 6.68
CA ALA A 11 -10.64 -1.29 5.94
C ALA A 11 -12.06 -0.77 5.74
N GLU A 12 -12.47 0.18 6.58
CA GLU A 12 -13.80 0.75 6.50
C GLU A 12 -13.98 1.53 5.20
N LYS A 13 -12.91 2.18 4.76
CA LYS A 13 -12.94 2.95 3.52
C LYS A 13 -12.24 2.21 2.39
N GLY A 14 -11.12 1.55 2.72
CA GLY A 14 -10.39 0.81 1.72
C GLY A 14 -9.14 1.55 1.26
N TYR A 15 -8.39 2.10 2.22
CA TYR A 15 -7.18 2.83 1.90
C TYR A 15 -6.12 2.63 2.99
N GLY A 16 -4.90 3.06 2.70
CA GLY A 16 -3.82 2.92 3.67
C GLY A 16 -2.54 3.60 3.20
N PHE A 17 -1.54 3.62 4.07
CA PHE A 17 -0.26 4.23 3.75
C PHE A 17 0.89 3.30 4.11
N ILE A 18 1.86 3.19 3.21
CA ILE A 18 3.02 2.34 3.43
C ILE A 18 4.31 3.16 3.46
N GLN A 19 5.28 2.69 4.24
CA GLN A 19 6.56 3.38 4.36
C GLN A 19 7.70 2.47 3.93
N GLN A 20 8.50 2.96 2.98
CA GLN A 20 9.63 2.20 2.47
C GLN A 20 10.95 2.89 2.81
N GLU A 21 12.04 2.40 2.22
CA GLU A 21 13.36 2.96 2.46
C GLU A 21 13.61 4.17 1.56
N GLU A 22 12.86 4.25 0.47
CA GLU A 22 12.99 5.35 -0.48
C GLU A 22 11.63 5.92 -0.85
N GLY A 23 11.07 6.72 0.05
CA GLY A 23 9.78 7.33 -0.19
C GLY A 23 8.69 6.77 0.71
N PRO A 24 8.71 7.18 2.00
CA PRO A 24 7.73 6.71 2.98
C PRO A 24 6.34 7.28 2.73
N ASP A 25 5.34 6.68 3.36
CA ASP A 25 3.95 7.12 3.19
C ASP A 25 3.55 7.11 1.73
N VAL A 26 3.00 5.98 1.28
CA VAL A 26 2.56 5.84 -0.10
C VAL A 26 1.05 5.65 -0.19
N PHE A 27 0.46 6.16 -1.26
CA PHE A 27 -0.98 6.05 -1.47
C PHE A 27 -1.37 4.63 -1.85
N VAL A 28 -2.13 3.97 -0.97
CA VAL A 28 -2.57 2.61 -1.21
C VAL A 28 -4.07 2.47 -1.03
N HIS A 29 -4.69 1.61 -1.84
CA HIS A 29 -6.14 1.40 -1.76
C HIS A 29 -6.48 -0.06 -2.07
N PHE A 30 -7.67 -0.48 -1.67
CA PHE A 30 -8.12 -1.84 -1.89
C PHE A 30 -8.15 -2.16 -3.39
N THR A 31 -8.15 -1.11 -4.21
CA THR A 31 -8.19 -1.28 -5.66
C THR A 31 -6.78 -1.41 -6.23
N ALA A 32 -5.78 -1.42 -5.35
CA ALA A 32 -4.39 -1.54 -5.76
C ALA A 32 -3.69 -2.67 -5.01
N ILE A 33 -4.42 -3.33 -4.12
CA ILE A 33 -3.88 -4.42 -3.34
C ILE A 33 -3.99 -5.75 -4.08
N GLU A 34 -2.88 -6.47 -4.18
CA GLU A 34 -2.86 -7.76 -4.87
C GLU A 34 -2.68 -8.90 -3.87
N ALA A 35 -3.80 -9.37 -3.31
CA ALA A 35 -3.76 -10.47 -2.35
C ALA A 35 -4.57 -11.65 -2.84
N ASP A 36 -4.53 -12.75 -2.09
CA ASP A 36 -5.26 -13.95 -2.44
C ASP A 36 -6.35 -14.25 -1.42
N GLY A 37 -7.44 -13.51 -1.49
CA GLY A 37 -8.54 -13.71 -0.55
C GLY A 37 -8.92 -12.44 0.18
N PHE A 38 -8.77 -12.46 1.51
CA PHE A 38 -9.10 -11.30 2.32
C PHE A 38 -8.13 -10.16 2.06
N ARG A 39 -8.64 -9.10 1.43
CA ARG A 39 -7.81 -7.93 1.12
C ARG A 39 -7.77 -6.96 2.30
N THR A 40 -6.80 -7.16 3.19
CA THR A 40 -6.65 -6.30 4.36
C THR A 40 -5.22 -6.35 4.90
N LEU A 41 -4.76 -5.23 5.43
CA LEU A 41 -3.41 -5.16 5.98
C LEU A 41 -3.46 -4.90 7.48
N ASN A 42 -2.31 -5.09 8.15
CA ASN A 42 -2.22 -4.89 9.59
C ASN A 42 -1.06 -3.97 9.93
N GLU A 43 -1.35 -2.91 10.70
CA GLU A 43 -0.32 -1.95 11.10
C GLU A 43 0.87 -2.67 11.73
N GLY A 44 2.06 -2.38 11.21
CA GLY A 44 3.27 -3.01 11.73
C GLY A 44 3.75 -4.16 10.87
N GLU A 45 2.91 -4.57 9.91
CA GLU A 45 3.26 -5.66 9.02
C GLU A 45 3.97 -5.15 7.77
N HIS A 46 4.69 -6.05 7.10
CA HIS A 46 5.43 -5.69 5.90
C HIS A 46 4.60 -5.99 4.65
N VAL A 47 4.65 -5.08 3.67
CA VAL A 47 3.92 -5.26 2.43
C VAL A 47 4.55 -4.46 1.30
N GLU A 48 4.55 -5.03 0.10
CA GLU A 48 5.13 -4.38 -1.06
C GLU A 48 4.12 -3.48 -1.74
N PHE A 49 4.60 -2.52 -2.53
CA PHE A 49 3.74 -1.59 -3.24
C PHE A 49 4.47 -0.96 -4.42
N GLU A 50 3.81 -0.93 -5.57
CA GLU A 50 4.39 -0.37 -6.78
C GLU A 50 3.90 1.06 -7.00
N VAL A 51 4.72 2.04 -6.62
CA VAL A 51 4.38 3.44 -6.77
C VAL A 51 4.22 3.81 -8.25
N GLU A 52 3.06 4.37 -8.58
CA GLU A 52 2.78 4.77 -9.95
C GLU A 52 2.54 6.28 -10.04
N PRO A 53 2.70 6.83 -11.26
CA PRO A 53 2.51 8.26 -11.50
C PRO A 53 1.04 8.67 -11.41
N GLY A 54 0.34 8.61 -12.52
CA GLY A 54 -1.07 8.98 -12.54
C GLY A 54 -1.97 7.88 -12.01
N ARG A 55 -1.76 7.50 -10.75
CA ARG A 55 -2.55 6.45 -10.14
C ARG A 55 -3.06 6.89 -8.77
N GLY A 56 -2.21 7.58 -8.02
CA GLY A 56 -2.60 8.05 -6.70
C GLY A 56 -2.79 9.55 -6.65
N GLY A 57 -3.69 10.00 -5.79
CA GLY A 57 -3.96 11.43 -5.66
C GLY A 57 -2.69 12.24 -5.52
N LYS A 58 -1.90 11.93 -4.51
CA LYS A 58 -0.65 12.64 -4.25
C LYS A 58 0.39 12.30 -5.32
N GLY A 59 0.09 11.29 -6.13
CA GLY A 59 1.01 10.89 -7.18
C GLY A 59 1.40 9.43 -7.08
N PRO A 60 2.34 9.12 -6.18
CA PRO A 60 2.83 7.76 -5.96
C PRO A 60 1.77 6.86 -5.31
N GLN A 61 1.29 5.89 -6.06
CA GLN A 61 0.28 4.96 -5.55
C GLN A 61 0.82 3.53 -5.51
N ALA A 62 0.11 2.66 -4.80
CA ALA A 62 0.52 1.27 -4.68
C ALA A 62 -0.08 0.42 -5.80
N LYS A 63 0.20 0.79 -7.03
CA LYS A 63 -0.30 0.07 -8.20
C LYS A 63 -0.26 -1.43 -7.96
N LYS A 64 0.86 -1.92 -7.46
CA LYS A 64 1.03 -3.35 -7.19
C LYS A 64 1.47 -3.57 -5.74
N VAL A 65 0.51 -3.96 -4.90
CA VAL A 65 0.79 -4.21 -3.49
C VAL A 65 0.78 -5.71 -3.19
N ARG A 66 1.66 -6.13 -2.28
CA ARG A 66 1.76 -7.53 -1.90
C ARG A 66 1.84 -7.68 -0.39
N ARG A 67 1.37 -8.82 0.11
CA ARG A 67 1.38 -9.09 1.54
C ARG A 67 2.71 -9.71 1.97
N ILE A 68 3.27 -9.20 3.06
CA ILE A 68 4.54 -9.70 3.58
C ILE A 68 4.54 -9.71 5.10
N MET A 1 8.68 -1.45 -7.74
CA MET A 1 8.10 -2.21 -6.63
C MET A 1 8.98 -2.09 -5.39
N LYS A 2 8.43 -1.48 -4.34
CA LYS A 2 9.15 -1.32 -3.09
C LYS A 2 8.44 -2.03 -1.94
N LYS A 3 9.21 -2.43 -0.94
CA LYS A 3 8.66 -3.13 0.22
C LYS A 3 8.85 -2.30 1.49
N GLY A 4 7.80 -2.26 2.31
CA GLY A 4 7.87 -1.51 3.55
C GLY A 4 6.72 -1.82 4.48
N THR A 5 6.87 -1.46 5.75
CA THR A 5 5.84 -1.71 6.75
C THR A 5 4.68 -0.72 6.60
N VAL A 6 3.51 -1.11 7.08
CA VAL A 6 2.33 -0.26 7.00
C VAL A 6 2.09 0.47 8.33
N LYS A 7 1.79 1.76 8.25
CA LYS A 7 1.54 2.56 9.43
C LYS A 7 0.06 2.50 9.82
N TRP A 8 -0.81 2.39 8.82
CA TRP A 8 -2.25 2.32 9.06
C TRP A 8 -3.00 1.98 7.77
N PHE A 9 -4.00 1.13 7.89
CA PHE A 9 -4.80 0.72 6.75
C PHE A 9 -6.28 0.76 7.07
N ASN A 10 -6.94 1.84 6.65
CA ASN A 10 -8.38 2.00 6.90
C ASN A 10 -9.19 1.10 5.99
N ALA A 11 -9.49 -0.11 6.45
CA ALA A 11 -10.27 -1.06 5.68
C ALA A 11 -11.67 -0.54 5.42
N GLU A 12 -12.20 0.23 6.38
CA GLU A 12 -13.55 0.78 6.26
C GLU A 12 -13.64 1.69 5.03
N LYS A 13 -12.62 2.48 4.80
CA LYS A 13 -12.57 3.40 3.67
C LYS A 13 -12.04 2.70 2.42
N GLY A 14 -11.07 1.81 2.61
CA GLY A 14 -10.49 1.09 1.50
C GLY A 14 -9.16 1.69 1.06
N TYR A 15 -8.50 2.39 1.97
CA TYR A 15 -7.21 3.01 1.65
C TYR A 15 -6.19 2.74 2.74
N GLY A 16 -4.96 3.18 2.53
CA GLY A 16 -3.92 2.99 3.51
C GLY A 16 -2.61 3.64 3.11
N PHE A 17 -1.65 3.66 4.03
CA PHE A 17 -0.34 4.26 3.76
C PHE A 17 0.79 3.32 4.17
N ILE A 18 1.79 3.20 3.30
CA ILE A 18 2.93 2.33 3.58
C ILE A 18 4.22 3.14 3.68
N GLN A 19 5.16 2.63 4.46
CA GLN A 19 6.45 3.30 4.65
C GLN A 19 7.60 2.41 4.19
N GLN A 20 8.37 2.91 3.23
CA GLN A 20 9.51 2.15 2.70
C GLN A 20 10.82 2.87 3.02
N GLU A 21 11.90 2.42 2.39
CA GLU A 21 13.21 3.00 2.60
C GLU A 21 13.41 4.23 1.71
N GLU A 22 12.66 4.28 0.62
CA GLU A 22 12.75 5.39 -0.32
C GLU A 22 11.37 5.81 -0.81
N GLY A 23 10.66 6.58 0.02
CA GLY A 23 9.34 7.03 -0.34
C GLY A 23 8.27 6.55 0.63
N PRO A 24 8.32 7.06 1.87
CA PRO A 24 7.36 6.69 2.91
C PRO A 24 5.96 7.22 2.63
N ASP A 25 5.01 6.85 3.48
CA ASP A 25 3.62 7.29 3.32
C ASP A 25 3.20 7.26 1.85
N VAL A 26 2.99 6.05 1.33
CA VAL A 26 2.58 5.89 -0.06
C VAL A 26 1.08 5.70 -0.18
N PHE A 27 0.51 6.20 -1.27
CA PHE A 27 -0.93 6.08 -1.50
C PHE A 27 -1.30 4.65 -1.90
N VAL A 28 -2.07 3.99 -1.04
CA VAL A 28 -2.49 2.62 -1.29
C VAL A 28 -4.01 2.49 -1.19
N HIS A 29 -4.60 1.71 -2.10
CA HIS A 29 -6.04 1.50 -2.11
C HIS A 29 -6.37 0.02 -2.16
N PHE A 30 -7.58 -0.34 -1.72
CA PHE A 30 -8.02 -1.73 -1.72
C PHE A 30 -8.15 -2.26 -3.14
N THR A 31 -8.15 -1.35 -4.11
CA THR A 31 -8.27 -1.72 -5.51
C THR A 31 -6.90 -1.93 -6.15
N ALA A 32 -5.85 -1.60 -5.40
CA ALA A 32 -4.48 -1.75 -5.89
C ALA A 32 -3.77 -2.91 -5.19
N ILE A 33 -4.36 -3.38 -4.11
CA ILE A 33 -3.79 -4.48 -3.34
C ILE A 33 -3.83 -5.79 -4.14
N GLU A 34 -2.68 -6.43 -4.27
CA GLU A 34 -2.58 -7.68 -5.01
C GLU A 34 -2.28 -8.85 -4.07
N ALA A 35 -3.33 -9.53 -3.62
CA ALA A 35 -3.17 -10.67 -2.72
C ALA A 35 -4.06 -11.84 -3.15
N ASP A 36 -3.98 -12.93 -2.41
CA ASP A 36 -4.78 -14.11 -2.71
C ASP A 36 -6.01 -14.18 -1.83
N GLY A 37 -7.00 -13.33 -2.12
CA GLY A 37 -8.21 -13.32 -1.34
C GLY A 37 -8.49 -11.97 -0.72
N PHE A 38 -9.69 -11.44 -0.94
CA PHE A 38 -10.08 -10.15 -0.40
C PHE A 38 -9.83 -10.10 1.10
N ARG A 39 -8.86 -9.28 1.50
CA ARG A 39 -8.52 -9.13 2.92
C ARG A 39 -8.02 -7.72 3.21
N THR A 40 -7.48 -7.52 4.41
CA THR A 40 -6.96 -6.23 4.80
C THR A 40 -5.53 -6.34 5.33
N LEU A 41 -4.96 -5.21 5.71
CA LEU A 41 -3.59 -5.19 6.24
C LEU A 41 -3.58 -4.90 7.73
N ASN A 42 -2.46 -5.17 8.38
CA ASN A 42 -2.32 -4.94 9.81
C ASN A 42 -1.16 -4.00 10.11
N GLU A 43 -1.44 -2.94 10.86
CA GLU A 43 -0.42 -1.96 11.21
C GLU A 43 0.79 -2.64 11.83
N GLY A 44 1.97 -2.37 11.27
CA GLY A 44 3.19 -2.97 11.78
C GLY A 44 3.68 -4.11 10.92
N GLU A 45 2.83 -4.56 10.00
CA GLU A 45 3.18 -5.66 9.11
C GLU A 45 3.90 -5.15 7.86
N HIS A 46 4.63 -6.05 7.20
CA HIS A 46 5.36 -5.69 6.00
C HIS A 46 4.55 -6.00 4.74
N VAL A 47 4.59 -5.10 3.77
CA VAL A 47 3.87 -5.28 2.53
C VAL A 47 4.50 -4.50 1.38
N GLU A 48 4.50 -5.09 0.20
CA GLU A 48 5.08 -4.46 -0.98
C GLU A 48 4.07 -3.54 -1.66
N PHE A 49 4.58 -2.62 -2.48
CA PHE A 49 3.72 -1.67 -3.19
C PHE A 49 4.47 -1.04 -4.36
N GLU A 50 3.84 -1.06 -5.53
CA GLU A 50 4.45 -0.47 -6.73
C GLU A 50 3.97 0.95 -6.95
N VAL A 51 4.80 1.92 -6.56
CA VAL A 51 4.47 3.33 -6.71
C VAL A 51 4.27 3.68 -8.19
N GLU A 52 3.09 4.21 -8.50
CA GLU A 52 2.77 4.59 -9.87
C GLU A 52 2.71 6.12 -10.00
N PRO A 53 2.86 6.61 -11.25
CA PRO A 53 2.83 8.04 -11.54
C PRO A 53 1.43 8.64 -11.38
N GLY A 54 0.67 8.65 -12.47
CA GLY A 54 -0.68 9.19 -12.42
C GLY A 54 -1.69 8.18 -11.92
N ARG A 55 -1.51 7.73 -10.69
CA ARG A 55 -2.41 6.75 -10.09
C ARG A 55 -2.85 7.18 -8.70
N GLY A 56 -1.91 7.74 -7.95
CA GLY A 56 -2.20 8.19 -6.60
C GLY A 56 -2.38 9.69 -6.50
N GLY A 57 -3.27 10.13 -5.61
CA GLY A 57 -3.52 11.54 -5.45
C GLY A 57 -2.24 12.35 -5.32
N LYS A 58 -1.39 11.95 -4.38
CA LYS A 58 -0.12 12.63 -4.14
C LYS A 58 0.89 12.27 -5.21
N GLY A 59 0.57 11.27 -6.02
CA GLY A 59 1.47 10.83 -7.07
C GLY A 59 1.79 9.36 -7.00
N PRO A 60 2.69 8.99 -6.08
CA PRO A 60 3.11 7.60 -5.90
C PRO A 60 2.00 6.73 -5.29
N GLN A 61 1.49 5.79 -6.07
CA GLN A 61 0.43 4.91 -5.61
C GLN A 61 0.92 3.47 -5.52
N ALA A 62 0.17 2.64 -4.80
CA ALA A 62 0.53 1.23 -4.63
C ALA A 62 -0.08 0.38 -5.73
N LYS A 63 0.24 0.69 -6.98
CA LYS A 63 -0.27 -0.04 -8.12
C LYS A 63 -0.24 -1.55 -7.86
N LYS A 64 0.93 -2.05 -7.45
CA LYS A 64 1.10 -3.46 -7.15
C LYS A 64 1.53 -3.68 -5.71
N VAL A 65 0.57 -4.06 -4.86
CA VAL A 65 0.85 -4.30 -3.45
C VAL A 65 0.91 -5.78 -3.14
N ARG A 66 1.79 -6.16 -2.23
CA ARG A 66 1.95 -7.55 -1.85
C ARG A 66 1.97 -7.71 -0.34
N ARG A 67 1.58 -8.88 0.15
CA ARG A 67 1.56 -9.15 1.58
C ARG A 67 2.88 -9.76 2.05
N ILE A 68 3.42 -9.22 3.13
CA ILE A 68 4.68 -9.71 3.67
C ILE A 68 4.64 -9.77 5.20
N MET A 1 8.97 -2.00 -7.68
CA MET A 1 8.29 -2.56 -6.52
C MET A 1 9.13 -2.38 -5.26
N LYS A 2 8.56 -1.71 -4.26
CA LYS A 2 9.26 -1.48 -3.00
C LYS A 2 8.67 -2.33 -1.89
N LYS A 3 9.32 -2.32 -0.73
CA LYS A 3 8.86 -3.09 0.42
C LYS A 3 9.03 -2.29 1.71
N GLY A 4 7.95 -2.18 2.49
CA GLY A 4 8.00 -1.44 3.74
C GLY A 4 6.83 -1.75 4.64
N THR A 5 6.87 -1.23 5.86
CA THR A 5 5.80 -1.45 6.82
C THR A 5 4.60 -0.55 6.54
N VAL A 6 3.44 -0.94 7.03
CA VAL A 6 2.22 -0.17 6.83
C VAL A 6 1.90 0.67 8.06
N LYS A 7 1.56 1.94 7.83
CA LYS A 7 1.23 2.85 8.92
C LYS A 7 -0.21 2.64 9.39
N TRP A 8 -1.10 2.34 8.44
CA TRP A 8 -2.50 2.11 8.77
C TRP A 8 -3.28 1.70 7.52
N PHE A 9 -4.27 0.83 7.71
CA PHE A 9 -5.09 0.36 6.59
C PHE A 9 -6.57 0.37 6.97
N ASN A 10 -7.28 1.40 6.53
CA ASN A 10 -8.70 1.53 6.82
C ASN A 10 -9.53 0.61 5.92
N ALA A 11 -10.06 -0.46 6.49
CA ALA A 11 -10.87 -1.42 5.75
C ALA A 11 -12.27 -0.87 5.50
N GLU A 12 -12.68 0.08 6.33
CA GLU A 12 -14.01 0.68 6.21
C GLU A 12 -14.12 1.47 4.91
N LYS A 13 -13.00 2.01 4.44
CA LYS A 13 -12.97 2.79 3.22
C LYS A 13 -12.26 2.02 2.11
N GLY A 14 -11.17 1.35 2.47
CA GLY A 14 -10.42 0.59 1.49
C GLY A 14 -9.16 1.31 1.05
N TYR A 15 -8.45 1.91 2.00
CA TYR A 15 -7.23 2.63 1.71
C TYR A 15 -6.18 2.39 2.79
N GLY A 16 -4.97 2.89 2.54
CA GLY A 16 -3.90 2.72 3.51
C GLY A 16 -2.63 3.45 3.11
N PHE A 17 -1.67 3.51 4.01
CA PHE A 17 -0.40 4.18 3.74
C PHE A 17 0.78 3.29 4.13
N ILE A 18 1.77 3.21 3.23
CA ILE A 18 2.95 2.41 3.49
C ILE A 18 4.21 3.27 3.56
N GLN A 19 5.18 2.82 4.35
CA GLN A 19 6.43 3.56 4.51
C GLN A 19 7.62 2.70 4.09
N GLN A 20 8.47 3.25 3.23
CA GLN A 20 9.64 2.54 2.76
C GLN A 20 10.89 3.40 2.88
N GLU A 21 12.04 2.81 2.59
CA GLU A 21 13.31 3.53 2.67
C GLU A 21 13.42 4.56 1.55
N GLU A 22 12.57 4.42 0.54
CA GLU A 22 12.57 5.34 -0.60
C GLU A 22 11.15 5.70 -1.00
N GLY A 23 10.53 6.59 -0.22
CA GLY A 23 9.16 7.01 -0.52
C GLY A 23 8.19 6.60 0.57
N PRO A 24 8.27 7.27 1.73
CA PRO A 24 7.39 7.00 2.86
C PRO A 24 5.95 7.42 2.60
N ASP A 25 5.03 6.95 3.45
CA ASP A 25 3.62 7.28 3.31
C ASP A 25 3.20 7.27 1.85
N VAL A 26 2.92 6.07 1.32
CA VAL A 26 2.51 5.92 -0.07
C VAL A 26 1.01 5.70 -0.17
N PHE A 27 0.43 6.12 -1.29
CA PHE A 27 -1.00 5.98 -1.51
C PHE A 27 -1.35 4.55 -1.91
N VAL A 28 -2.11 3.87 -1.05
CA VAL A 28 -2.51 2.50 -1.31
C VAL A 28 -4.02 2.33 -1.14
N HIS A 29 -4.60 1.48 -1.99
CA HIS A 29 -6.05 1.23 -1.94
C HIS A 29 -6.35 -0.22 -2.29
N PHE A 30 -7.54 -0.68 -1.91
CA PHE A 30 -7.96 -2.05 -2.19
C PHE A 30 -7.96 -2.33 -3.69
N THR A 31 -7.98 -1.27 -4.48
CA THR A 31 -7.99 -1.39 -5.93
C THR A 31 -6.58 -1.55 -6.47
N ALA A 32 -5.60 -1.60 -5.58
CA ALA A 32 -4.20 -1.75 -5.97
C ALA A 32 -3.59 -3.00 -5.36
N ILE A 33 -4.05 -3.34 -4.15
CA ILE A 33 -3.54 -4.52 -3.46
C ILE A 33 -3.62 -5.77 -4.35
N GLU A 34 -2.50 -6.47 -4.47
CA GLU A 34 -2.45 -7.68 -5.28
C GLU A 34 -2.56 -8.94 -4.42
N ALA A 35 -3.80 -9.36 -4.17
CA ALA A 35 -4.05 -10.55 -3.36
C ALA A 35 -5.10 -11.44 -4.00
N ASP A 36 -5.21 -12.67 -3.50
CA ASP A 36 -6.18 -13.62 -4.02
C ASP A 36 -7.41 -13.68 -3.13
N GLY A 37 -8.25 -12.65 -3.21
CA GLY A 37 -9.45 -12.60 -2.40
C GLY A 37 -9.52 -11.37 -1.53
N PHE A 38 -10.33 -11.43 -0.47
CA PHE A 38 -10.48 -10.31 0.44
C PHE A 38 -9.58 -10.46 1.66
N ARG A 39 -8.56 -9.62 1.75
CA ARG A 39 -7.62 -9.66 2.88
C ARG A 39 -6.95 -8.31 3.07
N THR A 40 -7.29 -7.64 4.16
CA THR A 40 -6.72 -6.34 4.48
C THR A 40 -5.33 -6.47 5.08
N LEU A 41 -4.74 -5.35 5.49
CA LEU A 41 -3.42 -5.35 6.08
C LEU A 41 -3.48 -5.02 7.57
N ASN A 42 -2.37 -5.20 8.26
CA ASN A 42 -2.30 -4.92 9.69
C ASN A 42 -1.17 -3.95 10.01
N GLU A 43 -1.49 -2.88 10.74
CA GLU A 43 -0.49 -1.88 11.11
C GLU A 43 0.73 -2.54 11.76
N GLY A 44 1.91 -2.17 11.30
CA GLY A 44 3.13 -2.73 11.85
C GLY A 44 3.67 -3.88 11.02
N GLU A 45 2.85 -4.37 10.09
CA GLU A 45 3.25 -5.48 9.23
C GLU A 45 3.97 -4.97 7.99
N HIS A 46 4.73 -5.85 7.35
CA HIS A 46 5.47 -5.49 6.14
C HIS A 46 4.66 -5.82 4.89
N VAL A 47 4.74 -4.92 3.91
CA VAL A 47 4.01 -5.11 2.65
C VAL A 47 4.68 -4.35 1.51
N GLU A 48 4.70 -4.96 0.34
CA GLU A 48 5.31 -4.33 -0.84
C GLU A 48 4.30 -3.44 -1.56
N PHE A 49 4.81 -2.46 -2.30
CA PHE A 49 3.96 -1.54 -3.04
C PHE A 49 4.72 -0.91 -4.21
N GLU A 50 4.08 -0.90 -5.37
CA GLU A 50 4.70 -0.34 -6.57
C GLU A 50 4.17 1.06 -6.84
N VAL A 51 4.96 2.07 -6.46
CA VAL A 51 4.57 3.46 -6.65
C VAL A 51 4.40 3.77 -8.14
N GLU A 52 3.24 4.33 -8.48
CA GLU A 52 2.95 4.67 -9.88
C GLU A 52 2.71 6.17 -10.02
N PRO A 53 2.89 6.69 -11.25
CA PRO A 53 2.69 8.10 -11.55
C PRO A 53 1.23 8.53 -11.47
N GLY A 54 0.53 8.44 -12.60
CA GLY A 54 -0.86 8.82 -12.63
C GLY A 54 -1.77 7.72 -12.13
N ARG A 55 -1.61 7.36 -10.85
CA ARG A 55 -2.42 6.32 -10.23
C ARG A 55 -2.96 6.76 -8.89
N GLY A 56 -2.13 7.46 -8.12
CA GLY A 56 -2.55 7.95 -6.82
C GLY A 56 -2.78 9.45 -6.80
N GLY A 57 -3.72 9.90 -5.97
CA GLY A 57 -4.01 11.31 -5.88
C GLY A 57 -2.76 12.15 -5.69
N LYS A 58 -1.99 11.83 -4.66
CA LYS A 58 -0.76 12.56 -4.37
C LYS A 58 0.32 12.24 -5.40
N GLY A 59 0.08 11.21 -6.21
CA GLY A 59 1.03 10.83 -7.23
C GLY A 59 1.46 9.38 -7.11
N PRO A 60 2.37 9.09 -6.17
CA PRO A 60 2.88 7.74 -5.94
C PRO A 60 1.81 6.82 -5.32
N GLN A 61 1.38 5.83 -6.10
CA GLN A 61 0.37 4.89 -5.63
C GLN A 61 0.94 3.47 -5.53
N ALA A 62 0.23 2.60 -4.85
CA ALA A 62 0.67 1.22 -4.67
C ALA A 62 0.17 0.34 -5.82
N LYS A 63 0.51 0.72 -7.04
CA LYS A 63 0.10 -0.03 -8.22
C LYS A 63 0.15 -1.53 -7.96
N LYS A 64 1.27 -1.98 -7.39
CA LYS A 64 1.45 -3.39 -7.08
C LYS A 64 1.83 -3.58 -5.61
N VAL A 65 0.85 -3.96 -4.79
CA VAL A 65 1.09 -4.18 -3.37
C VAL A 65 1.10 -5.67 -3.05
N ARG A 66 1.96 -6.06 -2.11
CA ARG A 66 2.08 -7.46 -1.70
C ARG A 66 2.10 -7.58 -0.18
N ARG A 67 1.72 -8.74 0.32
CA ARG A 67 1.68 -8.98 1.76
C ARG A 67 3.00 -9.59 2.23
N ILE A 68 3.53 -9.06 3.33
CA ILE A 68 4.79 -9.56 3.88
C ILE A 68 4.74 -9.61 5.41
N MET A 1 8.84 -2.46 -7.91
CA MET A 1 8.09 -2.85 -6.71
C MET A 1 8.92 -2.61 -5.46
N LYS A 2 8.37 -1.84 -4.53
CA LYS A 2 9.05 -1.54 -3.28
C LYS A 2 8.51 -2.38 -2.14
N LYS A 3 9.17 -2.34 -0.99
CA LYS A 3 8.75 -3.09 0.17
C LYS A 3 8.98 -2.30 1.46
N GLY A 4 7.96 -2.27 2.32
CA GLY A 4 8.08 -1.54 3.57
C GLY A 4 6.90 -1.80 4.50
N THR A 5 7.01 -1.30 5.73
CA THR A 5 5.96 -1.49 6.72
C THR A 5 4.75 -0.62 6.39
N VAL A 6 3.58 -1.02 6.89
CA VAL A 6 2.35 -0.29 6.66
C VAL A 6 2.01 0.62 7.84
N LYS A 7 1.70 1.87 7.55
CA LYS A 7 1.35 2.84 8.58
C LYS A 7 -0.06 2.61 9.10
N TRP A 8 -0.96 2.22 8.20
CA TRP A 8 -2.35 1.95 8.56
C TRP A 8 -3.14 1.44 7.36
N PHE A 9 -4.08 0.54 7.62
CA PHE A 9 -4.91 -0.02 6.56
C PHE A 9 -6.39 0.16 6.86
N ASN A 10 -6.99 1.17 6.25
CA ASN A 10 -8.41 1.45 6.47
C ASN A 10 -9.28 0.50 5.65
N ALA A 11 -9.87 -0.48 6.32
CA ALA A 11 -10.73 -1.46 5.66
C ALA A 11 -12.14 -0.91 5.49
N GLU A 12 -12.54 -0.01 6.39
CA GLU A 12 -13.88 0.58 6.33
C GLU A 12 -14.00 1.53 5.14
N LYS A 13 -12.86 2.02 4.66
CA LYS A 13 -12.85 2.93 3.53
C LYS A 13 -12.24 2.27 2.30
N GLY A 14 -11.18 1.49 2.52
CA GLY A 14 -10.53 0.80 1.42
C GLY A 14 -9.25 1.49 0.97
N TYR A 15 -8.51 2.04 1.94
CA TYR A 15 -7.27 2.73 1.63
C TYR A 15 -6.18 2.35 2.62
N GLY A 16 -4.96 2.81 2.35
CA GLY A 16 -3.84 2.50 3.24
C GLY A 16 -2.59 3.28 2.88
N PHE A 17 -1.60 3.26 3.76
CA PHE A 17 -0.35 3.97 3.53
C PHE A 17 0.84 3.09 3.92
N ILE A 18 1.82 3.01 3.02
CA ILE A 18 3.01 2.21 3.26
C ILE A 18 4.27 3.08 3.23
N GLN A 19 5.26 2.70 4.01
CA GLN A 19 6.53 3.44 4.08
C GLN A 19 7.70 2.52 3.78
N GLN A 20 8.58 2.98 2.89
CA GLN A 20 9.76 2.20 2.52
C GLN A 20 11.03 2.83 3.08
N GLU A 21 12.18 2.26 2.73
CA GLU A 21 13.46 2.77 3.20
C GLU A 21 13.68 4.21 2.74
N GLU A 22 12.96 4.60 1.69
CA GLU A 22 13.07 5.94 1.15
C GLU A 22 12.87 6.99 2.25
N GLY A 23 11.63 7.15 2.69
CA GLY A 23 11.32 8.11 3.73
C GLY A 23 9.84 8.39 3.85
N PRO A 24 9.27 9.04 2.82
CA PRO A 24 7.85 9.37 2.79
C PRO A 24 6.97 8.15 2.62
N ASP A 25 5.65 8.33 2.82
CA ASP A 25 4.71 7.24 2.69
C ASP A 25 4.20 7.12 1.25
N VAL A 26 3.36 6.12 1.00
CA VAL A 26 2.81 5.89 -0.33
C VAL A 26 1.29 5.78 -0.27
N PHE A 27 0.65 6.17 -1.37
CA PHE A 27 -0.81 6.11 -1.46
C PHE A 27 -1.28 4.76 -2.00
N VAL A 28 -1.99 4.01 -1.17
CA VAL A 28 -2.50 2.70 -1.57
C VAL A 28 -4.02 2.63 -1.43
N HIS A 29 -4.66 1.94 -2.38
CA HIS A 29 -6.11 1.81 -2.35
C HIS A 29 -6.52 0.34 -2.53
N PHE A 30 -7.73 0.02 -2.10
CA PHE A 30 -8.24 -1.35 -2.21
C PHE A 30 -8.26 -1.81 -3.66
N THR A 31 -8.23 -0.85 -4.58
CA THR A 31 -8.23 -1.16 -6.00
C THR A 31 -6.82 -1.34 -6.55
N ALA A 32 -5.83 -1.18 -5.67
CA ALA A 32 -4.44 -1.33 -6.06
C ALA A 32 -3.78 -2.49 -5.33
N ILE A 33 -4.34 -2.85 -4.17
CA ILE A 33 -3.81 -3.94 -3.38
C ILE A 33 -3.97 -5.28 -4.11
N GLU A 34 -2.86 -6.00 -4.25
CA GLU A 34 -2.87 -7.29 -4.92
C GLU A 34 -2.59 -8.42 -3.93
N ALA A 35 -3.64 -8.91 -3.29
CA ALA A 35 -3.51 -9.99 -2.32
C ALA A 35 -4.17 -11.27 -2.83
N ASP A 36 -4.10 -12.32 -2.03
CA ASP A 36 -4.69 -13.61 -2.41
C ASP A 36 -5.83 -13.98 -1.46
N GLY A 37 -6.96 -13.31 -1.61
CA GLY A 37 -8.11 -13.59 -0.77
C GLY A 37 -8.58 -12.36 0.00
N PHE A 38 -9.89 -12.19 0.09
CA PHE A 38 -10.46 -11.05 0.80
C PHE A 38 -9.88 -10.94 2.21
N ARG A 39 -9.07 -9.91 2.43
CA ARG A 39 -8.46 -9.70 3.73
C ARG A 39 -7.78 -8.33 3.79
N THR A 40 -7.44 -7.89 5.00
CA THR A 40 -6.79 -6.60 5.19
C THR A 40 -5.38 -6.78 5.76
N LEU A 41 -4.73 -5.66 6.07
CA LEU A 41 -3.38 -5.69 6.62
C LEU A 41 -3.38 -5.28 8.08
N ASN A 42 -2.20 -5.29 8.70
CA ASN A 42 -2.06 -4.91 10.10
C ASN A 42 -0.94 -3.90 10.28
N GLU A 43 -1.26 -2.80 10.97
CA GLU A 43 -0.28 -1.75 11.22
C GLU A 43 0.98 -2.32 11.85
N GLY A 44 2.11 -2.14 11.17
CA GLY A 44 3.38 -2.65 11.68
C GLY A 44 3.92 -3.78 10.85
N GLU A 45 3.08 -4.36 10.01
CA GLU A 45 3.48 -5.48 9.15
C GLU A 45 4.14 -4.96 7.87
N HIS A 46 4.91 -5.82 7.23
CA HIS A 46 5.59 -5.46 5.99
C HIS A 46 4.74 -5.78 4.78
N VAL A 47 4.76 -4.89 3.79
CA VAL A 47 3.99 -5.08 2.57
C VAL A 47 4.63 -4.36 1.39
N GLU A 48 4.59 -4.99 0.22
CA GLU A 48 5.16 -4.42 -0.98
C GLU A 48 4.17 -3.49 -1.67
N PHE A 49 4.69 -2.56 -2.47
CA PHE A 49 3.84 -1.61 -3.18
C PHE A 49 4.59 -1.01 -4.38
N GLU A 50 3.93 -0.99 -5.53
CA GLU A 50 4.53 -0.44 -6.74
C GLU A 50 4.07 0.99 -6.98
N VAL A 51 4.92 1.94 -6.61
CA VAL A 51 4.60 3.35 -6.78
C VAL A 51 4.43 3.70 -8.26
N GLU A 52 3.27 4.26 -8.59
CA GLU A 52 2.97 4.64 -9.97
C GLU A 52 2.91 6.16 -10.11
N PRO A 53 3.15 6.65 -11.34
CA PRO A 53 3.12 8.08 -11.63
C PRO A 53 1.71 8.67 -11.56
N GLY A 54 1.01 8.68 -12.69
CA GLY A 54 -0.33 9.21 -12.73
C GLY A 54 -1.37 8.20 -12.28
N ARG A 55 -1.24 7.74 -11.04
CA ARG A 55 -2.18 6.77 -10.49
C ARG A 55 -2.64 7.19 -9.10
N GLY A 56 -1.72 7.74 -8.31
CA GLY A 56 -2.07 8.18 -6.97
C GLY A 56 -2.25 9.68 -6.88
N GLY A 57 -3.14 10.11 -6.00
CA GLY A 57 -3.40 11.53 -5.83
C GLY A 57 -2.12 12.33 -5.69
N LYS A 58 -1.32 11.99 -4.69
CA LYS A 58 -0.06 12.70 -4.45
C LYS A 58 0.99 12.30 -5.48
N GLY A 59 0.66 11.32 -6.32
CA GLY A 59 1.58 10.88 -7.34
C GLY A 59 1.91 9.40 -7.23
N PRO A 60 2.84 9.07 -6.32
CA PRO A 60 3.26 7.69 -6.09
C PRO A 60 2.18 6.85 -5.43
N GLN A 61 1.63 5.90 -6.19
CA GLN A 61 0.57 5.03 -5.67
C GLN A 61 1.05 3.59 -5.60
N ALA A 62 0.35 2.77 -4.82
CA ALA A 62 0.70 1.37 -4.66
C ALA A 62 0.08 0.53 -5.77
N LYS A 63 0.40 0.87 -7.02
CA LYS A 63 -0.12 0.13 -8.17
C LYS A 63 -0.14 -1.36 -7.90
N LYS A 64 0.98 -1.89 -7.40
CA LYS A 64 1.08 -3.30 -7.10
C LYS A 64 1.51 -3.52 -5.66
N VAL A 65 0.54 -3.80 -4.79
CA VAL A 65 0.81 -4.02 -3.38
C VAL A 65 0.79 -5.51 -3.05
N ARG A 66 1.70 -5.94 -2.19
CA ARG A 66 1.79 -7.34 -1.79
C ARG A 66 1.93 -7.46 -0.28
N ARG A 67 1.63 -8.65 0.25
CA ARG A 67 1.72 -8.90 1.69
C ARG A 67 3.09 -9.48 2.04
N ILE A 68 3.68 -8.96 3.11
CA ILE A 68 4.99 -9.42 3.56
C ILE A 68 5.03 -9.54 5.08
N MET A 1 7.19 -2.62 -6.10
CA MET A 1 8.51 -2.07 -6.40
C MET A 1 9.33 -1.92 -5.12
N LYS A 2 8.69 -1.44 -4.05
CA LYS A 2 9.37 -1.25 -2.78
C LYS A 2 8.67 -2.02 -1.67
N LYS A 3 9.43 -2.53 -0.72
CA LYS A 3 8.88 -3.28 0.41
C LYS A 3 9.09 -2.53 1.72
N GLY A 4 8.04 -2.46 2.52
CA GLY A 4 8.13 -1.78 3.81
C GLY A 4 6.93 -2.07 4.70
N THR A 5 7.01 -1.61 5.95
CA THR A 5 5.94 -1.84 6.91
C THR A 5 4.79 -0.85 6.68
N VAL A 6 3.57 -1.35 6.81
CA VAL A 6 2.38 -0.52 6.62
C VAL A 6 2.13 0.36 7.84
N LYS A 7 1.92 1.66 7.61
CA LYS A 7 1.65 2.59 8.69
C LYS A 7 0.23 2.44 9.22
N TRP A 8 -0.72 2.27 8.30
CA TRP A 8 -2.11 2.10 8.68
C TRP A 8 -2.96 1.75 7.46
N PHE A 9 -4.02 0.97 7.69
CA PHE A 9 -4.92 0.56 6.61
C PHE A 9 -6.37 0.65 7.05
N ASN A 10 -7.07 1.68 6.57
CA ASN A 10 -8.47 1.87 6.92
C ASN A 10 -9.38 1.07 5.99
N ALA A 11 -9.78 -0.11 6.44
CA ALA A 11 -10.65 -0.97 5.64
C ALA A 11 -12.02 -0.34 5.45
N GLU A 12 -12.39 0.55 6.37
CA GLU A 12 -13.68 1.22 6.30
C GLU A 12 -13.80 2.04 5.02
N LYS A 13 -12.69 2.62 4.60
CA LYS A 13 -12.67 3.43 3.38
C LYS A 13 -12.09 2.65 2.21
N GLY A 14 -11.07 1.84 2.50
CA GLY A 14 -10.44 1.05 1.46
C GLY A 14 -9.13 1.64 0.99
N TYR A 15 -8.42 2.31 1.89
CA TYR A 15 -7.15 2.94 1.56
C TYR A 15 -6.15 2.79 2.70
N GLY A 16 -4.92 3.24 2.47
CA GLY A 16 -3.90 3.15 3.49
C GLY A 16 -2.56 3.70 3.02
N PHE A 17 -1.55 3.63 3.89
CA PHE A 17 -0.23 4.13 3.56
C PHE A 17 0.84 3.15 4.01
N ILE A 18 1.91 3.04 3.22
CA ILE A 18 3.01 2.14 3.53
C ILE A 18 4.31 2.91 3.75
N GLN A 19 5.15 2.39 4.64
CA GLN A 19 6.43 3.03 4.94
C GLN A 19 7.60 2.19 4.44
N GLN A 20 8.30 2.70 3.43
CA GLN A 20 9.43 2.00 2.85
C GLN A 20 10.75 2.63 3.30
N GLU A 21 11.84 2.21 2.66
CA GLU A 21 13.17 2.74 2.99
C GLU A 21 13.31 4.19 2.52
N GLU A 22 12.56 4.54 1.49
CA GLU A 22 12.61 5.89 0.94
C GLU A 22 12.49 6.93 2.05
N GLY A 23 11.27 7.09 2.57
CA GLY A 23 11.04 8.05 3.63
C GLY A 23 9.57 8.44 3.75
N PRO A 24 9.05 9.11 2.71
CA PRO A 24 7.66 9.55 2.69
C PRO A 24 6.68 8.40 2.55
N ASP A 25 5.41 8.66 2.84
CA ASP A 25 4.38 7.63 2.75
C ASP A 25 3.96 7.40 1.30
N VAL A 26 3.18 6.35 1.07
CA VAL A 26 2.72 6.02 -0.28
C VAL A 26 1.20 5.83 -0.30
N PHE A 27 0.60 6.12 -1.44
CA PHE A 27 -0.85 5.98 -1.60
C PHE A 27 -1.23 4.55 -1.95
N VAL A 28 -1.97 3.91 -1.07
CA VAL A 28 -2.40 2.53 -1.28
C VAL A 28 -3.91 2.39 -1.16
N HIS A 29 -4.49 1.55 -2.00
CA HIS A 29 -5.94 1.33 -1.99
C HIS A 29 -6.27 -0.13 -2.26
N PHE A 30 -7.46 -0.55 -1.85
CA PHE A 30 -7.90 -1.93 -2.06
C PHE A 30 -7.92 -2.28 -3.54
N THR A 31 -7.97 -1.25 -4.39
CA THR A 31 -7.99 -1.46 -5.83
C THR A 31 -6.58 -1.61 -6.39
N ALA A 32 -5.60 -1.55 -5.51
CA ALA A 32 -4.21 -1.68 -5.92
C ALA A 32 -3.56 -2.91 -5.27
N ILE A 33 -4.15 -3.38 -4.18
CA ILE A 33 -3.64 -4.55 -3.47
C ILE A 33 -3.73 -5.79 -4.34
N GLU A 34 -2.61 -6.49 -4.48
CA GLU A 34 -2.56 -7.71 -5.28
C GLU A 34 -2.61 -8.95 -4.39
N ALA A 35 -3.82 -9.39 -4.06
CA ALA A 35 -3.99 -10.57 -3.22
C ALA A 35 -5.00 -11.53 -3.83
N ASP A 36 -5.00 -12.77 -3.34
CA ASP A 36 -5.92 -13.79 -3.85
C ASP A 36 -7.24 -13.75 -3.09
N GLY A 37 -8.06 -12.74 -3.39
CA GLY A 37 -9.34 -12.61 -2.73
C GLY A 37 -9.49 -11.28 -2.01
N PHE A 38 -10.45 -11.21 -1.10
CA PHE A 38 -10.70 -10.00 -0.34
C PHE A 38 -10.00 -10.05 1.02
N ARG A 39 -9.27 -8.99 1.34
CA ARG A 39 -8.55 -8.91 2.61
C ARG A 39 -7.98 -7.52 2.82
N THR A 40 -7.28 -7.33 3.94
CA THR A 40 -6.68 -6.05 4.26
C THR A 40 -5.28 -6.22 4.86
N LEU A 41 -4.69 -5.12 5.30
CA LEU A 41 -3.36 -5.16 5.89
C LEU A 41 -3.41 -4.90 7.39
N ASN A 42 -2.33 -5.21 8.09
CA ASN A 42 -2.26 -5.01 9.53
C ASN A 42 -1.10 -4.07 9.89
N GLU A 43 -1.42 -3.02 10.65
CA GLU A 43 -0.41 -2.06 11.07
C GLU A 43 0.77 -2.75 11.75
N GLY A 44 1.97 -2.56 11.19
CA GLY A 44 3.15 -3.18 11.76
C GLY A 44 3.63 -4.36 10.94
N GLU A 45 2.85 -4.74 9.93
CA GLU A 45 3.21 -5.86 9.07
C GLU A 45 3.97 -5.38 7.83
N HIS A 46 4.71 -6.29 7.22
CA HIS A 46 5.49 -5.97 6.03
C HIS A 46 4.68 -6.23 4.76
N VAL A 47 4.78 -5.30 3.80
CA VAL A 47 4.05 -5.42 2.55
C VAL A 47 4.73 -4.62 1.45
N GLU A 48 4.73 -5.17 0.24
CA GLU A 48 5.35 -4.50 -0.91
C GLU A 48 4.33 -3.61 -1.63
N PHE A 49 4.84 -2.67 -2.40
CA PHE A 49 3.97 -1.75 -3.15
C PHE A 49 4.74 -1.08 -4.29
N GLU A 50 4.16 -1.11 -5.48
CA GLU A 50 4.80 -0.52 -6.65
C GLU A 50 4.25 0.89 -6.90
N VAL A 51 5.02 1.90 -6.52
CA VAL A 51 4.61 3.28 -6.70
C VAL A 51 4.50 3.63 -8.19
N GLU A 52 3.32 4.10 -8.59
CA GLU A 52 3.07 4.47 -9.98
C GLU A 52 2.89 5.97 -10.12
N PRO A 53 3.11 6.49 -11.34
CA PRO A 53 2.97 7.91 -11.64
C PRO A 53 1.52 8.38 -11.60
N GLY A 54 0.85 8.30 -12.73
CA GLY A 54 -0.54 8.73 -12.80
C GLY A 54 -1.50 7.66 -12.31
N ARG A 55 -1.35 7.27 -11.04
CA ARG A 55 -2.21 6.25 -10.45
C ARG A 55 -2.76 6.72 -9.10
N GLY A 56 -1.91 7.36 -8.31
CA GLY A 56 -2.34 7.85 -7.01
C GLY A 56 -2.51 9.35 -6.99
N GLY A 57 -3.43 9.82 -6.15
CA GLY A 57 -3.68 11.25 -6.04
C GLY A 57 -2.41 12.05 -5.88
N LYS A 58 -1.64 11.75 -4.83
CA LYS A 58 -0.39 12.44 -4.56
C LYS A 58 0.67 12.07 -5.59
N GLY A 59 0.37 11.07 -6.41
CA GLY A 59 1.30 10.64 -7.44
C GLY A 59 1.68 9.18 -7.30
N PRO A 60 2.61 8.89 -6.38
CA PRO A 60 3.07 7.52 -6.14
C PRO A 60 2.02 6.65 -5.48
N GLN A 61 1.53 5.65 -6.21
CA GLN A 61 0.51 4.75 -5.69
C GLN A 61 1.03 3.32 -5.61
N ALA A 62 0.33 2.47 -4.88
CA ALA A 62 0.71 1.08 -4.72
C ALA A 62 0.16 0.22 -5.85
N LYS A 63 0.51 0.58 -7.08
CA LYS A 63 0.05 -0.15 -8.26
C LYS A 63 0.13 -1.66 -8.03
N LYS A 64 1.23 -2.11 -7.44
CA LYS A 64 1.44 -3.52 -7.16
C LYS A 64 1.82 -3.74 -5.70
N VAL A 65 0.83 -4.10 -4.89
CA VAL A 65 1.05 -4.35 -3.47
C VAL A 65 1.04 -5.84 -3.15
N ARG A 66 1.91 -6.25 -2.24
CA ARG A 66 2.01 -7.65 -1.85
C ARG A 66 2.04 -7.80 -0.33
N ARG A 67 1.59 -8.94 0.17
CA ARG A 67 1.57 -9.20 1.60
C ARG A 67 2.87 -9.88 2.05
N ILE A 68 3.43 -9.39 3.14
CA ILE A 68 4.67 -9.94 3.68
C ILE A 68 4.63 -10.04 5.19
N MET A 1 8.56 -1.88 -7.72
CA MET A 1 8.28 -2.88 -6.71
C MET A 1 9.06 -2.61 -5.43
N LYS A 2 8.44 -1.90 -4.50
CA LYS A 2 9.08 -1.57 -3.23
C LYS A 2 8.44 -2.36 -2.09
N LYS A 3 9.15 -2.41 -0.96
CA LYS A 3 8.66 -3.13 0.21
C LYS A 3 8.89 -2.32 1.48
N GLY A 4 7.85 -2.23 2.32
CA GLY A 4 7.96 -1.48 3.56
C GLY A 4 6.80 -1.75 4.49
N THR A 5 6.90 -1.24 5.72
CA THR A 5 5.86 -1.43 6.72
C THR A 5 4.66 -0.52 6.43
N VAL A 6 3.50 -0.91 6.94
CA VAL A 6 2.27 -0.14 6.74
C VAL A 6 1.98 0.75 7.94
N LYS A 7 1.68 2.01 7.66
CA LYS A 7 1.38 2.97 8.72
C LYS A 7 -0.05 2.79 9.23
N TRP A 8 -0.95 2.45 8.33
CA TRP A 8 -2.35 2.24 8.68
C TRP A 8 -3.16 1.77 7.48
N PHE A 9 -4.14 0.90 7.74
CA PHE A 9 -4.99 0.37 6.67
C PHE A 9 -6.46 0.36 7.09
N ASN A 10 -7.27 1.16 6.40
CA ASN A 10 -8.69 1.24 6.71
C ASN A 10 -9.51 0.37 5.76
N ALA A 11 -10.18 -0.62 6.31
CA ALA A 11 -11.00 -1.52 5.51
C ALA A 11 -12.40 -0.95 5.28
N GLU A 12 -12.81 -0.04 6.17
CA GLU A 12 -14.12 0.59 6.06
C GLU A 12 -14.22 1.46 4.81
N LYS A 13 -13.06 1.93 4.34
CA LYS A 13 -13.02 2.77 3.15
C LYS A 13 -12.25 2.08 2.03
N GLY A 14 -11.17 1.41 2.38
CA GLY A 14 -10.37 0.71 1.38
C GLY A 14 -9.13 1.49 0.98
N TYR A 15 -8.37 1.96 1.96
CA TYR A 15 -7.17 2.73 1.70
C TYR A 15 -6.10 2.45 2.75
N GLY A 16 -4.88 2.88 2.47
CA GLY A 16 -3.78 2.67 3.40
C GLY A 16 -2.51 3.39 2.98
N PHE A 17 -1.51 3.39 3.85
CA PHE A 17 -0.24 4.05 3.57
C PHE A 17 0.93 3.16 3.96
N ILE A 18 1.91 3.06 3.08
CA ILE A 18 3.10 2.25 3.33
C ILE A 18 4.36 3.10 3.31
N GLN A 19 5.33 2.71 4.14
CA GLN A 19 6.59 3.44 4.23
C GLN A 19 7.77 2.53 3.88
N GLN A 20 8.57 2.96 2.91
CA GLN A 20 9.73 2.17 2.49
C GLN A 20 11.02 2.74 3.08
N GLU A 21 12.15 2.19 2.67
CA GLU A 21 13.44 2.64 3.17
C GLU A 21 13.74 4.07 2.71
N GLU A 22 13.08 4.48 1.62
CA GLU A 22 13.27 5.82 1.09
C GLU A 22 13.07 6.88 2.18
N GLY A 23 11.82 7.03 2.61
CA GLY A 23 11.52 8.01 3.65
C GLY A 23 10.03 8.29 3.76
N PRO A 24 9.47 8.92 2.73
CA PRO A 24 8.03 9.26 2.69
C PRO A 24 7.15 8.03 2.54
N ASP A 25 5.85 8.21 2.74
CA ASP A 25 4.90 7.11 2.63
C ASP A 25 4.41 6.97 1.19
N VAL A 26 3.47 6.05 0.97
CA VAL A 26 2.92 5.81 -0.35
C VAL A 26 1.40 5.71 -0.30
N PHE A 27 0.75 6.08 -1.40
CA PHE A 27 -0.70 6.04 -1.49
C PHE A 27 -1.18 4.67 -1.97
N VAL A 28 -1.90 3.97 -1.10
CA VAL A 28 -2.42 2.64 -1.44
C VAL A 28 -3.92 2.59 -1.27
N HIS A 29 -4.59 1.83 -2.15
CA HIS A 29 -6.03 1.68 -2.09
C HIS A 29 -6.46 0.29 -2.53
N PHE A 30 -7.70 -0.08 -2.21
CA PHE A 30 -8.23 -1.39 -2.58
C PHE A 30 -8.19 -1.59 -4.09
N THR A 31 -8.11 -0.48 -4.82
CA THR A 31 -8.06 -0.54 -6.27
C THR A 31 -6.64 -0.77 -6.79
N ALA A 32 -5.71 -0.98 -5.85
CA ALA A 32 -4.32 -1.21 -6.20
C ALA A 32 -3.81 -2.51 -5.57
N ILE A 33 -4.31 -2.81 -4.38
CA ILE A 33 -3.90 -4.02 -3.67
C ILE A 33 -4.01 -5.25 -4.56
N GLU A 34 -2.94 -6.04 -4.61
CA GLU A 34 -2.92 -7.25 -5.42
C GLU A 34 -3.11 -8.49 -4.56
N ALA A 35 -4.37 -8.88 -4.36
CA ALA A 35 -4.68 -10.06 -3.56
C ALA A 35 -5.69 -10.94 -4.27
N ASP A 36 -5.97 -12.11 -3.67
CA ASP A 36 -6.93 -13.05 -4.24
C ASP A 36 -8.13 -13.23 -3.32
N GLY A 37 -9.02 -12.24 -3.31
CA GLY A 37 -10.20 -12.32 -2.47
C GLY A 37 -10.30 -11.15 -1.50
N PHE A 38 -10.99 -11.37 -0.39
CA PHE A 38 -11.16 -10.32 0.61
C PHE A 38 -10.08 -10.43 1.69
N ARG A 39 -9.24 -9.40 1.79
CA ARG A 39 -8.16 -9.38 2.77
C ARG A 39 -7.76 -7.95 3.10
N THR A 40 -6.95 -7.79 4.15
CA THR A 40 -6.50 -6.47 4.56
C THR A 40 -5.11 -6.55 5.20
N LEU A 41 -4.56 -5.39 5.53
CA LEU A 41 -3.23 -5.33 6.15
C LEU A 41 -3.33 -4.92 7.62
N ASN A 42 -2.22 -5.04 8.34
CA ASN A 42 -2.19 -4.69 9.75
C ASN A 42 -1.01 -3.76 10.04
N GLU A 43 -1.30 -2.66 10.75
CA GLU A 43 -0.26 -1.70 11.09
C GLU A 43 0.94 -2.37 11.75
N GLY A 44 2.13 -2.07 11.26
CA GLY A 44 3.33 -2.66 11.80
C GLY A 44 3.84 -3.81 10.95
N GLU A 45 3.00 -4.31 10.06
CA GLU A 45 3.37 -5.42 9.19
C GLU A 45 4.04 -4.91 7.91
N HIS A 46 4.79 -5.78 7.26
CA HIS A 46 5.47 -5.41 6.02
C HIS A 46 4.62 -5.75 4.80
N VAL A 47 4.65 -4.88 3.80
CA VAL A 47 3.88 -5.08 2.58
C VAL A 47 4.52 -4.38 1.40
N GLU A 48 4.49 -5.03 0.24
CA GLU A 48 5.08 -4.47 -0.97
C GLU A 48 4.11 -3.50 -1.64
N PHE A 49 4.64 -2.66 -2.53
CA PHE A 49 3.83 -1.69 -3.24
C PHE A 49 4.60 -1.08 -4.41
N GLU A 50 3.97 -1.06 -5.58
CA GLU A 50 4.60 -0.51 -6.78
C GLU A 50 4.13 0.93 -7.02
N VAL A 51 4.98 1.88 -6.65
CA VAL A 51 4.67 3.30 -6.82
C VAL A 51 4.53 3.65 -8.30
N GLU A 52 3.37 4.18 -8.67
CA GLU A 52 3.11 4.56 -10.05
C GLU A 52 2.85 6.06 -10.17
N PRO A 53 2.99 6.60 -11.39
CA PRO A 53 2.79 8.02 -11.66
C PRO A 53 1.32 8.42 -11.54
N GLY A 54 0.59 8.33 -12.65
CA GLY A 54 -0.81 8.69 -12.65
C GLY A 54 -1.68 7.62 -12.02
N ARG A 55 -1.44 7.34 -10.74
CA ARG A 55 -2.20 6.33 -10.02
C ARG A 55 -2.69 6.86 -8.68
N GLY A 56 -1.82 7.60 -7.99
CA GLY A 56 -2.18 8.17 -6.70
C GLY A 56 -2.26 9.69 -6.73
N GLY A 57 -3.13 10.24 -5.91
CA GLY A 57 -3.29 11.69 -5.86
C GLY A 57 -1.97 12.40 -5.72
N LYS A 58 -1.21 12.05 -4.68
CA LYS A 58 0.08 12.67 -4.43
C LYS A 58 1.09 12.28 -5.50
N GLY A 59 0.74 11.26 -6.29
CA GLY A 59 1.63 10.80 -7.34
C GLY A 59 1.94 9.33 -7.24
N PRO A 60 2.88 8.98 -6.33
CA PRO A 60 3.29 7.59 -6.12
C PRO A 60 2.20 6.76 -5.45
N GLN A 61 1.68 5.79 -6.17
CA GLN A 61 0.63 4.92 -5.65
C GLN A 61 1.09 3.47 -5.58
N ALA A 62 0.36 2.65 -4.84
CA ALA A 62 0.72 1.24 -4.69
C ALA A 62 0.08 0.41 -5.80
N LYS A 63 0.38 0.77 -7.04
CA LYS A 63 -0.16 0.05 -8.19
C LYS A 63 -0.12 -1.45 -7.96
N LYS A 64 0.97 -1.91 -7.34
CA LYS A 64 1.13 -3.34 -7.06
C LYS A 64 1.52 -3.56 -5.60
N VAL A 65 0.51 -3.78 -4.76
CA VAL A 65 0.73 -4.02 -3.34
C VAL A 65 0.70 -5.50 -3.01
N ARG A 66 1.61 -5.94 -2.15
CA ARG A 66 1.68 -7.34 -1.75
C ARG A 66 1.83 -7.47 -0.23
N ARG A 67 1.54 -8.66 0.28
CA ARG A 67 1.64 -8.91 1.72
C ARG A 67 3.00 -9.47 2.07
N ILE A 68 3.59 -8.94 3.14
CA ILE A 68 4.91 -9.38 3.59
C ILE A 68 4.96 -9.50 5.11
N MET A 1 7.91 -1.22 -7.23
CA MET A 1 8.29 -2.47 -6.56
C MET A 1 9.08 -2.19 -5.29
N LYS A 2 8.42 -1.54 -4.33
CA LYS A 2 9.06 -1.21 -3.06
C LYS A 2 8.38 -1.94 -1.91
N LYS A 3 9.19 -2.40 -0.95
CA LYS A 3 8.68 -3.11 0.21
C LYS A 3 8.90 -2.32 1.48
N GLY A 4 7.87 -2.24 2.33
CA GLY A 4 7.97 -1.51 3.57
C GLY A 4 6.82 -1.80 4.51
N THR A 5 6.94 -1.31 5.75
CA THR A 5 5.90 -1.52 6.75
C THR A 5 4.74 -0.55 6.55
N VAL A 6 3.58 -0.91 7.07
CA VAL A 6 2.38 -0.08 6.95
C VAL A 6 2.13 0.70 8.23
N LYS A 7 1.81 1.98 8.09
CA LYS A 7 1.54 2.84 9.23
C LYS A 7 0.08 2.73 9.66
N TRP A 8 -0.81 2.57 8.68
CA TRP A 8 -2.23 2.46 8.95
C TRP A 8 -2.99 2.02 7.70
N PHE A 9 -3.99 1.16 7.89
CA PHE A 9 -4.79 0.67 6.78
C PHE A 9 -6.26 0.53 7.19
N ASN A 10 -7.08 1.50 6.78
CA ASN A 10 -8.50 1.47 7.11
C ASN A 10 -9.28 0.64 6.11
N ALA A 11 -9.95 -0.40 6.59
CA ALA A 11 -10.73 -1.28 5.73
C ALA A 11 -12.13 -0.72 5.51
N GLU A 12 -12.56 0.17 6.41
CA GLU A 12 -13.88 0.77 6.31
C GLU A 12 -14.01 1.59 5.04
N LYS A 13 -12.93 2.27 4.67
CA LYS A 13 -12.92 3.10 3.46
C LYS A 13 -12.23 2.38 2.31
N GLY A 14 -11.15 1.66 2.62
CA GLY A 14 -10.42 0.93 1.60
C GLY A 14 -9.17 1.66 1.15
N TYR A 15 -8.46 2.24 2.10
CA TYR A 15 -7.24 2.98 1.81
C TYR A 15 -6.18 2.76 2.89
N GLY A 16 -4.97 3.21 2.62
CA GLY A 16 -3.89 3.06 3.59
C GLY A 16 -2.60 3.70 3.13
N PHE A 17 -1.60 3.73 4.01
CA PHE A 17 -0.31 4.33 3.68
C PHE A 17 0.83 3.39 4.08
N ILE A 18 1.80 3.24 3.19
CA ILE A 18 2.96 2.38 3.45
C ILE A 18 4.24 3.20 3.50
N GLN A 19 5.18 2.74 4.33
CA GLN A 19 6.47 3.42 4.47
C GLN A 19 7.61 2.52 4.02
N GLN A 20 8.37 3.00 3.04
CA GLN A 20 9.50 2.24 2.51
C GLN A 20 10.82 2.92 2.85
N GLU A 21 11.91 2.42 2.27
CA GLU A 21 13.23 2.98 2.51
C GLU A 21 13.50 4.17 1.60
N GLU A 22 12.72 4.26 0.52
CA GLU A 22 12.87 5.36 -0.43
C GLU A 22 11.51 5.94 -0.82
N GLY A 23 10.95 6.76 0.05
CA GLY A 23 9.66 7.36 -0.21
C GLY A 23 8.56 6.81 0.68
N PRO A 24 8.58 7.21 1.97
CA PRO A 24 7.59 6.77 2.94
C PRO A 24 6.21 7.34 2.68
N ASP A 25 5.19 6.74 3.29
CA ASP A 25 3.81 7.20 3.12
C ASP A 25 3.42 7.17 1.65
N VAL A 26 2.89 6.04 1.20
CA VAL A 26 2.47 5.89 -0.19
C VAL A 26 0.96 5.70 -0.28
N PHE A 27 0.37 6.15 -1.38
CA PHE A 27 -1.07 6.04 -1.60
C PHE A 27 -1.45 4.60 -1.94
N VAL A 28 -2.20 3.97 -1.05
CA VAL A 28 -2.63 2.60 -1.25
C VAL A 28 -4.14 2.46 -1.05
N HIS A 29 -4.77 1.62 -1.87
CA HIS A 29 -6.20 1.40 -1.78
C HIS A 29 -6.55 -0.06 -2.10
N PHE A 30 -7.74 -0.48 -1.69
CA PHE A 30 -8.20 -1.85 -1.94
C PHE A 30 -8.26 -2.14 -3.43
N THR A 31 -8.27 -1.08 -4.24
CA THR A 31 -8.33 -1.23 -5.68
C THR A 31 -6.93 -1.41 -6.27
N ALA A 32 -5.93 -1.49 -5.41
CA ALA A 32 -4.55 -1.67 -5.84
C ALA A 32 -3.94 -2.92 -5.23
N ILE A 33 -4.38 -3.26 -4.02
CA ILE A 33 -3.87 -4.44 -3.32
C ILE A 33 -3.97 -5.68 -4.21
N GLU A 34 -2.84 -6.38 -4.34
CA GLU A 34 -2.80 -7.59 -5.16
C GLU A 34 -2.67 -8.84 -4.28
N ALA A 35 -3.82 -9.36 -3.84
CA ALA A 35 -3.83 -10.55 -3.00
C ALA A 35 -4.84 -11.57 -3.51
N ASP A 36 -4.78 -12.77 -2.96
CA ASP A 36 -5.70 -13.84 -3.36
C ASP A 36 -6.91 -13.90 -2.43
N GLY A 37 -7.82 -12.95 -2.57
CA GLY A 37 -9.00 -12.92 -1.74
C GLY A 37 -9.12 -11.62 -0.95
N PHE A 38 -10.34 -11.10 -0.87
CA PHE A 38 -10.58 -9.85 -0.14
C PHE A 38 -10.01 -9.92 1.28
N ARG A 39 -8.96 -9.16 1.52
CA ARG A 39 -8.31 -9.14 2.83
C ARG A 39 -7.94 -7.71 3.23
N THR A 40 -7.17 -7.59 4.30
CA THR A 40 -6.74 -6.28 4.79
C THR A 40 -5.32 -6.33 5.32
N LEU A 41 -4.79 -5.16 5.69
CA LEU A 41 -3.43 -5.08 6.22
C LEU A 41 -3.46 -4.75 7.72
N ASN A 42 -2.33 -4.99 8.38
CA ASN A 42 -2.22 -4.72 9.81
C ASN A 42 -1.05 -3.77 10.10
N GLU A 43 -1.34 -2.71 10.85
CA GLU A 43 -0.31 -1.73 11.19
C GLU A 43 0.91 -2.41 11.81
N GLY A 44 2.09 -2.10 11.29
CA GLY A 44 3.31 -2.69 11.81
C GLY A 44 3.80 -3.84 10.96
N GLU A 45 2.94 -4.32 10.07
CA GLU A 45 3.29 -5.45 9.19
C GLU A 45 3.99 -4.95 7.93
N HIS A 46 4.71 -5.85 7.27
CA HIS A 46 5.43 -5.50 6.05
C HIS A 46 4.61 -5.84 4.82
N VAL A 47 4.63 -4.94 3.83
CA VAL A 47 3.89 -5.15 2.60
C VAL A 47 4.52 -4.39 1.44
N GLU A 48 4.49 -5.00 0.25
CA GLU A 48 5.07 -4.38 -0.94
C GLU A 48 4.06 -3.48 -1.62
N PHE A 49 4.55 -2.60 -2.50
CA PHE A 49 3.68 -1.68 -3.23
C PHE A 49 4.43 -1.04 -4.39
N GLU A 50 3.81 -1.04 -5.56
CA GLU A 50 4.42 -0.46 -6.75
C GLU A 50 3.91 0.96 -6.99
N VAL A 51 4.72 1.94 -6.62
CA VAL A 51 4.35 3.34 -6.79
C VAL A 51 4.24 3.70 -8.26
N GLU A 52 3.07 4.19 -8.65
CA GLU A 52 2.83 4.57 -10.04
C GLU A 52 2.55 6.07 -10.15
N PRO A 53 2.73 6.63 -11.35
CA PRO A 53 2.50 8.05 -11.62
C PRO A 53 1.02 8.41 -11.57
N GLY A 54 0.35 8.32 -12.73
CA GLY A 54 -1.06 8.64 -12.80
C GLY A 54 -1.93 7.53 -12.23
N ARG A 55 -1.74 7.22 -10.95
CA ARG A 55 -2.51 6.18 -10.29
C ARG A 55 -3.07 6.66 -8.96
N GLY A 56 -2.24 7.39 -8.21
CA GLY A 56 -2.67 7.91 -6.93
C GLY A 56 -2.83 9.43 -6.94
N GLY A 57 -3.76 9.92 -6.13
CA GLY A 57 -4.00 11.34 -6.06
C GLY A 57 -2.72 12.14 -5.89
N LYS A 58 -1.97 11.85 -4.82
CA LYS A 58 -0.73 12.54 -4.54
C LYS A 58 0.34 12.18 -5.59
N GLY A 59 0.05 11.15 -6.38
CA GLY A 59 0.99 10.73 -7.40
C GLY A 59 1.37 9.27 -7.26
N PRO A 60 2.30 8.98 -6.34
CA PRO A 60 2.78 7.61 -6.10
C PRO A 60 1.71 6.74 -5.44
N GLN A 61 1.25 5.73 -6.17
CA GLN A 61 0.23 4.83 -5.65
C GLN A 61 0.77 3.39 -5.58
N ALA A 62 0.05 2.54 -4.85
CA ALA A 62 0.44 1.15 -4.71
C ALA A 62 -0.12 0.29 -5.83
N LYS A 63 0.19 0.66 -7.06
CA LYS A 63 -0.28 -0.08 -8.23
C LYS A 63 -0.24 -1.58 -7.98
N LYS A 64 0.84 -2.04 -7.36
CA LYS A 64 0.99 -3.46 -7.05
C LYS A 64 1.43 -3.66 -5.61
N VAL A 65 0.46 -3.98 -4.75
CA VAL A 65 0.75 -4.20 -3.33
C VAL A 65 0.80 -5.69 -3.01
N ARG A 66 1.69 -6.06 -2.10
CA ARG A 66 1.84 -7.46 -1.71
C ARG A 66 1.90 -7.58 -0.18
N ARG A 67 1.44 -8.72 0.33
CA ARG A 67 1.45 -8.97 1.76
C ARG A 67 2.76 -9.59 2.21
N ILE A 68 3.33 -9.08 3.29
CA ILE A 68 4.59 -9.59 3.82
C ILE A 68 4.58 -9.61 5.34
N MET A 1 7.96 -0.07 -6.91
CA MET A 1 8.24 -1.46 -6.57
C MET A 1 9.20 -1.54 -5.39
N LYS A 2 8.65 -1.42 -4.18
CA LYS A 2 9.46 -1.49 -2.97
C LYS A 2 8.69 -2.14 -1.83
N LYS A 3 9.41 -2.64 -0.83
CA LYS A 3 8.79 -3.28 0.32
C LYS A 3 9.01 -2.45 1.58
N GLY A 4 7.95 -2.28 2.36
CA GLY A 4 8.04 -1.50 3.59
C GLY A 4 6.89 -1.77 4.53
N THR A 5 6.99 -1.23 5.75
CA THR A 5 5.94 -1.42 6.75
C THR A 5 4.75 -0.52 6.45
N VAL A 6 3.57 -0.96 6.89
CA VAL A 6 2.34 -0.20 6.68
C VAL A 6 2.02 0.67 7.89
N LYS A 7 1.79 1.96 7.64
CA LYS A 7 1.46 2.90 8.70
C LYS A 7 0.05 2.66 9.24
N TRP A 8 -0.86 2.34 8.33
CA TRP A 8 -2.25 2.08 8.71
C TRP A 8 -3.07 1.64 7.50
N PHE A 9 -4.09 0.84 7.75
CA PHE A 9 -4.96 0.35 6.69
C PHE A 9 -6.41 0.30 7.14
N ASN A 10 -7.18 1.31 6.75
CA ASN A 10 -8.60 1.39 7.12
C ASN A 10 -9.44 0.55 6.17
N ALA A 11 -10.13 -0.45 6.73
CA ALA A 11 -10.99 -1.31 5.94
C ALA A 11 -12.36 -0.68 5.71
N GLU A 12 -12.72 0.27 6.56
CA GLU A 12 -14.00 0.95 6.45
C GLU A 12 -14.09 1.72 5.13
N LYS A 13 -12.95 2.24 4.68
CA LYS A 13 -12.90 2.99 3.43
C LYS A 13 -12.23 2.17 2.33
N GLY A 14 -11.18 1.45 2.70
CA GLY A 14 -10.47 0.64 1.73
C GLY A 14 -9.22 1.31 1.21
N TYR A 15 -8.44 1.90 2.13
CA TYR A 15 -7.22 2.58 1.76
C TYR A 15 -6.14 2.37 2.83
N GLY A 16 -4.90 2.71 2.48
CA GLY A 16 -3.80 2.56 3.42
C GLY A 16 -2.57 3.35 3.00
N PHE A 17 -1.54 3.30 3.83
CA PHE A 17 -0.30 4.02 3.55
C PHE A 17 0.91 3.20 3.96
N ILE A 18 1.82 2.98 3.01
CA ILE A 18 3.03 2.20 3.27
C ILE A 18 4.27 3.05 3.05
N GLN A 19 5.34 2.71 3.78
CA GLN A 19 6.60 3.44 3.66
C GLN A 19 7.78 2.47 3.53
N GLN A 20 8.58 2.68 2.50
CA GLN A 20 9.75 1.84 2.26
C GLN A 20 11.01 2.44 2.88
N GLU A 21 12.15 1.87 2.53
CA GLU A 21 13.42 2.36 3.05
C GLU A 21 13.65 3.81 2.65
N GLU A 22 12.92 4.28 1.65
CA GLU A 22 13.05 5.65 1.17
C GLU A 22 12.83 6.64 2.32
N GLY A 23 11.56 6.81 2.69
CA GLY A 23 11.23 7.74 3.76
C GLY A 23 9.74 8.03 3.83
N PRO A 24 9.21 8.70 2.80
CA PRO A 24 7.79 9.05 2.73
C PRO A 24 6.90 7.83 2.53
N ASP A 25 5.60 8.02 2.72
CA ASP A 25 4.64 6.93 2.58
C ASP A 25 4.14 6.85 1.14
N VAL A 26 3.17 5.98 0.90
CA VAL A 26 2.60 5.80 -0.44
C VAL A 26 1.09 5.64 -0.38
N PHE A 27 0.42 6.04 -1.46
CA PHE A 27 -1.04 5.93 -1.53
C PHE A 27 -1.46 4.55 -2.01
N VAL A 28 -2.13 3.80 -1.14
CA VAL A 28 -2.59 2.46 -1.48
C VAL A 28 -4.11 2.34 -1.28
N HIS A 29 -4.72 1.42 -2.03
CA HIS A 29 -6.16 1.21 -1.94
C HIS A 29 -6.51 -0.24 -2.25
N PHE A 30 -7.69 -0.67 -1.81
CA PHE A 30 -8.14 -2.03 -2.04
C PHE A 30 -8.19 -2.35 -3.54
N THR A 31 -8.22 -1.31 -4.36
CA THR A 31 -8.27 -1.47 -5.81
C THR A 31 -6.87 -1.63 -6.38
N ALA A 32 -5.87 -1.70 -5.50
CA ALA A 32 -4.49 -1.86 -5.93
C ALA A 32 -3.86 -3.10 -5.30
N ILE A 33 -4.28 -3.41 -4.08
CA ILE A 33 -3.75 -4.57 -3.38
C ILE A 33 -3.83 -5.82 -4.24
N GLU A 34 -2.73 -6.57 -4.28
CA GLU A 34 -2.68 -7.79 -5.06
C GLU A 34 -2.58 -9.02 -4.16
N ALA A 35 -3.73 -9.54 -3.74
CA ALA A 35 -3.76 -10.71 -2.87
C ALA A 35 -4.85 -11.69 -3.32
N ASP A 36 -4.87 -12.86 -2.71
CA ASP A 36 -5.86 -13.89 -3.04
C ASP A 36 -6.87 -14.05 -1.90
N GLY A 37 -7.79 -13.10 -1.80
CA GLY A 37 -8.81 -13.17 -0.76
C GLY A 37 -8.84 -11.91 0.09
N PHE A 38 -8.62 -12.08 1.39
CA PHE A 38 -8.63 -10.95 2.32
C PHE A 38 -7.64 -9.88 1.87
N ARG A 39 -8.16 -8.74 1.44
CA ARG A 39 -7.33 -7.64 0.99
C ARG A 39 -7.13 -6.62 2.10
N THR A 40 -6.82 -7.11 3.30
CA THR A 40 -6.60 -6.24 4.45
C THR A 40 -5.21 -6.44 5.03
N LEU A 41 -4.60 -5.34 5.48
CA LEU A 41 -3.26 -5.40 6.06
C LEU A 41 -3.30 -5.08 7.55
N ASN A 42 -2.15 -5.18 8.20
CA ASN A 42 -2.05 -4.90 9.63
C ASN A 42 -0.91 -3.95 9.93
N GLU A 43 -1.22 -2.88 10.66
CA GLU A 43 -0.22 -1.88 11.01
C GLU A 43 1.01 -2.53 11.64
N GLY A 44 2.19 -2.14 11.18
CA GLY A 44 3.42 -2.70 11.70
C GLY A 44 3.92 -3.87 10.87
N GLU A 45 3.07 -4.38 9.99
CA GLU A 45 3.44 -5.50 9.14
C GLU A 45 4.13 -5.02 7.87
N HIS A 46 4.88 -5.92 7.23
CA HIS A 46 5.60 -5.58 6.00
C HIS A 46 4.75 -5.91 4.77
N VAL A 47 4.80 -5.02 3.79
CA VAL A 47 4.04 -5.22 2.56
C VAL A 47 4.68 -4.46 1.40
N GLU A 48 4.66 -5.07 0.21
CA GLU A 48 5.24 -4.45 -0.98
C GLU A 48 4.22 -3.54 -1.66
N PHE A 49 4.71 -2.64 -2.51
CA PHE A 49 3.84 -1.71 -3.22
C PHE A 49 4.58 -1.10 -4.41
N GLU A 50 3.92 -1.10 -5.57
CA GLU A 50 4.52 -0.55 -6.78
C GLU A 50 4.00 0.87 -7.03
N VAL A 51 4.80 1.86 -6.66
CA VAL A 51 4.43 3.26 -6.85
C VAL A 51 4.27 3.59 -8.33
N GLU A 52 3.12 4.16 -8.68
CA GLU A 52 2.84 4.52 -10.06
C GLU A 52 2.70 6.04 -10.20
N PRO A 53 2.82 6.52 -11.44
CA PRO A 53 2.70 7.96 -11.75
C PRO A 53 1.28 8.47 -11.58
N GLY A 54 0.51 8.43 -12.66
CA GLY A 54 -0.87 8.90 -12.60
C GLY A 54 -1.82 7.86 -12.05
N ARG A 55 -1.61 7.48 -10.79
CA ARG A 55 -2.45 6.48 -10.14
C ARG A 55 -2.93 6.97 -8.78
N GLY A 56 -2.02 7.61 -8.03
CA GLY A 56 -2.36 8.12 -6.72
C GLY A 56 -2.52 9.64 -6.71
N GLY A 57 -3.41 10.12 -5.86
CA GLY A 57 -3.63 11.55 -5.77
C GLY A 57 -2.35 12.34 -5.63
N LYS A 58 -1.51 11.95 -4.67
CA LYS A 58 -0.24 12.62 -4.44
C LYS A 58 0.78 12.25 -5.52
N GLY A 59 0.47 11.20 -6.28
CA GLY A 59 1.37 10.77 -7.33
C GLY A 59 1.71 9.29 -7.23
N PRO A 60 2.63 8.95 -6.31
CA PRO A 60 3.06 7.57 -6.10
C PRO A 60 1.98 6.72 -5.47
N GLN A 61 1.48 5.74 -6.23
CA GLN A 61 0.43 4.85 -5.75
C GLN A 61 0.92 3.41 -5.69
N ALA A 62 0.31 2.61 -4.83
CA ALA A 62 0.68 1.21 -4.70
C ALA A 62 -0.01 0.34 -5.75
N LYS A 63 0.26 0.63 -7.01
CA LYS A 63 -0.33 -0.11 -8.12
C LYS A 63 -0.27 -1.62 -7.85
N LYS A 64 0.87 -2.09 -7.36
CA LYS A 64 1.05 -3.50 -7.06
C LYS A 64 1.51 -3.69 -5.62
N VAL A 65 0.56 -4.04 -4.75
CA VAL A 65 0.86 -4.25 -3.34
C VAL A 65 0.90 -5.75 -3.02
N ARG A 66 1.81 -6.12 -2.11
CA ARG A 66 1.95 -7.52 -1.72
C ARG A 66 2.02 -7.65 -0.20
N ARG A 67 1.61 -8.80 0.31
CA ARG A 67 1.63 -9.05 1.76
C ARG A 67 2.95 -9.68 2.19
N ILE A 68 3.53 -9.15 3.25
CA ILE A 68 4.79 -9.65 3.77
C ILE A 68 4.80 -9.70 5.30
N MET A 1 8.28 -0.95 -7.38
CA MET A 1 8.37 -2.17 -6.57
C MET A 1 9.17 -1.92 -5.30
N LYS A 2 8.49 -1.50 -4.24
CA LYS A 2 9.12 -1.22 -2.96
C LYS A 2 8.48 -2.04 -1.85
N LYS A 3 9.28 -2.36 -0.83
CA LYS A 3 8.79 -3.15 0.30
C LYS A 3 9.02 -2.39 1.62
N GLY A 4 7.99 -2.37 2.46
CA GLY A 4 8.10 -1.68 3.74
C GLY A 4 6.92 -1.95 4.63
N THR A 5 7.00 -1.49 5.88
CA THR A 5 5.93 -1.68 6.85
C THR A 5 4.75 -0.78 6.54
N VAL A 6 3.57 -1.15 7.04
CA VAL A 6 2.36 -0.37 6.81
C VAL A 6 2.08 0.54 8.00
N LYS A 7 1.88 1.82 7.70
CA LYS A 7 1.60 2.81 8.75
C LYS A 7 0.19 2.63 9.30
N TRP A 8 -0.77 2.38 8.42
CA TRP A 8 -2.14 2.18 8.82
C TRP A 8 -3.00 1.72 7.65
N PHE A 9 -4.02 0.91 7.93
CA PHE A 9 -4.91 0.40 6.90
C PHE A 9 -6.35 0.44 7.36
N ASN A 10 -7.12 1.39 6.82
CA ASN A 10 -8.52 1.55 7.18
C ASN A 10 -9.41 0.72 6.25
N ALA A 11 -9.84 -0.44 6.73
CA ALA A 11 -10.70 -1.31 5.94
C ALA A 11 -12.09 -0.70 5.74
N GLU A 12 -12.46 0.19 6.66
CA GLU A 12 -13.77 0.84 6.59
C GLU A 12 -13.89 1.66 5.31
N LYS A 13 -12.79 2.29 4.89
CA LYS A 13 -12.77 3.10 3.68
C LYS A 13 -12.17 2.33 2.52
N GLY A 14 -11.12 1.55 2.81
CA GLY A 14 -10.47 0.78 1.78
C GLY A 14 -9.19 1.44 1.28
N TYR A 15 -8.45 2.04 2.19
CA TYR A 15 -7.20 2.71 1.83
C TYR A 15 -6.17 2.55 2.95
N GLY A 16 -4.93 2.94 2.64
CA GLY A 16 -3.87 2.84 3.63
C GLY A 16 -2.57 3.47 3.15
N PHE A 17 -1.55 3.43 3.99
CA PHE A 17 -0.25 4.00 3.64
C PHE A 17 0.88 3.06 4.06
N ILE A 18 1.90 2.97 3.20
CA ILE A 18 3.05 2.10 3.47
C ILE A 18 4.33 2.91 3.54
N GLN A 19 5.17 2.58 4.50
CA GLN A 19 6.45 3.28 4.68
C GLN A 19 7.62 2.41 4.23
N GLN A 20 8.41 2.92 3.30
CA GLN A 20 9.56 2.18 2.78
C GLN A 20 10.87 2.77 3.31
N GLU A 21 11.99 2.29 2.78
CA GLU A 21 13.30 2.77 3.19
C GLU A 21 13.55 4.18 2.69
N GLU A 22 12.85 4.55 1.61
CA GLU A 22 12.99 5.88 1.03
C GLU A 22 12.81 6.96 2.09
N GLY A 23 11.55 7.18 2.49
CA GLY A 23 11.27 8.19 3.49
C GLY A 23 9.79 8.50 3.58
N PRO A 24 9.23 9.09 2.51
CA PRO A 24 7.81 9.46 2.46
C PRO A 24 6.91 8.23 2.37
N ASP A 25 5.62 8.44 2.63
CA ASP A 25 4.65 7.35 2.58
C ASP A 25 4.19 7.10 1.15
N VAL A 26 3.21 6.22 0.99
CA VAL A 26 2.68 5.88 -0.32
C VAL A 26 1.16 5.72 -0.28
N PHE A 27 0.52 6.00 -1.40
CA PHE A 27 -0.94 5.89 -1.50
C PHE A 27 -1.35 4.48 -1.89
N VAL A 28 -2.04 3.79 -0.98
CA VAL A 28 -2.51 2.44 -1.23
C VAL A 28 -4.02 2.34 -1.07
N HIS A 29 -4.62 1.48 -1.88
CA HIS A 29 -6.07 1.28 -1.84
C HIS A 29 -6.43 -0.18 -2.12
N PHE A 30 -7.63 -0.58 -1.71
CA PHE A 30 -8.10 -1.94 -1.93
C PHE A 30 -8.17 -2.26 -3.43
N THR A 31 -8.18 -1.22 -4.25
CA THR A 31 -8.24 -1.39 -5.69
C THR A 31 -6.85 -1.61 -6.28
N ALA A 32 -5.86 -1.73 -5.41
CA ALA A 32 -4.48 -1.93 -5.86
C ALA A 32 -3.87 -3.15 -5.18
N ILE A 33 -4.28 -3.41 -3.94
CA ILE A 33 -3.78 -4.54 -3.18
C ILE A 33 -3.86 -5.83 -3.99
N GLU A 34 -2.74 -6.54 -4.09
CA GLU A 34 -2.69 -7.79 -4.84
C GLU A 34 -2.55 -8.98 -3.89
N ALA A 35 -3.69 -9.52 -3.47
CA ALA A 35 -3.70 -10.66 -2.56
C ALA A 35 -4.59 -11.77 -3.10
N ASP A 36 -4.63 -12.89 -2.38
CA ASP A 36 -5.45 -14.04 -2.79
C ASP A 36 -6.62 -14.22 -1.84
N GLY A 37 -7.64 -13.38 -1.99
CA GLY A 37 -8.81 -13.48 -1.13
C GLY A 37 -9.15 -12.16 -0.47
N PHE A 38 -9.49 -12.22 0.82
CA PHE A 38 -9.84 -11.02 1.56
C PHE A 38 -8.60 -10.17 1.85
N ARG A 39 -8.53 -9.02 1.19
CA ARG A 39 -7.39 -8.12 1.36
C ARG A 39 -7.47 -7.38 2.69
N THR A 40 -6.41 -7.45 3.47
CA THR A 40 -6.36 -6.79 4.78
C THR A 40 -4.94 -6.74 5.32
N LEU A 41 -4.52 -5.56 5.77
CA LEU A 41 -3.18 -5.39 6.31
C LEU A 41 -3.24 -5.04 7.80
N ASN A 42 -2.11 -5.18 8.48
CA ASN A 42 -2.02 -4.88 9.90
C ASN A 42 -0.87 -3.92 10.20
N GLU A 43 -1.18 -2.84 10.91
CA GLU A 43 -0.17 -1.84 11.26
C GLU A 43 1.05 -2.51 11.90
N GLY A 44 2.23 -2.23 11.36
CA GLY A 44 3.44 -2.80 11.89
C GLY A 44 3.95 -3.97 11.06
N GLU A 45 3.10 -4.50 10.20
CA GLU A 45 3.45 -5.62 9.35
C GLU A 45 4.13 -5.13 8.07
N HIS A 46 4.91 -6.02 7.45
CA HIS A 46 5.61 -5.68 6.22
C HIS A 46 4.76 -6.01 4.99
N VAL A 47 4.80 -5.13 3.99
CA VAL A 47 4.03 -5.33 2.78
C VAL A 47 4.66 -4.58 1.60
N GLU A 48 4.61 -5.21 0.42
CA GLU A 48 5.18 -4.60 -0.78
C GLU A 48 4.16 -3.70 -1.47
N PHE A 49 4.65 -2.83 -2.35
CA PHE A 49 3.78 -1.90 -3.07
C PHE A 49 4.53 -1.28 -4.25
N GLU A 50 3.91 -1.33 -5.43
CA GLU A 50 4.51 -0.76 -6.63
C GLU A 50 3.98 0.64 -6.89
N VAL A 51 4.78 1.65 -6.55
CA VAL A 51 4.39 3.04 -6.76
C VAL A 51 4.23 3.35 -8.24
N GLU A 52 3.05 3.85 -8.61
CA GLU A 52 2.76 4.19 -10.00
C GLU A 52 2.64 5.70 -10.17
N PRO A 53 2.76 6.17 -11.42
CA PRO A 53 2.66 7.59 -11.75
C PRO A 53 1.24 8.13 -11.60
N GLY A 54 0.48 8.07 -12.69
CA GLY A 54 -0.89 8.55 -12.66
C GLY A 54 -1.85 7.52 -12.10
N ARG A 55 -1.66 7.16 -10.83
CA ARG A 55 -2.51 6.18 -10.17
C ARG A 55 -2.98 6.68 -8.81
N GLY A 56 -2.07 7.31 -8.08
CA GLY A 56 -2.41 7.83 -6.77
C GLY A 56 -2.50 9.34 -6.74
N GLY A 57 -3.35 9.87 -5.87
CA GLY A 57 -3.51 11.31 -5.77
C GLY A 57 -2.19 12.04 -5.68
N LYS A 58 -1.39 11.70 -4.67
CA LYS A 58 -0.09 12.33 -4.47
C LYS A 58 0.89 11.91 -5.57
N GLY A 59 0.50 10.91 -6.35
CA GLY A 59 1.35 10.43 -7.43
C GLY A 59 1.67 8.96 -7.30
N PRO A 60 2.64 8.64 -6.43
CA PRO A 60 3.07 7.24 -6.21
C PRO A 60 2.00 6.43 -5.48
N GLN A 61 1.43 5.46 -6.18
CA GLN A 61 0.40 4.60 -5.60
C GLN A 61 0.89 3.16 -5.50
N ALA A 62 0.21 2.37 -4.67
CA ALA A 62 0.56 0.97 -4.49
C ALA A 62 -0.08 0.09 -5.54
N LYS A 63 0.19 0.39 -6.81
CA LYS A 63 -0.36 -0.37 -7.92
C LYS A 63 -0.27 -1.87 -7.64
N LYS A 64 0.89 -2.32 -7.20
CA LYS A 64 1.11 -3.73 -6.89
C LYS A 64 1.54 -3.92 -5.44
N VAL A 65 0.58 -4.22 -4.57
CA VAL A 65 0.86 -4.42 -3.16
C VAL A 65 0.91 -5.91 -2.82
N ARG A 66 1.81 -6.27 -1.91
CA ARG A 66 1.96 -7.66 -1.50
C ARG A 66 2.03 -7.76 0.02
N ARG A 67 1.63 -8.92 0.54
CA ARG A 67 1.64 -9.16 1.97
C ARG A 67 2.96 -9.78 2.42
N ILE A 68 3.54 -9.24 3.48
CA ILE A 68 4.80 -9.74 4.00
C ILE A 68 4.80 -9.77 5.52
N MET A 1 8.96 -1.24 -8.01
CA MET A 1 8.36 -1.95 -6.89
C MET A 1 9.08 -1.62 -5.59
N LYS A 2 8.32 -1.40 -4.53
CA LYS A 2 8.89 -1.07 -3.23
C LYS A 2 8.11 -1.75 -2.11
N LYS A 3 8.83 -2.28 -1.12
CA LYS A 3 8.20 -2.95 0.01
C LYS A 3 8.52 -2.23 1.31
N GLY A 4 7.56 -2.24 2.24
CA GLY A 4 7.77 -1.59 3.52
C GLY A 4 6.63 -1.84 4.49
N THR A 5 6.81 -1.43 5.74
CA THR A 5 5.79 -1.62 6.76
C THR A 5 4.63 -0.65 6.56
N VAL A 6 3.47 -1.00 7.12
CA VAL A 6 2.29 -0.16 7.01
C VAL A 6 2.06 0.64 8.27
N LYS A 7 1.85 1.95 8.11
CA LYS A 7 1.62 2.83 9.25
C LYS A 7 0.17 2.75 9.71
N TRP A 8 -0.73 2.55 8.77
CA TRP A 8 -2.16 2.45 9.08
C TRP A 8 -2.96 2.02 7.85
N PHE A 9 -3.97 1.20 8.07
CA PHE A 9 -4.82 0.71 6.99
C PHE A 9 -6.28 0.65 7.42
N ASN A 10 -7.04 1.67 7.04
CA ASN A 10 -8.46 1.73 7.39
C ASN A 10 -9.29 0.84 6.47
N ALA A 11 -9.40 -0.44 6.84
CA ALA A 11 -10.16 -1.39 6.03
C ALA A 11 -11.62 -0.93 5.87
N GLU A 12 -12.08 -0.12 6.81
CA GLU A 12 -13.45 0.39 6.77
C GLU A 12 -13.64 1.34 5.60
N LYS A 13 -12.59 2.11 5.29
CA LYS A 13 -12.64 3.07 4.19
C LYS A 13 -12.16 2.44 2.90
N GLY A 14 -11.15 1.57 3.00
CA GLY A 14 -10.61 0.90 1.82
C GLY A 14 -9.33 1.55 1.33
N TYR A 15 -8.61 2.19 2.24
CA TYR A 15 -7.35 2.84 1.88
C TYR A 15 -6.27 2.54 2.91
N GLY A 16 -5.04 2.95 2.62
CA GLY A 16 -3.93 2.70 3.51
C GLY A 16 -2.66 3.41 3.08
N PHE A 17 -1.66 3.43 3.97
CA PHE A 17 -0.40 4.08 3.67
C PHE A 17 0.78 3.18 4.06
N ILE A 18 1.74 3.05 3.15
CA ILE A 18 2.91 2.22 3.40
C ILE A 18 4.18 3.04 3.36
N GLN A 19 5.18 2.62 4.12
CA GLN A 19 6.46 3.33 4.18
C GLN A 19 7.61 2.39 3.86
N GLN A 20 8.35 2.69 2.79
CA GLN A 20 9.48 1.86 2.38
C GLN A 20 10.79 2.44 2.93
N GLU A 21 11.91 1.90 2.44
CA GLU A 21 13.22 2.36 2.86
C GLU A 21 13.47 3.79 2.42
N GLU A 22 12.78 4.21 1.37
CA GLU A 22 12.92 5.56 0.83
C GLU A 22 12.78 6.60 1.94
N GLY A 23 11.55 6.76 2.43
CA GLY A 23 11.30 7.72 3.49
C GLY A 23 9.83 8.07 3.62
N PRO A 24 9.27 8.72 2.60
CA PRO A 24 7.86 9.12 2.58
C PRO A 24 6.92 7.92 2.45
N ASP A 25 5.64 8.14 2.72
CA ASP A 25 4.64 7.09 2.62
C ASP A 25 4.17 6.91 1.18
N VAL A 26 3.19 6.04 0.99
CA VAL A 26 2.65 5.78 -0.34
C VAL A 26 1.13 5.67 -0.31
N PHE A 27 0.49 6.02 -1.43
CA PHE A 27 -0.96 5.96 -1.52
C PHE A 27 -1.42 4.57 -1.95
N VAL A 28 -2.14 3.89 -1.06
CA VAL A 28 -2.65 2.56 -1.35
C VAL A 28 -4.17 2.50 -1.19
N HIS A 29 -4.82 1.74 -2.07
CA HIS A 29 -6.27 1.60 -2.03
C HIS A 29 -6.67 0.14 -2.16
N PHE A 30 -7.88 -0.18 -1.70
CA PHE A 30 -8.38 -1.56 -1.77
C PHE A 30 -8.47 -2.02 -3.21
N THR A 31 -8.47 -1.07 -4.14
CA THR A 31 -8.57 -1.39 -5.56
C THR A 31 -7.19 -1.60 -6.17
N ALA A 32 -6.15 -1.47 -5.34
CA ALA A 32 -4.78 -1.66 -5.79
C ALA A 32 -4.12 -2.83 -5.09
N ILE A 33 -4.67 -3.21 -3.94
CA ILE A 33 -4.13 -4.33 -3.17
C ILE A 33 -4.23 -5.64 -3.95
N GLU A 34 -3.10 -6.31 -4.10
CA GLU A 34 -3.07 -7.59 -4.83
C GLU A 34 -2.82 -8.75 -3.87
N ALA A 35 -3.88 -9.31 -3.33
CA ALA A 35 -3.79 -10.44 -2.40
C ALA A 35 -4.67 -11.59 -2.85
N ASP A 36 -4.58 -12.70 -2.12
CA ASP A 36 -5.37 -13.89 -2.43
C ASP A 36 -6.57 -14.01 -1.49
N GLY A 37 -7.56 -13.16 -1.70
CA GLY A 37 -8.75 -13.18 -0.86
C GLY A 37 -9.01 -11.85 -0.17
N PHE A 38 -10.25 -11.39 -0.23
CA PHE A 38 -10.62 -10.13 0.40
C PHE A 38 -10.19 -10.09 1.86
N ARG A 39 -9.18 -9.27 2.15
CA ARG A 39 -8.68 -9.14 3.52
C ARG A 39 -8.21 -7.72 3.79
N THR A 40 -7.53 -7.53 4.92
CA THR A 40 -7.03 -6.22 5.31
C THR A 40 -5.59 -6.30 5.80
N LEU A 41 -5.01 -5.16 6.12
CA LEU A 41 -3.64 -5.10 6.60
C LEU A 41 -3.60 -4.75 8.08
N ASN A 42 -2.46 -4.99 8.72
CA ASN A 42 -2.28 -4.70 10.14
C ASN A 42 -1.09 -3.78 10.37
N GLU A 43 -1.33 -2.68 11.08
CA GLU A 43 -0.27 -1.72 11.37
C GLU A 43 0.95 -2.42 11.97
N GLY A 44 2.12 -2.15 11.39
CA GLY A 44 3.34 -2.76 11.87
C GLY A 44 3.80 -3.92 11.01
N GLU A 45 2.90 -4.40 10.15
CA GLU A 45 3.21 -5.51 9.26
C GLU A 45 3.88 -5.03 7.98
N HIS A 46 4.59 -5.92 7.32
CA HIS A 46 5.29 -5.58 6.08
C HIS A 46 4.43 -5.94 4.86
N VAL A 47 4.44 -5.07 3.86
CA VAL A 47 3.67 -5.30 2.65
C VAL A 47 4.31 -4.59 1.45
N GLU A 48 4.28 -5.27 0.30
CA GLU A 48 4.86 -4.70 -0.91
C GLU A 48 3.87 -3.77 -1.61
N PHE A 49 4.38 -2.88 -2.44
CA PHE A 49 3.55 -1.94 -3.17
C PHE A 49 4.31 -1.34 -4.35
N GLU A 50 3.67 -1.34 -5.52
CA GLU A 50 4.28 -0.79 -6.72
C GLU A 50 3.79 0.62 -6.99
N VAL A 51 4.61 1.61 -6.63
CA VAL A 51 4.27 3.01 -6.83
C VAL A 51 4.15 3.34 -8.31
N GLU A 52 3.02 3.91 -8.71
CA GLU A 52 2.78 4.28 -10.09
C GLU A 52 2.68 5.79 -10.25
N PRO A 53 2.87 6.27 -11.48
CA PRO A 53 2.80 7.70 -11.79
C PRO A 53 1.38 8.25 -11.69
N GLY A 54 0.66 8.22 -12.80
CA GLY A 54 -0.70 8.72 -12.81
C GLY A 54 -1.70 7.71 -12.28
N ARG A 55 -1.53 7.33 -11.01
CA ARG A 55 -2.42 6.35 -10.38
C ARG A 55 -2.89 6.84 -9.02
N GLY A 56 -1.96 7.44 -8.27
CA GLY A 56 -2.30 7.95 -6.95
C GLY A 56 -2.40 9.46 -6.92
N GLY A 57 -3.28 9.97 -6.05
CA GLY A 57 -3.46 11.40 -5.95
C GLY A 57 -2.14 12.15 -5.82
N LYS A 58 -1.36 11.78 -4.80
CA LYS A 58 -0.08 12.42 -4.56
C LYS A 58 0.95 11.99 -5.61
N GLY A 59 0.58 11.01 -6.43
CA GLY A 59 1.47 10.53 -7.46
C GLY A 59 1.76 9.05 -7.33
N PRO A 60 2.68 8.70 -6.42
CA PRO A 60 3.07 7.31 -6.19
C PRO A 60 1.97 6.50 -5.51
N GLN A 61 1.40 5.56 -6.24
CA GLN A 61 0.33 4.72 -5.71
C GLN A 61 0.77 3.26 -5.64
N ALA A 62 0.09 2.48 -4.81
CA ALA A 62 0.40 1.07 -4.64
C ALA A 62 -0.27 0.23 -5.72
N LYS A 63 0.05 0.53 -6.98
CA LYS A 63 -0.53 -0.19 -8.12
C LYS A 63 -0.53 -1.69 -7.85
N LYS A 64 0.58 -2.20 -7.32
CA LYS A 64 0.70 -3.62 -7.02
C LYS A 64 1.16 -3.83 -5.58
N VAL A 65 0.21 -4.10 -4.69
CA VAL A 65 0.50 -4.32 -3.28
C VAL A 65 0.51 -5.81 -2.95
N ARG A 66 1.43 -6.22 -2.08
CA ARG A 66 1.55 -7.62 -1.68
C ARG A 66 1.68 -7.73 -0.16
N ARG A 67 1.42 -8.93 0.35
CA ARG A 67 1.52 -9.18 1.79
C ARG A 67 2.90 -9.72 2.16
N ILE A 68 3.47 -9.16 3.22
CA ILE A 68 4.79 -9.58 3.68
C ILE A 68 4.83 -9.68 5.21
N MET A 1 7.00 -2.94 -6.12
CA MET A 1 8.43 -2.81 -6.34
C MET A 1 9.15 -2.48 -5.03
N LYS A 2 8.48 -1.71 -4.17
CA LYS A 2 9.06 -1.32 -2.89
C LYS A 2 8.39 -2.07 -1.74
N LYS A 3 9.21 -2.63 -0.86
CA LYS A 3 8.70 -3.37 0.29
C LYS A 3 8.94 -2.61 1.59
N GLY A 4 7.90 -2.52 2.42
CA GLY A 4 8.01 -1.82 3.68
C GLY A 4 6.85 -2.10 4.61
N THR A 5 6.95 -1.62 5.85
CA THR A 5 5.90 -1.82 6.83
C THR A 5 4.74 -0.86 6.60
N VAL A 6 3.57 -1.22 7.11
CA VAL A 6 2.38 -0.38 6.96
C VAL A 6 2.12 0.44 8.22
N LYS A 7 1.91 1.74 8.04
CA LYS A 7 1.65 2.64 9.16
C LYS A 7 0.21 2.51 9.64
N TRP A 8 -0.71 2.29 8.69
CA TRP A 8 -2.13 2.15 9.01
C TRP A 8 -2.93 1.76 7.77
N PHE A 9 -3.95 0.93 7.97
CA PHE A 9 -4.79 0.49 6.87
C PHE A 9 -6.28 0.61 7.23
N ASN A 10 -6.92 1.65 6.74
CA ASN A 10 -8.34 1.88 7.01
C ASN A 10 -9.21 1.04 6.10
N ALA A 11 -9.50 -0.19 6.53
CA ALA A 11 -10.33 -1.10 5.74
C ALA A 11 -11.74 -0.56 5.59
N GLU A 12 -12.16 0.26 6.55
CA GLU A 12 -13.50 0.85 6.52
C GLU A 12 -13.66 1.77 5.31
N LYS A 13 -12.56 2.35 4.86
CA LYS A 13 -12.58 3.24 3.71
C LYS A 13 -12.06 2.54 2.46
N GLY A 14 -11.11 1.64 2.65
CA GLY A 14 -10.54 0.91 1.53
C GLY A 14 -9.22 1.48 1.07
N TYR A 15 -8.52 2.16 1.98
CA TYR A 15 -7.23 2.76 1.67
C TYR A 15 -6.17 2.36 2.69
N GLY A 16 -4.94 2.77 2.45
CA GLY A 16 -3.86 2.45 3.36
C GLY A 16 -2.57 3.17 3.01
N PHE A 17 -1.59 3.11 3.91
CA PHE A 17 -0.31 3.77 3.70
C PHE A 17 0.85 2.84 4.06
N ILE A 18 1.85 2.79 3.20
CA ILE A 18 3.02 1.94 3.42
C ILE A 18 4.30 2.77 3.47
N GLN A 19 5.22 2.37 4.34
CA GLN A 19 6.48 3.07 4.48
C GLN A 19 7.65 2.17 4.06
N GLN A 20 8.37 2.60 3.04
CA GLN A 20 9.51 1.83 2.54
C GLN A 20 10.82 2.42 3.04
N GLU A 21 11.93 1.97 2.46
CA GLU A 21 13.25 2.44 2.86
C GLU A 21 13.48 3.87 2.36
N GLU A 22 12.76 4.24 1.31
CA GLU A 22 12.89 5.58 0.73
C GLU A 22 12.79 6.65 1.82
N GLY A 23 11.57 6.86 2.32
CA GLY A 23 11.35 7.85 3.36
C GLY A 23 9.90 8.24 3.48
N PRO A 24 9.36 8.90 2.44
CA PRO A 24 7.96 9.34 2.42
C PRO A 24 6.98 8.18 2.32
N ASP A 25 5.74 8.42 2.71
CA ASP A 25 4.71 7.40 2.67
C ASP A 25 4.25 7.15 1.23
N VAL A 26 3.27 6.26 1.07
CA VAL A 26 2.75 5.93 -0.24
C VAL A 26 1.23 5.79 -0.22
N PHE A 27 0.59 6.07 -1.34
CA PHE A 27 -0.86 5.99 -1.45
C PHE A 27 -1.28 4.60 -1.94
N VAL A 28 -1.98 3.86 -1.09
CA VAL A 28 -2.45 2.53 -1.43
C VAL A 28 -3.97 2.42 -1.30
N HIS A 29 -4.58 1.68 -2.22
CA HIS A 29 -6.04 1.50 -2.21
C HIS A 29 -6.40 0.02 -2.33
N PHE A 30 -7.60 -0.32 -1.89
CA PHE A 30 -8.06 -1.70 -1.95
C PHE A 30 -8.16 -2.19 -3.39
N THR A 31 -8.17 -1.24 -4.33
CA THR A 31 -8.26 -1.56 -5.75
C THR A 31 -6.88 -1.79 -6.34
N ALA A 32 -5.84 -1.62 -5.52
CA ALA A 32 -4.48 -1.81 -5.96
C ALA A 32 -3.83 -3.00 -5.28
N ILE A 33 -4.33 -3.34 -4.09
CA ILE A 33 -3.80 -4.47 -3.32
C ILE A 33 -3.88 -5.76 -4.13
N GLU A 34 -2.74 -6.43 -4.28
CA GLU A 34 -2.68 -7.68 -5.02
C GLU A 34 -2.45 -8.86 -4.08
N ALA A 35 -3.55 -9.47 -3.64
CA ALA A 35 -3.48 -10.61 -2.74
C ALA A 35 -4.36 -11.75 -3.23
N ASP A 36 -4.30 -12.88 -2.53
CA ASP A 36 -5.10 -14.04 -2.90
C ASP A 36 -6.30 -14.20 -1.98
N GLY A 37 -7.31 -13.34 -2.17
CA GLY A 37 -8.50 -13.40 -1.34
C GLY A 37 -8.76 -12.09 -0.62
N PHE A 38 -10.03 -11.74 -0.48
CA PHE A 38 -10.42 -10.50 0.20
C PHE A 38 -9.82 -10.45 1.60
N ARG A 39 -8.87 -9.53 1.79
CA ARG A 39 -8.21 -9.37 3.08
C ARG A 39 -7.64 -7.97 3.23
N THR A 40 -7.32 -7.59 4.46
CA THR A 40 -6.76 -6.26 4.74
C THR A 40 -5.35 -6.37 5.30
N LEU A 41 -4.79 -5.24 5.69
CA LEU A 41 -3.44 -5.20 6.25
C LEU A 41 -3.48 -4.89 7.74
N ASN A 42 -2.37 -5.16 8.42
CA ASN A 42 -2.28 -4.92 9.86
C ASN A 42 -1.09 -4.02 10.18
N GLU A 43 -1.34 -2.95 10.92
CA GLU A 43 -0.30 -2.01 11.30
C GLU A 43 0.88 -2.74 11.92
N GLY A 44 2.08 -2.50 11.38
CA GLY A 44 3.27 -3.13 11.91
C GLY A 44 3.74 -4.28 11.03
N GLU A 45 2.89 -4.69 10.10
CA GLU A 45 3.22 -5.79 9.20
C GLU A 45 3.94 -5.28 7.96
N HIS A 46 4.65 -6.17 7.28
CA HIS A 46 5.39 -5.80 6.06
C HIS A 46 4.56 -6.11 4.82
N VAL A 47 4.62 -5.20 3.85
CA VAL A 47 3.88 -5.37 2.61
C VAL A 47 4.54 -4.60 1.46
N GLU A 48 4.52 -5.18 0.27
CA GLU A 48 5.12 -4.56 -0.91
C GLU A 48 4.10 -3.66 -1.61
N PHE A 49 4.61 -2.73 -2.42
CA PHE A 49 3.77 -1.81 -3.15
C PHE A 49 4.51 -1.19 -4.33
N GLU A 50 3.88 -1.20 -5.50
CA GLU A 50 4.48 -0.65 -6.70
C GLU A 50 4.01 0.79 -6.94
N VAL A 51 4.85 1.75 -6.58
CA VAL A 51 4.51 3.16 -6.75
C VAL A 51 4.38 3.51 -8.23
N GLU A 52 3.23 4.07 -8.61
CA GLU A 52 2.99 4.45 -9.99
C GLU A 52 2.84 5.96 -10.12
N PRO A 53 3.05 6.48 -11.34
CA PRO A 53 2.94 7.92 -11.62
C PRO A 53 1.50 8.41 -11.54
N GLY A 54 0.80 8.37 -12.66
CA GLY A 54 -0.58 8.83 -12.71
C GLY A 54 -1.55 7.77 -12.20
N ARG A 55 -1.39 7.39 -10.94
CA ARG A 55 -2.26 6.38 -10.33
C ARG A 55 -2.77 6.86 -8.97
N GLY A 56 -1.90 7.48 -8.19
CA GLY A 56 -2.29 7.98 -6.89
C GLY A 56 -2.42 9.49 -6.86
N GLY A 57 -3.30 9.98 -5.99
CA GLY A 57 -3.50 11.42 -5.87
C GLY A 57 -2.19 12.18 -5.74
N LYS A 58 -1.42 11.84 -4.70
CA LYS A 58 -0.14 12.50 -4.46
C LYS A 58 0.88 12.11 -5.52
N GLY A 59 0.53 11.11 -6.33
CA GLY A 59 1.43 10.65 -7.37
C GLY A 59 1.76 9.18 -7.25
N PRO A 60 2.71 8.85 -6.35
CA PRO A 60 3.14 7.47 -6.11
C PRO A 60 2.06 6.64 -5.43
N GLN A 61 1.52 5.66 -6.16
CA GLN A 61 0.48 4.80 -5.62
C GLN A 61 0.97 3.35 -5.55
N ALA A 62 0.25 2.53 -4.77
CA ALA A 62 0.61 1.13 -4.63
C ALA A 62 -0.03 0.28 -5.72
N LYS A 63 0.30 0.61 -6.97
CA LYS A 63 -0.23 -0.12 -8.11
C LYS A 63 -0.22 -1.63 -7.86
N LYS A 64 0.92 -2.13 -7.40
CA LYS A 64 1.07 -3.55 -7.11
C LYS A 64 1.51 -3.77 -5.66
N VAL A 65 0.55 -4.10 -4.81
CA VAL A 65 0.83 -4.33 -3.39
C VAL A 65 0.87 -5.82 -3.09
N ARG A 66 1.75 -6.21 -2.17
CA ARG A 66 1.89 -7.61 -1.78
C ARG A 66 1.91 -7.76 -0.26
N ARG A 67 1.54 -8.94 0.22
CA ARG A 67 1.51 -9.20 1.65
C ARG A 67 2.82 -9.84 2.11
N ILE A 68 3.37 -9.31 3.20
CA ILE A 68 4.62 -9.82 3.74
C ILE A 68 4.58 -9.88 5.26
#